data_3CT5
# 
_entry.id   3CT5 
# 
_audit_conform.dict_name       mmcif_pdbx.dic 
_audit_conform.dict_version    5.387 
_audit_conform.dict_location   http://mmcif.pdb.org/dictionaries/ascii/mmcif_pdbx.dic 
# 
loop_
_database_2.database_id 
_database_2.database_code 
_database_2.pdbx_database_accession 
_database_2.pdbx_DOI 
PDB   3CT5         pdb_00003ct5 10.2210/pdb3ct5/pdb 
RCSB  RCSB047179   ?            ?                   
WWPDB D_1000047179 ?            ?                   
# 
loop_
_pdbx_audit_revision_history.ordinal 
_pdbx_audit_revision_history.data_content_type 
_pdbx_audit_revision_history.major_revision 
_pdbx_audit_revision_history.minor_revision 
_pdbx_audit_revision_history.revision_date 
1 'Structure model' 1 0 2008-07-01 
2 'Structure model' 1 1 2011-07-13 
3 'Structure model' 1 2 2017-10-25 
4 'Structure model' 2 0 2020-07-29 
5 'Structure model' 2 1 2024-02-21 
# 
loop_
_pdbx_audit_revision_details.ordinal 
_pdbx_audit_revision_details.revision_ordinal 
_pdbx_audit_revision_details.data_content_type 
_pdbx_audit_revision_details.provider 
_pdbx_audit_revision_details.type 
_pdbx_audit_revision_details.description 
_pdbx_audit_revision_details.details 
1 1 'Structure model' repository 'Initial release' ?                          ? 
2 4 'Structure model' repository Remediation       'Carbohydrate remediation' ? 
# 
loop_
_pdbx_audit_revision_group.ordinal 
_pdbx_audit_revision_group.revision_ordinal 
_pdbx_audit_revision_group.data_content_type 
_pdbx_audit_revision_group.group 
1  2 'Structure model' Advisory                    
2  2 'Structure model' 'Version format compliance' 
3  3 'Structure model' 'Refinement description'    
4  4 'Structure model' 'Atomic model'              
5  4 'Structure model' 'Data collection'           
6  4 'Structure model' 'Derived calculations'      
7  4 'Structure model' 'Structure summary'         
8  5 'Structure model' 'Data collection'           
9  5 'Structure model' 'Database references'       
10 5 'Structure model' 'Structure summary'         
# 
loop_
_pdbx_audit_revision_category.ordinal 
_pdbx_audit_revision_category.revision_ordinal 
_pdbx_audit_revision_category.data_content_type 
_pdbx_audit_revision_category.category 
1  3 'Structure model' software                      
2  4 'Structure model' atom_site                     
3  4 'Structure model' chem_comp                     
4  4 'Structure model' entity                        
5  4 'Structure model' entity_name_com               
6  4 'Structure model' pdbx_branch_scheme            
7  4 'Structure model' pdbx_chem_comp_identifier     
8  4 'Structure model' pdbx_entity_branch            
9  4 'Structure model' pdbx_entity_branch_descriptor 
10 4 'Structure model' pdbx_entity_branch_link       
11 4 'Structure model' pdbx_entity_branch_list       
12 4 'Structure model' pdbx_entity_nonpoly           
13 4 'Structure model' pdbx_molecule_features        
14 4 'Structure model' pdbx_nonpoly_scheme           
15 4 'Structure model' pdbx_struct_assembly_gen      
16 4 'Structure model' struct_asym                   
17 4 'Structure model' struct_conn                   
18 4 'Structure model' struct_site                   
19 4 'Structure model' struct_site_gen               
20 5 'Structure model' chem_comp                     
21 5 'Structure model' chem_comp_atom                
22 5 'Structure model' chem_comp_bond                
23 5 'Structure model' database_2                    
# 
loop_
_pdbx_audit_revision_item.ordinal 
_pdbx_audit_revision_item.revision_ordinal 
_pdbx_audit_revision_item.data_content_type 
_pdbx_audit_revision_item.item 
1  4 'Structure model' '_atom_site.auth_asym_id'                
2  4 'Structure model' '_atom_site.auth_seq_id'                 
3  4 'Structure model' '_atom_site.label_asym_id'               
4  4 'Structure model' '_chem_comp.name'                        
5  4 'Structure model' '_chem_comp.type'                        
6  4 'Structure model' '_entity.formula_weight'                 
7  4 'Structure model' '_entity.pdbx_description'               
8  4 'Structure model' '_entity.pdbx_number_of_molecules'       
9  4 'Structure model' '_entity.type'                           
10 4 'Structure model' '_pdbx_struct_assembly_gen.asym_id_list' 
11 4 'Structure model' '_struct_conn.pdbx_leaving_atom_flag'    
12 4 'Structure model' '_struct_conn.ptnr1_auth_asym_id'        
13 4 'Structure model' '_struct_conn.ptnr1_auth_seq_id'         
14 4 'Structure model' '_struct_conn.ptnr1_label_asym_id'       
15 4 'Structure model' '_struct_conn.ptnr2_auth_asym_id'        
16 4 'Structure model' '_struct_conn.ptnr2_auth_seq_id'         
17 4 'Structure model' '_struct_conn.ptnr2_label_asym_id'       
18 5 'Structure model' '_chem_comp.pdbx_synonyms'               
19 5 'Structure model' '_database_2.pdbx_DOI'                   
20 5 'Structure model' '_database_2.pdbx_database_accession'    
# 
_pdbx_database_status.status_code                     REL 
_pdbx_database_status.entry_id                        3CT5 
_pdbx_database_status.recvd_initial_deposition_date   2008-04-11 
_pdbx_database_status.deposit_site                    RCSB 
_pdbx_database_status.process_site                    RCSB 
_pdbx_database_status.status_code_sf                  REL 
_pdbx_database_status.status_code_mr                  ? 
_pdbx_database_status.SG_entry                        ? 
_pdbx_database_status.pdb_format_compatible           Y 
_pdbx_database_status.status_code_cs                  ? 
_pdbx_database_status.methods_development_category    ? 
_pdbx_database_status.status_code_nmr_data            ? 
# 
loop_
_pdbx_database_related.db_name 
_pdbx_database_related.db_id 
_pdbx_database_related.details 
_pdbx_database_related.content_type 
PDB 3CSQ 'gp13DC(residues 1 - 334)'         unspecified 
PDB 3CSR 'gp13NTD(residues 1 - 159)'        unspecified 
PDB 3CSZ 'gp13NTD(residues 1 - 159) + NAG3' unspecified 
PDB 3CT0 'gp13NTD(residues 1 - 159) + NAG4' unspecified 
PDB 3CT1 'gp13NTD(residues 1 - 159) + NAG5' unspecified 
# 
loop_
_audit_author.name 
_audit_author.pdbx_ordinal 
'Xiang, Y.'      1 
'Rossmann, M.G.' 2 
# 
_citation.id                        primary 
_citation.title                     
'Crystal and cryoEM structural studies of a cell wall degrading enzyme in the bacteriophage phi29 tail.' 
_citation.journal_abbrev            Proc.Natl.Acad.Sci.Usa 
_citation.journal_volume            105 
_citation.page_first                9552 
_citation.page_last                 9557 
_citation.year                      2008 
_citation.journal_id_ASTM           PNASA6 
_citation.country                   US 
_citation.journal_id_ISSN           0027-8424 
_citation.journal_id_CSD            0040 
_citation.book_publisher            ? 
_citation.pdbx_database_id_PubMed   18606992 
_citation.pdbx_database_id_DOI      10.1073/pnas.0803787105 
# 
loop_
_citation_author.citation_id 
_citation_author.name 
_citation_author.ordinal 
_citation_author.identifier_ORCID 
primary 'Xiang, Y.'      1 ? 
primary 'Morais, M.C.'   2 ? 
primary 'Cohen, D.N.'    3 ? 
primary 'Bowman, V.D.'   4 ? 
primary 'Anderson, D.L.' 5 ? 
primary 'Rossmann, M.G.' 6 ? 
# 
loop_
_entity.id 
_entity.type 
_entity.src_method 
_entity.pdbx_description 
_entity.formula_weight 
_entity.pdbx_number_of_molecules 
_entity.pdbx_ec 
_entity.pdbx_mutation 
_entity.pdbx_fragment 
_entity.details 
1 polymer  man 'Morphogenesis protein 1' 18440.746 1   ? ? ? ? 
2 branched man 
;2-acetamido-2-deoxy-beta-D-glucopyranose-(1-4)-2-acetamido-2-deoxy-beta-D-glucopyranose-(1-4)-2-acetamido-2-deoxy-beta-D-glucopyranose
;
627.594   1   ? ? ? ? 
3 water    nat water 18.015    126 ? ? ? ? 
# 
loop_
_entity_name_com.entity_id 
_entity_name_com.name 
1 'Late protein GP13'        
2 triacetyl-beta-chitotriose 
# 
_entity_poly.entity_id                      1 
_entity_poly.type                           'polypeptide(L)' 
_entity_poly.nstd_linkage                   no 
_entity_poly.nstd_monomer                   no 
_entity_poly.pdbx_seq_one_letter_code       
;MVYVSNKYLTMSEMKVNAQYILNYLSSNGWTKQAICGMLGNMQSESTINPGLWQNLDEGNTSLGFGLVQWTPASNYINWA
NSQGLPYKNMDSELKRIIWEVNNNAQWINLRDMTFKEYIKSTKTPRELAMIFLASYERPANPNQPERGDQAEYWYKNLS
;
_entity_poly.pdbx_seq_one_letter_code_can   
;MVYVSNKYLTMSEMKVNAQYILNYLSSNGWTKQAICGMLGNMQSESTINPGLWQNLDEGNTSLGFGLVQWTPASNYINWA
NSQGLPYKNMDSELKRIIWEVNNNAQWINLRDMTFKEYIKSTKTPRELAMIFLASYERPANPNQPERGDQAEYWYKNLS
;
_entity_poly.pdbx_strand_id                 A 
_entity_poly.pdbx_target_identifier         ? 
# 
_pdbx_entity_nonpoly.entity_id   3 
_pdbx_entity_nonpoly.name        water 
_pdbx_entity_nonpoly.comp_id     HOH 
# 
loop_
_entity_poly_seq.entity_id 
_entity_poly_seq.num 
_entity_poly_seq.mon_id 
_entity_poly_seq.hetero 
1 1   MET n 
1 2   VAL n 
1 3   TYR n 
1 4   VAL n 
1 5   SER n 
1 6   ASN n 
1 7   LYS n 
1 8   TYR n 
1 9   LEU n 
1 10  THR n 
1 11  MET n 
1 12  SER n 
1 13  GLU n 
1 14  MET n 
1 15  LYS n 
1 16  VAL n 
1 17  ASN n 
1 18  ALA n 
1 19  GLN n 
1 20  TYR n 
1 21  ILE n 
1 22  LEU n 
1 23  ASN n 
1 24  TYR n 
1 25  LEU n 
1 26  SER n 
1 27  SER n 
1 28  ASN n 
1 29  GLY n 
1 30  TRP n 
1 31  THR n 
1 32  LYS n 
1 33  GLN n 
1 34  ALA n 
1 35  ILE n 
1 36  CYS n 
1 37  GLY n 
1 38  MET n 
1 39  LEU n 
1 40  GLY n 
1 41  ASN n 
1 42  MET n 
1 43  GLN n 
1 44  SER n 
1 45  GLU n 
1 46  SER n 
1 47  THR n 
1 48  ILE n 
1 49  ASN n 
1 50  PRO n 
1 51  GLY n 
1 52  LEU n 
1 53  TRP n 
1 54  GLN n 
1 55  ASN n 
1 56  LEU n 
1 57  ASP n 
1 58  GLU n 
1 59  GLY n 
1 60  ASN n 
1 61  THR n 
1 62  SER n 
1 63  LEU n 
1 64  GLY n 
1 65  PHE n 
1 66  GLY n 
1 67  LEU n 
1 68  VAL n 
1 69  GLN n 
1 70  TRP n 
1 71  THR n 
1 72  PRO n 
1 73  ALA n 
1 74  SER n 
1 75  ASN n 
1 76  TYR n 
1 77  ILE n 
1 78  ASN n 
1 79  TRP n 
1 80  ALA n 
1 81  ASN n 
1 82  SER n 
1 83  GLN n 
1 84  GLY n 
1 85  LEU n 
1 86  PRO n 
1 87  TYR n 
1 88  LYS n 
1 89  ASN n 
1 90  MET n 
1 91  ASP n 
1 92  SER n 
1 93  GLU n 
1 94  LEU n 
1 95  LYS n 
1 96  ARG n 
1 97  ILE n 
1 98  ILE n 
1 99  TRP n 
1 100 GLU n 
1 101 VAL n 
1 102 ASN n 
1 103 ASN n 
1 104 ASN n 
1 105 ALA n 
1 106 GLN n 
1 107 TRP n 
1 108 ILE n 
1 109 ASN n 
1 110 LEU n 
1 111 ARG n 
1 112 ASP n 
1 113 MET n 
1 114 THR n 
1 115 PHE n 
1 116 LYS n 
1 117 GLU n 
1 118 TYR n 
1 119 ILE n 
1 120 LYS n 
1 121 SER n 
1 122 THR n 
1 123 LYS n 
1 124 THR n 
1 125 PRO n 
1 126 ARG n 
1 127 GLU n 
1 128 LEU n 
1 129 ALA n 
1 130 MET n 
1 131 ILE n 
1 132 PHE n 
1 133 LEU n 
1 134 ALA n 
1 135 SER n 
1 136 TYR n 
1 137 GLU n 
1 138 ARG n 
1 139 PRO n 
1 140 ALA n 
1 141 ASN n 
1 142 PRO n 
1 143 ASN n 
1 144 GLN n 
1 145 PRO n 
1 146 GLU n 
1 147 ARG n 
1 148 GLY n 
1 149 ASP n 
1 150 GLN n 
1 151 ALA n 
1 152 GLU n 
1 153 TYR n 
1 154 TRP n 
1 155 TYR n 
1 156 LYS n 
1 157 ASN n 
1 158 LEU n 
1 159 SER n 
# 
_entity_src_gen.entity_id                          1 
_entity_src_gen.pdbx_src_id                        1 
_entity_src_gen.pdbx_alt_source_flag               sample 
_entity_src_gen.pdbx_seq_type                      ? 
_entity_src_gen.pdbx_beg_seq_num                   ? 
_entity_src_gen.pdbx_end_seq_num                   ? 
_entity_src_gen.gene_src_common_name               ? 
_entity_src_gen.gene_src_genus                     ? 
_entity_src_gen.pdbx_gene_src_gene                 13 
_entity_src_gen.gene_src_species                   ? 
_entity_src_gen.gene_src_strain                    ? 
_entity_src_gen.gene_src_tissue                    ? 
_entity_src_gen.gene_src_tissue_fraction           ? 
_entity_src_gen.gene_src_details                   ? 
_entity_src_gen.pdbx_gene_src_fragment             ? 
_entity_src_gen.pdbx_gene_src_scientific_name      'Bacteriophage phi-29' 
_entity_src_gen.pdbx_gene_src_ncbi_taxonomy_id     ? 
_entity_src_gen.pdbx_gene_src_variant              ? 
_entity_src_gen.pdbx_gene_src_cell_line            ? 
_entity_src_gen.pdbx_gene_src_atcc                 ? 
_entity_src_gen.pdbx_gene_src_organ                ? 
_entity_src_gen.pdbx_gene_src_organelle            ? 
_entity_src_gen.pdbx_gene_src_cell                 ? 
_entity_src_gen.pdbx_gene_src_cellular_location    ? 
_entity_src_gen.host_org_common_name               ? 
_entity_src_gen.pdbx_host_org_scientific_name      'Escherichia coli' 
_entity_src_gen.pdbx_host_org_ncbi_taxonomy_id     ? 
_entity_src_gen.host_org_genus                     ? 
_entity_src_gen.pdbx_host_org_gene                 ? 
_entity_src_gen.pdbx_host_org_organ                ? 
_entity_src_gen.host_org_species                   ? 
_entity_src_gen.pdbx_host_org_tissue               ? 
_entity_src_gen.pdbx_host_org_tissue_fraction      ? 
_entity_src_gen.pdbx_host_org_strain               'BL21DE3 CODON PLUS RP' 
_entity_src_gen.pdbx_host_org_variant              ? 
_entity_src_gen.pdbx_host_org_cell_line            ? 
_entity_src_gen.pdbx_host_org_atcc                 ? 
_entity_src_gen.pdbx_host_org_culture_collection   ? 
_entity_src_gen.pdbx_host_org_cell                 ? 
_entity_src_gen.pdbx_host_org_organelle            ? 
_entity_src_gen.pdbx_host_org_cellular_location    ? 
_entity_src_gen.pdbx_host_org_vector_type          PLASMID 
_entity_src_gen.pdbx_host_org_vector               ? 
_entity_src_gen.host_org_details                   ? 
_entity_src_gen.expression_system_id               ? 
_entity_src_gen.plasmid_name                       PTYB1 
_entity_src_gen.plasmid_details                    ? 
_entity_src_gen.pdbx_description                   ? 
# 
_pdbx_entity_branch.entity_id   2 
_pdbx_entity_branch.type        oligosaccharide 
# 
loop_
_pdbx_entity_branch_descriptor.ordinal 
_pdbx_entity_branch_descriptor.entity_id 
_pdbx_entity_branch_descriptor.descriptor 
_pdbx_entity_branch_descriptor.type 
_pdbx_entity_branch_descriptor.program 
_pdbx_entity_branch_descriptor.program_version 
1 2 DGlcpNAcb1-4DGlcpNAcb1-4DGlcpNAcb1-ROH                          'Glycam Condensed Sequence' GMML       1.0   
2 2 'WURCS=2.0/1,3,2/[a2122h-1b_1-5_2*NCC/3=O]/1-1-1/a4-b1_b4-c1'   WURCS                       PDB2Glycan 1.1.0 
3 2 '[][b-D-GlcpNAc]{[(4+1)][b-D-GlcpNAc]{[(4+1)][b-D-GlcpNAc]{}}}' LINUCS                      PDB-CARE   ?     
# 
loop_
_pdbx_entity_branch_link.link_id 
_pdbx_entity_branch_link.entity_id 
_pdbx_entity_branch_link.entity_branch_list_num_1 
_pdbx_entity_branch_link.comp_id_1 
_pdbx_entity_branch_link.atom_id_1 
_pdbx_entity_branch_link.leaving_atom_id_1 
_pdbx_entity_branch_link.entity_branch_list_num_2 
_pdbx_entity_branch_link.comp_id_2 
_pdbx_entity_branch_link.atom_id_2 
_pdbx_entity_branch_link.leaving_atom_id_2 
_pdbx_entity_branch_link.value_order 
_pdbx_entity_branch_link.details 
1 2 2 NAG C1 O1 1 NAG O4 HO4 sing ? 
2 2 3 NAG C1 O1 2 NAG O4 HO4 sing ? 
# 
loop_
_chem_comp.id 
_chem_comp.type 
_chem_comp.mon_nstd_flag 
_chem_comp.name 
_chem_comp.pdbx_synonyms 
_chem_comp.formula 
_chem_comp.formula_weight 
ALA 'L-peptide linking'          y ALANINE                                  ? 'C3 H7 N O2'     89.093  
ARG 'L-peptide linking'          y ARGININE                                 ? 'C6 H15 N4 O2 1' 175.209 
ASN 'L-peptide linking'          y ASPARAGINE                               ? 'C4 H8 N2 O3'    132.118 
ASP 'L-peptide linking'          y 'ASPARTIC ACID'                          ? 'C4 H7 N O4'     133.103 
CYS 'L-peptide linking'          y CYSTEINE                                 ? 'C3 H7 N O2 S'   121.158 
GLN 'L-peptide linking'          y GLUTAMINE                                ? 'C5 H10 N2 O3'   146.144 
GLU 'L-peptide linking'          y 'GLUTAMIC ACID'                          ? 'C5 H9 N O4'     147.129 
GLY 'peptide linking'            y GLYCINE                                  ? 'C2 H5 N O2'     75.067  
HOH non-polymer                  . WATER                                    ? 'H2 O'           18.015  
ILE 'L-peptide linking'          y ISOLEUCINE                               ? 'C6 H13 N O2'    131.173 
LEU 'L-peptide linking'          y LEUCINE                                  ? 'C6 H13 N O2'    131.173 
LYS 'L-peptide linking'          y LYSINE                                   ? 'C6 H15 N2 O2 1' 147.195 
MET 'L-peptide linking'          y METHIONINE                               ? 'C5 H11 N O2 S'  149.211 
NAG 'D-saccharide, beta linking' . 2-acetamido-2-deoxy-beta-D-glucopyranose 
;N-acetyl-beta-D-glucosamine; 2-acetamido-2-deoxy-beta-D-glucose; 2-acetamido-2-deoxy-D-glucose; 2-acetamido-2-deoxy-glucose; N-ACETYL-D-GLUCOSAMINE
;
'C8 H15 N O6'    221.208 
PHE 'L-peptide linking'          y PHENYLALANINE                            ? 'C9 H11 N O2'    165.189 
PRO 'L-peptide linking'          y PROLINE                                  ? 'C5 H9 N O2'     115.130 
SER 'L-peptide linking'          y SERINE                                   ? 'C3 H7 N O3'     105.093 
THR 'L-peptide linking'          y THREONINE                                ? 'C4 H9 N O3'     119.119 
TRP 'L-peptide linking'          y TRYPTOPHAN                               ? 'C11 H12 N2 O2'  204.225 
TYR 'L-peptide linking'          y TYROSINE                                 ? 'C9 H11 N O3'    181.189 
VAL 'L-peptide linking'          y VALINE                                   ? 'C5 H11 N O2'    117.146 
# 
loop_
_pdbx_chem_comp_identifier.comp_id 
_pdbx_chem_comp_identifier.type 
_pdbx_chem_comp_identifier.program 
_pdbx_chem_comp_identifier.program_version 
_pdbx_chem_comp_identifier.identifier 
NAG 'CONDENSED IUPAC CARBOHYDRATE SYMBOL' GMML     1.0 DGlcpNAcb                      
NAG 'COMMON NAME'                         GMML     1.0 N-acetyl-b-D-glucopyranosamine 
NAG 'IUPAC CARBOHYDRATE SYMBOL'           PDB-CARE 1.0 b-D-GlcpNAc                    
NAG 'SNFG CARBOHYDRATE SYMBOL'            GMML     1.0 GlcNAc                         
# 
loop_
_pdbx_poly_seq_scheme.asym_id 
_pdbx_poly_seq_scheme.entity_id 
_pdbx_poly_seq_scheme.seq_id 
_pdbx_poly_seq_scheme.mon_id 
_pdbx_poly_seq_scheme.ndb_seq_num 
_pdbx_poly_seq_scheme.pdb_seq_num 
_pdbx_poly_seq_scheme.auth_seq_num 
_pdbx_poly_seq_scheme.pdb_mon_id 
_pdbx_poly_seq_scheme.auth_mon_id 
_pdbx_poly_seq_scheme.pdb_strand_id 
_pdbx_poly_seq_scheme.pdb_ins_code 
_pdbx_poly_seq_scheme.hetero 
A 1 1   MET 1   1   1   MET MET A . n 
A 1 2   VAL 2   2   2   VAL VAL A . n 
A 1 3   TYR 3   3   3   TYR TYR A . n 
A 1 4   VAL 4   4   4   VAL VAL A . n 
A 1 5   SER 5   5   5   SER SER A . n 
A 1 6   ASN 6   6   6   ASN ASN A . n 
A 1 7   LYS 7   7   7   LYS LYS A . n 
A 1 8   TYR 8   8   8   TYR TYR A . n 
A 1 9   LEU 9   9   9   LEU LEU A . n 
A 1 10  THR 10  10  10  THR THR A . n 
A 1 11  MET 11  11  11  MET MET A . n 
A 1 12  SER 12  12  12  SER SER A . n 
A 1 13  GLU 13  13  13  GLU GLU A . n 
A 1 14  MET 14  14  14  MET MET A . n 
A 1 15  LYS 15  15  15  LYS LYS A . n 
A 1 16  VAL 16  16  16  VAL VAL A . n 
A 1 17  ASN 17  17  17  ASN ASN A . n 
A 1 18  ALA 18  18  18  ALA ALA A . n 
A 1 19  GLN 19  19  19  GLN GLN A . n 
A 1 20  TYR 20  20  20  TYR TYR A . n 
A 1 21  ILE 21  21  21  ILE ILE A . n 
A 1 22  LEU 22  22  22  LEU LEU A . n 
A 1 23  ASN 23  23  23  ASN ASN A . n 
A 1 24  TYR 24  24  24  TYR TYR A . n 
A 1 25  LEU 25  25  25  LEU LEU A . n 
A 1 26  SER 26  26  26  SER SER A . n 
A 1 27  SER 27  27  27  SER SER A . n 
A 1 28  ASN 28  28  28  ASN ASN A . n 
A 1 29  GLY 29  29  29  GLY GLY A . n 
A 1 30  TRP 30  30  30  TRP TRP A . n 
A 1 31  THR 31  31  31  THR THR A . n 
A 1 32  LYS 32  32  32  LYS LYS A . n 
A 1 33  GLN 33  33  33  GLN GLN A . n 
A 1 34  ALA 34  34  34  ALA ALA A . n 
A 1 35  ILE 35  35  35  ILE ILE A . n 
A 1 36  CYS 36  36  36  CYS CYS A . n 
A 1 37  GLY 37  37  37  GLY GLY A . n 
A 1 38  MET 38  38  38  MET MET A . n 
A 1 39  LEU 39  39  39  LEU LEU A . n 
A 1 40  GLY 40  40  40  GLY GLY A . n 
A 1 41  ASN 41  41  41  ASN ASN A . n 
A 1 42  MET 42  42  42  MET MET A . n 
A 1 43  GLN 43  43  43  GLN GLN A . n 
A 1 44  SER 44  44  44  SER SER A . n 
A 1 45  GLU 45  45  45  GLU GLU A . n 
A 1 46  SER 46  46  46  SER SER A . n 
A 1 47  THR 47  47  47  THR THR A . n 
A 1 48  ILE 48  48  48  ILE ILE A . n 
A 1 49  ASN 49  49  49  ASN ASN A . n 
A 1 50  PRO 50  50  50  PRO PRO A . n 
A 1 51  GLY 51  51  51  GLY GLY A . n 
A 1 52  LEU 52  52  52  LEU LEU A . n 
A 1 53  TRP 53  53  53  TRP TRP A . n 
A 1 54  GLN 54  54  54  GLN GLN A . n 
A 1 55  ASN 55  55  55  ASN ASN A . n 
A 1 56  LEU 56  56  56  LEU LEU A . n 
A 1 57  ASP 57  57  57  ASP ASP A . n 
A 1 58  GLU 58  58  58  GLU GLU A . n 
A 1 59  GLY 59  59  59  GLY GLY A . n 
A 1 60  ASN 60  60  60  ASN ASN A . n 
A 1 61  THR 61  61  61  THR THR A . n 
A 1 62  SER 62  62  62  SER SER A . n 
A 1 63  LEU 63  63  63  LEU LEU A . n 
A 1 64  GLY 64  64  64  GLY GLY A . n 
A 1 65  PHE 65  65  65  PHE PHE A . n 
A 1 66  GLY 66  66  66  GLY GLY A . n 
A 1 67  LEU 67  67  67  LEU LEU A . n 
A 1 68  VAL 68  68  68  VAL VAL A . n 
A 1 69  GLN 69  69  69  GLN GLN A . n 
A 1 70  TRP 70  70  70  TRP TRP A . n 
A 1 71  THR 71  71  71  THR THR A . n 
A 1 72  PRO 72  72  72  PRO PRO A . n 
A 1 73  ALA 73  73  73  ALA ALA A . n 
A 1 74  SER 74  74  74  SER SER A . n 
A 1 75  ASN 75  75  75  ASN ASN A . n 
A 1 76  TYR 76  76  76  TYR TYR A . n 
A 1 77  ILE 77  77  77  ILE ILE A . n 
A 1 78  ASN 78  78  78  ASN ASN A . n 
A 1 79  TRP 79  79  79  TRP TRP A . n 
A 1 80  ALA 80  80  80  ALA ALA A . n 
A 1 81  ASN 81  81  81  ASN ASN A . n 
A 1 82  SER 82  82  82  SER SER A . n 
A 1 83  GLN 83  83  83  GLN GLN A . n 
A 1 84  GLY 84  84  84  GLY GLY A . n 
A 1 85  LEU 85  85  85  LEU LEU A . n 
A 1 86  PRO 86  86  86  PRO PRO A . n 
A 1 87  TYR 87  87  87  TYR TYR A . n 
A 1 88  LYS 88  88  88  LYS LYS A . n 
A 1 89  ASN 89  89  89  ASN ASN A . n 
A 1 90  MET 90  90  90  MET MET A . n 
A 1 91  ASP 91  91  91  ASP ASP A . n 
A 1 92  SER 92  92  92  SER SER A . n 
A 1 93  GLU 93  93  93  GLU GLU A . n 
A 1 94  LEU 94  94  94  LEU LEU A . n 
A 1 95  LYS 95  95  95  LYS LYS A . n 
A 1 96  ARG 96  96  96  ARG ARG A . n 
A 1 97  ILE 97  97  97  ILE ILE A . n 
A 1 98  ILE 98  98  98  ILE ILE A . n 
A 1 99  TRP 99  99  99  TRP TRP A . n 
A 1 100 GLU 100 100 100 GLU GLU A . n 
A 1 101 VAL 101 101 101 VAL VAL A . n 
A 1 102 ASN 102 102 102 ASN ASN A . n 
A 1 103 ASN 103 103 103 ASN ASN A . n 
A 1 104 ASN 104 104 104 ASN ASN A . n 
A 1 105 ALA 105 105 105 ALA ALA A . n 
A 1 106 GLN 106 106 106 GLN GLN A . n 
A 1 107 TRP 107 107 107 TRP TRP A . n 
A 1 108 ILE 108 108 108 ILE ILE A . n 
A 1 109 ASN 109 109 109 ASN ASN A . n 
A 1 110 LEU 110 110 110 LEU LEU A . n 
A 1 111 ARG 111 111 111 ARG ARG A . n 
A 1 112 ASP 112 112 112 ASP ASP A . n 
A 1 113 MET 113 113 113 MET MET A . n 
A 1 114 THR 114 114 114 THR THR A . n 
A 1 115 PHE 115 115 115 PHE PHE A . n 
A 1 116 LYS 116 116 116 LYS LYS A . n 
A 1 117 GLU 117 117 117 GLU GLU A . n 
A 1 118 TYR 118 118 118 TYR TYR A . n 
A 1 119 ILE 119 119 119 ILE ILE A . n 
A 1 120 LYS 120 120 120 LYS LYS A . n 
A 1 121 SER 121 121 121 SER SER A . n 
A 1 122 THR 122 122 122 THR THR A . n 
A 1 123 LYS 123 123 123 LYS LYS A . n 
A 1 124 THR 124 124 124 THR THR A . n 
A 1 125 PRO 125 125 125 PRO PRO A . n 
A 1 126 ARG 126 126 126 ARG ARG A . n 
A 1 127 GLU 127 127 127 GLU GLU A . n 
A 1 128 LEU 128 128 128 LEU LEU A . n 
A 1 129 ALA 129 129 129 ALA ALA A . n 
A 1 130 MET 130 130 130 MET MET A . n 
A 1 131 ILE 131 131 131 ILE ILE A . n 
A 1 132 PHE 132 132 132 PHE PHE A . n 
A 1 133 LEU 133 133 133 LEU LEU A . n 
A 1 134 ALA 134 134 134 ALA ALA A . n 
A 1 135 SER 135 135 135 SER SER A . n 
A 1 136 TYR 136 136 136 TYR TYR A . n 
A 1 137 GLU 137 137 137 GLU GLU A . n 
A 1 138 ARG 138 138 138 ARG ARG A . n 
A 1 139 PRO 139 139 139 PRO PRO A . n 
A 1 140 ALA 140 140 140 ALA ALA A . n 
A 1 141 ASN 141 141 141 ASN ASN A . n 
A 1 142 PRO 142 142 142 PRO PRO A . n 
A 1 143 ASN 143 143 143 ASN ASN A . n 
A 1 144 GLN 144 144 144 GLN GLN A . n 
A 1 145 PRO 145 145 145 PRO PRO A . n 
A 1 146 GLU 146 146 146 GLU GLU A . n 
A 1 147 ARG 147 147 147 ARG ARG A . n 
A 1 148 GLY 148 148 148 GLY GLY A . n 
A 1 149 ASP 149 149 149 ASP ASP A . n 
A 1 150 GLN 150 150 150 GLN GLN A . n 
A 1 151 ALA 151 151 151 ALA ALA A . n 
A 1 152 GLU 152 152 152 GLU GLU A . n 
A 1 153 TYR 153 153 153 TYR TYR A . n 
A 1 154 TRP 154 154 154 TRP TRP A . n 
A 1 155 TYR 155 155 155 TYR TYR A . n 
A 1 156 LYS 156 156 156 LYS LYS A . n 
A 1 157 ASN 157 157 157 ASN ASN A . n 
A 1 158 LEU 158 158 158 LEU LEU A . n 
A 1 159 SER 159 159 159 SER SER A . n 
# 
loop_
_pdbx_branch_scheme.asym_id 
_pdbx_branch_scheme.entity_id 
_pdbx_branch_scheme.mon_id 
_pdbx_branch_scheme.num 
_pdbx_branch_scheme.pdb_asym_id 
_pdbx_branch_scheme.pdb_mon_id 
_pdbx_branch_scheme.pdb_seq_num 
_pdbx_branch_scheme.auth_asym_id 
_pdbx_branch_scheme.auth_mon_id 
_pdbx_branch_scheme.auth_seq_num 
_pdbx_branch_scheme.hetero 
B 2 NAG 1 B NAG 1 B NAG 201 n 
B 2 NAG 2 B NAG 2 B NAG 202 n 
B 2 NAG 3 B NAG 3 B NAG 203 n 
# 
loop_
_pdbx_nonpoly_scheme.asym_id 
_pdbx_nonpoly_scheme.entity_id 
_pdbx_nonpoly_scheme.mon_id 
_pdbx_nonpoly_scheme.ndb_seq_num 
_pdbx_nonpoly_scheme.pdb_seq_num 
_pdbx_nonpoly_scheme.auth_seq_num 
_pdbx_nonpoly_scheme.pdb_mon_id 
_pdbx_nonpoly_scheme.auth_mon_id 
_pdbx_nonpoly_scheme.pdb_strand_id 
_pdbx_nonpoly_scheme.pdb_ins_code 
C 3 HOH 1   204 1   HOH HOH A . 
C 3 HOH 2   205 2   HOH HOH A . 
C 3 HOH 3   206 3   HOH HOH A . 
C 3 HOH 4   207 4   HOH HOH A . 
C 3 HOH 5   208 5   HOH HOH A . 
C 3 HOH 6   209 6   HOH HOH A . 
C 3 HOH 7   210 7   HOH HOH A . 
C 3 HOH 8   211 8   HOH HOH A . 
C 3 HOH 9   212 9   HOH HOH A . 
C 3 HOH 10  213 10  HOH HOH A . 
C 3 HOH 11  214 11  HOH HOH A . 
C 3 HOH 12  215 12  HOH HOH A . 
C 3 HOH 13  216 13  HOH HOH A . 
C 3 HOH 14  217 14  HOH HOH A . 
C 3 HOH 15  218 15  HOH HOH A . 
C 3 HOH 16  219 16  HOH HOH A . 
C 3 HOH 17  220 17  HOH HOH A . 
C 3 HOH 18  221 18  HOH HOH A . 
C 3 HOH 19  222 19  HOH HOH A . 
C 3 HOH 20  223 20  HOH HOH A . 
C 3 HOH 21  224 21  HOH HOH A . 
C 3 HOH 22  225 22  HOH HOH A . 
C 3 HOH 23  226 23  HOH HOH A . 
C 3 HOH 24  227 24  HOH HOH A . 
C 3 HOH 25  228 25  HOH HOH A . 
C 3 HOH 26  229 26  HOH HOH A . 
C 3 HOH 27  230 27  HOH HOH A . 
C 3 HOH 28  231 28  HOH HOH A . 
C 3 HOH 29  232 29  HOH HOH A . 
C 3 HOH 30  233 30  HOH HOH A . 
C 3 HOH 31  234 31  HOH HOH A . 
C 3 HOH 32  235 32  HOH HOH A . 
C 3 HOH 33  236 33  HOH HOH A . 
C 3 HOH 34  237 34  HOH HOH A . 
C 3 HOH 35  238 35  HOH HOH A . 
C 3 HOH 36  239 36  HOH HOH A . 
C 3 HOH 37  240 37  HOH HOH A . 
C 3 HOH 38  241 38  HOH HOH A . 
C 3 HOH 39  242 39  HOH HOH A . 
C 3 HOH 40  243 40  HOH HOH A . 
C 3 HOH 41  244 41  HOH HOH A . 
C 3 HOH 42  245 42  HOH HOH A . 
C 3 HOH 43  246 43  HOH HOH A . 
C 3 HOH 44  247 44  HOH HOH A . 
C 3 HOH 45  248 46  HOH HOH A . 
C 3 HOH 46  249 47  HOH HOH A . 
C 3 HOH 47  250 48  HOH HOH A . 
C 3 HOH 48  251 50  HOH HOH A . 
C 3 HOH 49  252 51  HOH HOH A . 
C 3 HOH 50  253 52  HOH HOH A . 
C 3 HOH 51  254 53  HOH HOH A . 
C 3 HOH 52  255 54  HOH HOH A . 
C 3 HOH 53  256 55  HOH HOH A . 
C 3 HOH 54  257 56  HOH HOH A . 
C 3 HOH 55  258 57  HOH HOH A . 
C 3 HOH 56  259 58  HOH HOH A . 
C 3 HOH 57  260 59  HOH HOH A . 
C 3 HOH 58  261 60  HOH HOH A . 
C 3 HOH 59  262 61  HOH HOH A . 
C 3 HOH 60  263 62  HOH HOH A . 
C 3 HOH 61  264 63  HOH HOH A . 
C 3 HOH 62  265 64  HOH HOH A . 
C 3 HOH 63  266 66  HOH HOH A . 
C 3 HOH 64  267 68  HOH HOH A . 
C 3 HOH 65  268 69  HOH HOH A . 
C 3 HOH 66  269 70  HOH HOH A . 
C 3 HOH 67  270 71  HOH HOH A . 
C 3 HOH 68  271 72  HOH HOH A . 
C 3 HOH 69  272 73  HOH HOH A . 
C 3 HOH 70  273 74  HOH HOH A . 
C 3 HOH 71  274 75  HOH HOH A . 
C 3 HOH 72  275 76  HOH HOH A . 
C 3 HOH 73  276 77  HOH HOH A . 
C 3 HOH 74  277 78  HOH HOH A . 
C 3 HOH 75  278 80  HOH HOH A . 
C 3 HOH 76  279 81  HOH HOH A . 
C 3 HOH 77  280 82  HOH HOH A . 
C 3 HOH 78  281 84  HOH HOH A . 
C 3 HOH 79  282 87  HOH HOH A . 
C 3 HOH 80  283 88  HOH HOH A . 
C 3 HOH 81  284 89  HOH HOH A . 
C 3 HOH 82  285 90  HOH HOH A . 
C 3 HOH 83  286 91  HOH HOH A . 
C 3 HOH 84  287 93  HOH HOH A . 
C 3 HOH 85  288 94  HOH HOH A . 
C 3 HOH 86  289 95  HOH HOH A . 
C 3 HOH 87  290 97  HOH HOH A . 
C 3 HOH 88  291 98  HOH HOH A . 
C 3 HOH 89  292 101 HOH HOH A . 
C 3 HOH 90  293 102 HOH HOH A . 
C 3 HOH 91  294 103 HOH HOH A . 
C 3 HOH 92  295 104 HOH HOH A . 
C 3 HOH 93  296 107 HOH HOH A . 
C 3 HOH 94  297 108 HOH HOH A . 
C 3 HOH 95  298 109 HOH HOH A . 
C 3 HOH 96  299 111 HOH HOH A . 
C 3 HOH 97  300 112 HOH HOH A . 
C 3 HOH 98  301 113 HOH HOH A . 
C 3 HOH 99  302 114 HOH HOH A . 
C 3 HOH 100 303 116 HOH HOH A . 
C 3 HOH 101 304 117 HOH HOH A . 
C 3 HOH 102 305 120 HOH HOH A . 
C 3 HOH 103 306 121 HOH HOH A . 
C 3 HOH 104 307 122 HOH HOH A . 
C 3 HOH 105 308 123 HOH HOH A . 
C 3 HOH 106 309 124 HOH HOH A . 
C 3 HOH 107 310 125 HOH HOH A . 
C 3 HOH 108 311 126 HOH HOH A . 
C 3 HOH 109 312 128 HOH HOH A . 
C 3 HOH 110 313 129 HOH HOH A . 
C 3 HOH 111 314 130 HOH HOH A . 
C 3 HOH 112 315 131 HOH HOH A . 
C 3 HOH 113 316 132 HOH HOH A . 
C 3 HOH 114 317 133 HOH HOH A . 
C 3 HOH 115 318 134 HOH HOH A . 
C 3 HOH 116 319 135 HOH HOH A . 
C 3 HOH 117 320 136 HOH HOH A . 
C 3 HOH 118 321 138 HOH HOH A . 
C 3 HOH 119 322 140 HOH HOH A . 
C 3 HOH 120 323 142 HOH HOH A . 
C 3 HOH 121 324 143 HOH HOH A . 
C 3 HOH 122 325 144 HOH HOH A . 
C 3 HOH 123 326 145 HOH HOH A . 
C 3 HOH 124 327 146 HOH HOH A . 
C 3 HOH 125 328 147 HOH HOH A . 
C 3 HOH 126 329 148 HOH HOH A . 
# 
loop_
_software.name 
_software.classification 
_software.version 
_software.citation_id 
_software.pdbx_ordinal 
REFMAC   refinement        5.2.0019 ? 1 
ADSC     'data collection' Quantum  ? 2 
HKL-2000 'data reduction'  .        ? 3 
HKL-2000 'data scaling'    .        ? 4 
# 
_cell.entry_id           3CT5 
_cell.length_a           30.947 
_cell.length_b           69.226 
_cell.length_c           70.791 
_cell.angle_alpha        90.00 
_cell.angle_beta         90.00 
_cell.angle_gamma        90.00 
_cell.Z_PDB              4 
_cell.pdbx_unique_axis   ? 
_cell.length_a_esd       ? 
_cell.length_b_esd       ? 
_cell.length_c_esd       ? 
_cell.angle_alpha_esd    ? 
_cell.angle_beta_esd     ? 
_cell.angle_gamma_esd    ? 
# 
_symmetry.entry_id                         3CT5 
_symmetry.space_group_name_H-M             'P 21 21 21' 
_symmetry.pdbx_full_space_group_name_H-M   ? 
_symmetry.cell_setting                     ? 
_symmetry.Int_Tables_number                19 
_symmetry.space_group_name_Hall            ? 
# 
_exptl.entry_id          3CT5 
_exptl.method            'X-RAY DIFFRACTION' 
_exptl.crystals_number   1 
# 
_exptl_crystal.id                    1 
_exptl_crystal.density_meas          ? 
_exptl_crystal.density_Matthews      2.06 
_exptl_crystal.density_percent_sol   40.18 
_exptl_crystal.description           ? 
_exptl_crystal.F_000                 ? 
_exptl_crystal.preparation           ? 
# 
_exptl_crystal_grow.crystal_id      1 
_exptl_crystal_grow.method          'VAPOR DIFFUSION, SITTING DROP' 
_exptl_crystal_grow.temp            293 
_exptl_crystal_grow.temp_details    ? 
_exptl_crystal_grow.pH              8.0 
_exptl_crystal_grow.pdbx_details    
'20% PEG4000, 100mM Tris-HCl, 10% glycerol, 10mM NAG6, pH 8.0, VAPOR DIFFUSION, SITTING DROP, temperature 293K' 
_exptl_crystal_grow.pdbx_pH_range   . 
# 
_diffrn.id                     1 
_diffrn.ambient_temp           100 
_diffrn.ambient_temp_details   ? 
_diffrn.crystal_id             1 
# 
_diffrn_detector.diffrn_id              1 
_diffrn_detector.detector               CCD 
_diffrn_detector.type                   'ADSC QUANTUM 315' 
_diffrn_detector.pdbx_collection_date   ? 
_diffrn_detector.details                MIRRORS 
# 
_diffrn_radiation.diffrn_id                        1 
_diffrn_radiation.wavelength_id                    1 
_diffrn_radiation.pdbx_monochromatic_or_laue_m_l   M 
_diffrn_radiation.monochromator                    ? 
_diffrn_radiation.pdbx_diffrn_protocol             'SINGLE WAVELENGTH' 
_diffrn_radiation.pdbx_scattering_type             x-ray 
# 
_diffrn_radiation_wavelength.id           1 
_diffrn_radiation_wavelength.wavelength   0.9 
_diffrn_radiation_wavelength.wt           1.0 
# 
_diffrn_source.diffrn_id                   1 
_diffrn_source.source                      SYNCHROTRON 
_diffrn_source.type                        'APS BEAMLINE 14-BM-C' 
_diffrn_source.pdbx_synchrotron_site       APS 
_diffrn_source.pdbx_synchrotron_beamline   14-BM-C 
_diffrn_source.pdbx_wavelength             ? 
_diffrn_source.pdbx_wavelength_list        0.9 
# 
_reflns.entry_id                     3CT5 
_reflns.observed_criterion_sigma_F   ? 
_reflns.observed_criterion_sigma_I   ? 
_reflns.d_resolution_high            1.37 
_reflns.d_resolution_low             49.5 
_reflns.number_all                   ? 
_reflns.number_obs                   32430 
_reflns.percent_possible_obs         98.9 
_reflns.pdbx_Rmerge_I_obs            0.050 
_reflns.pdbx_Rsym_value              5.0 
_reflns.pdbx_netI_over_sigmaI        33.5 
_reflns.B_iso_Wilson_estimate        ? 
_reflns.pdbx_redundancy              ? 
_reflns.R_free_details               ? 
_reflns.limit_h_max                  ? 
_reflns.limit_h_min                  ? 
_reflns.limit_k_max                  ? 
_reflns.limit_k_min                  ? 
_reflns.limit_l_max                  ? 
_reflns.limit_l_min                  ? 
_reflns.observed_criterion_F_max     ? 
_reflns.observed_criterion_F_min     ? 
_reflns.pdbx_chi_squared             ? 
_reflns.pdbx_scaling_rejects         ? 
_reflns.pdbx_ordinal                 1 
_reflns.pdbx_diffrn_id               1 
# 
_reflns_shell.d_res_high             1.37 
_reflns_shell.d_res_low              1.42 
_reflns_shell.percent_possible_all   96.1 
_reflns_shell.Rmerge_I_obs           0.196 
_reflns_shell.pdbx_Rsym_value        19.6 
_reflns_shell.meanI_over_sigI_obs    8.3 
_reflns_shell.pdbx_redundancy        ? 
_reflns_shell.percent_possible_obs   ? 
_reflns_shell.number_unique_all      ? 
_reflns_shell.number_measured_all    ? 
_reflns_shell.number_measured_obs    ? 
_reflns_shell.number_unique_obs      ? 
_reflns_shell.pdbx_chi_squared       ? 
_reflns_shell.pdbx_ordinal           1 
_reflns_shell.pdbx_diffrn_id         1 
# 
_refine.entry_id                                 3CT5 
_refine.ls_number_reflns_obs                     30824 
_refine.ls_number_reflns_all                     ? 
_refine.pdbx_ls_sigma_I                          ? 
_refine.pdbx_ls_sigma_F                          ? 
_refine.pdbx_data_cutoff_high_absF               ? 
_refine.pdbx_data_cutoff_low_absF                ? 
_refine.pdbx_data_cutoff_high_rms_absF           ? 
_refine.ls_d_res_low                             49.5 
_refine.ls_d_res_high                            1.37 
_refine.ls_percent_reflns_obs                    98.99 
_refine.ls_R_factor_obs                          0.20151 
_refine.ls_R_factor_all                          ? 
_refine.ls_R_factor_R_work                       0.20009 
_refine.ls_R_factor_R_free                       0.22931 
_refine.ls_R_factor_R_free_error                 ? 
_refine.ls_R_factor_R_free_error_details         ? 
_refine.ls_percent_reflns_R_free                 5.0 
_refine.ls_number_reflns_R_free                  1606 
_refine.ls_number_parameters                     ? 
_refine.ls_number_restraints                     ? 
_refine.occupancy_min                            ? 
_refine.occupancy_max                            ? 
_refine.correlation_coeff_Fo_to_Fc               0.964 
_refine.correlation_coeff_Fo_to_Fc_free          0.953 
_refine.B_iso_mean                               28.961 
_refine.aniso_B[1][1]                            -0.06 
_refine.aniso_B[2][2]                            -0.47 
_refine.aniso_B[3][3]                            0.53 
_refine.aniso_B[1][2]                            0.00 
_refine.aniso_B[1][3]                            0.00 
_refine.aniso_B[2][3]                            0.00 
_refine.solvent_model_details                    'BABINET MODEL WITH MASK' 
_refine.solvent_model_param_ksol                 ? 
_refine.solvent_model_param_bsol                 ? 
_refine.pdbx_solvent_vdw_probe_radii             1.40 
_refine.pdbx_solvent_ion_probe_radii             0.80 
_refine.pdbx_solvent_shrinkage_radii             0.80 
_refine.pdbx_ls_cross_valid_method               THROUGHOUT 
_refine.details                                  ? 
_refine.pdbx_starting_model                      ? 
_refine.pdbx_method_to_determine_struct          'FOURIER SYNTHESIS' 
_refine.pdbx_isotropic_thermal_model             ? 
_refine.pdbx_stereochemistry_target_values       'MAXIMUM LIKELIHOOD' 
_refine.pdbx_stereochem_target_val_spec_case     ? 
_refine.pdbx_R_Free_selection_details            RANDOM 
_refine.pdbx_overall_ESU_R                       0.069 
_refine.pdbx_overall_ESU_R_Free                  0.071 
_refine.overall_SU_ML                            0.049 
_refine.overall_SU_B                             2.494 
_refine.ls_redundancy_reflns_obs                 ? 
_refine.B_iso_min                                ? 
_refine.B_iso_max                                ? 
_refine.overall_SU_R_Cruickshank_DPI             ? 
_refine.overall_SU_R_free                        ? 
_refine.ls_wR_factor_R_free                      ? 
_refine.ls_wR_factor_R_work                      ? 
_refine.overall_FOM_free_R_set                   ? 
_refine.overall_FOM_work_R_set                   ? 
_refine.pdbx_overall_phase_error                 ? 
_refine.pdbx_refine_id                           'X-RAY DIFFRACTION' 
_refine.pdbx_TLS_residual_ADP_flag               'LIKELY RESIDUAL' 
_refine.pdbx_diffrn_id                           1 
_refine.pdbx_overall_SU_R_free_Cruickshank_DPI   ? 
_refine.pdbx_overall_SU_R_Blow_DPI               ? 
_refine.pdbx_overall_SU_R_free_Blow_DPI          ? 
# 
_refine_hist.pdbx_refine_id                   'X-RAY DIFFRACTION' 
_refine_hist.cycle_id                         LAST 
_refine_hist.pdbx_number_atoms_protein        1296 
_refine_hist.pdbx_number_atoms_nucleic_acid   0 
_refine_hist.pdbx_number_atoms_ligand         43 
_refine_hist.number_atoms_solvent             126 
_refine_hist.number_atoms_total               1465 
_refine_hist.d_res_high                       1.37 
_refine_hist.d_res_low                        49.5 
# 
loop_
_refine_ls_restr.type 
_refine_ls_restr.dev_ideal 
_refine_ls_restr.dev_ideal_target 
_refine_ls_restr.weight 
_refine_ls_restr.number 
_refine_ls_restr.pdbx_refine_id 
_refine_ls_restr.pdbx_restraint_function 
r_bond_refined_d             0.015  0.022  ? 1434 'X-RAY DIFFRACTION' ? 
r_bond_other_d               ?      ?      ? ?    'X-RAY DIFFRACTION' ? 
r_angle_refined_deg          1.567  1.970  ? 1957 'X-RAY DIFFRACTION' ? 
r_angle_other_deg            ?      ?      ? ?    'X-RAY DIFFRACTION' ? 
r_dihedral_angle_1_deg       6.347  5.000  ? 168  'X-RAY DIFFRACTION' ? 
r_dihedral_angle_2_deg       33.658 25.775 ? 71   'X-RAY DIFFRACTION' ? 
r_dihedral_angle_3_deg       13.140 15.000 ? 236  'X-RAY DIFFRACTION' ? 
r_dihedral_angle_4_deg       17.717 15.000 ? 5    'X-RAY DIFFRACTION' ? 
r_chiral_restr               0.093  0.200  ? 209  'X-RAY DIFFRACTION' ? 
r_gen_planes_refined         0.008  0.020  ? 1100 'X-RAY DIFFRACTION' ? 
r_gen_planes_other           ?      ?      ? ?    'X-RAY DIFFRACTION' ? 
r_nbd_refined                0.245  0.200  ? 701  'X-RAY DIFFRACTION' ? 
r_nbd_other                  ?      ?      ? ?    'X-RAY DIFFRACTION' ? 
r_nbtor_refined              0.317  0.200  ? 981  'X-RAY DIFFRACTION' ? 
r_nbtor_other                ?      ?      ? ?    'X-RAY DIFFRACTION' ? 
r_xyhbond_nbd_refined        0.157  0.200  ? 112  'X-RAY DIFFRACTION' ? 
r_xyhbond_nbd_other          ?      ?      ? ?    'X-RAY DIFFRACTION' ? 
r_metal_ion_refined          ?      ?      ? ?    'X-RAY DIFFRACTION' ? 
r_metal_ion_other            ?      ?      ? ?    'X-RAY DIFFRACTION' ? 
r_symmetry_vdw_refined       0.175  0.200  ? 20   'X-RAY DIFFRACTION' ? 
r_symmetry_vdw_other         ?      ?      ? ?    'X-RAY DIFFRACTION' ? 
r_symmetry_hbond_refined     0.188  0.200  ? 11   'X-RAY DIFFRACTION' ? 
r_symmetry_hbond_other       ?      ?      ? ?    'X-RAY DIFFRACTION' ? 
r_symmetry_metal_ion_refined ?      ?      ? ?    'X-RAY DIFFRACTION' ? 
r_symmetry_metal_ion_other   ?      ?      ? ?    'X-RAY DIFFRACTION' ? 
r_mcbond_it                  0.856  1.500  ? 858  'X-RAY DIFFRACTION' ? 
r_mcbond_other               ?      ?      ? ?    'X-RAY DIFFRACTION' ? 
r_mcangle_it                 1.149  2.000  ? 1348 'X-RAY DIFFRACTION' ? 
r_scbond_it                  2.055  3.000  ? 684  'X-RAY DIFFRACTION' ? 
r_scangle_it                 2.650  4.500  ? 608  'X-RAY DIFFRACTION' ? 
r_rigid_bond_restr           ?      ?      ? ?    'X-RAY DIFFRACTION' ? 
r_sphericity_free            ?      ?      ? ?    'X-RAY DIFFRACTION' ? 
r_sphericity_bonded          ?      ?      ? ?    'X-RAY DIFFRACTION' ? 
# 
_refine_ls_shell.pdbx_total_number_of_bins_used   20 
_refine_ls_shell.d_res_high                       1.370 
_refine_ls_shell.d_res_low                        1.406 
_refine_ls_shell.number_reflns_R_work             2241 
_refine_ls_shell.R_factor_R_work                  0.264 
_refine_ls_shell.percent_reflns_obs               97.44 
_refine_ls_shell.R_factor_R_free                  0.322 
_refine_ls_shell.R_factor_R_free_error            ? 
_refine_ls_shell.percent_reflns_R_free            ? 
_refine_ls_shell.number_reflns_R_free             118 
_refine_ls_shell.number_reflns_all                ? 
_refine_ls_shell.R_factor_all                     ? 
_refine_ls_shell.number_reflns_obs                ? 
_refine_ls_shell.redundancy_reflns_obs            ? 
_refine_ls_shell.pdbx_refine_id                   'X-RAY DIFFRACTION' 
# 
_struct.entry_id                  3CT5 
_struct.title                     
'Crystal and cryoEM structural studies of a cell wall degrading enzyme in the bacteriophage phi29 tail' 
_struct.pdbx_model_details        ? 
_struct.pdbx_CASP_flag            ? 
_struct.pdbx_model_type_details   ? 
# 
_struct_keywords.entry_id        3CT5 
_struct_keywords.pdbx_keywords   HYDROLASE 
_struct_keywords.text            'Cell wall, phi29, hydrolase, infection, Late protein' 
# 
loop_
_struct_asym.id 
_struct_asym.pdbx_blank_PDB_chainid_flag 
_struct_asym.pdbx_modified 
_struct_asym.entity_id 
_struct_asym.details 
A N N 1 ? 
B N N 2 ? 
C N N 3 ? 
# 
_struct_ref.id                         1 
_struct_ref.db_name                    UNP 
_struct_ref.db_code                    VG13_BPPH2 
_struct_ref.pdbx_db_accession          P15132 
_struct_ref.entity_id                  1 
_struct_ref.pdbx_seq_one_letter_code   
;MVYVSNKYLTMSEMKVNAQYILNYLSSNGWTKQAICGMLGNMQSESTINPGLWQNLDEGNTSLGFGLVQWTPASNYINWA
NSQGLPYKDMDSELKRIIWEVNNNAQWINLRDMTFKEYIKSTKTPRELAMIFLASYERPANPNQPERGDQAEYWYKNLS
;
_struct_ref.pdbx_align_begin           1 
_struct_ref.pdbx_db_isoform            ? 
# 
_struct_ref_seq.align_id                      1 
_struct_ref_seq.ref_id                        1 
_struct_ref_seq.pdbx_PDB_id_code              3CT5 
_struct_ref_seq.pdbx_strand_id                A 
_struct_ref_seq.seq_align_beg                 1 
_struct_ref_seq.pdbx_seq_align_beg_ins_code   ? 
_struct_ref_seq.seq_align_end                 159 
_struct_ref_seq.pdbx_seq_align_end_ins_code   ? 
_struct_ref_seq.pdbx_db_accession             P15132 
_struct_ref_seq.db_align_beg                  1 
_struct_ref_seq.pdbx_db_align_beg_ins_code    ? 
_struct_ref_seq.db_align_end                  159 
_struct_ref_seq.pdbx_db_align_end_ins_code    ? 
_struct_ref_seq.pdbx_auth_seq_align_beg       1 
_struct_ref_seq.pdbx_auth_seq_align_end       159 
# 
_struct_ref_seq_dif.align_id                     1 
_struct_ref_seq_dif.pdbx_pdb_id_code             3CT5 
_struct_ref_seq_dif.mon_id                       ASN 
_struct_ref_seq_dif.pdbx_pdb_strand_id           A 
_struct_ref_seq_dif.seq_num                      89 
_struct_ref_seq_dif.pdbx_pdb_ins_code            ? 
_struct_ref_seq_dif.pdbx_seq_db_name             UNP 
_struct_ref_seq_dif.pdbx_seq_db_accession_code   P15132 
_struct_ref_seq_dif.db_mon_id                    ASP 
_struct_ref_seq_dif.pdbx_seq_db_seq_num          89 
_struct_ref_seq_dif.details                      'SEE REMARK 999' 
_struct_ref_seq_dif.pdbx_auth_seq_num            89 
_struct_ref_seq_dif.pdbx_ordinal                 1 
# 
_pdbx_struct_assembly.id                   1 
_pdbx_struct_assembly.details              author_and_software_defined_assembly 
_pdbx_struct_assembly.method_details       PISA 
_pdbx_struct_assembly.oligomeric_details   monomeric 
_pdbx_struct_assembly.oligomeric_count     1 
# 
_pdbx_struct_assembly_gen.assembly_id       1 
_pdbx_struct_assembly_gen.oper_expression   1 
_pdbx_struct_assembly_gen.asym_id_list      A,B,C 
# 
_pdbx_struct_oper_list.id                   1 
_pdbx_struct_oper_list.type                 'identity operation' 
_pdbx_struct_oper_list.name                 1_555 
_pdbx_struct_oper_list.symmetry_operation   x,y,z 
_pdbx_struct_oper_list.matrix[1][1]         1.0000000000 
_pdbx_struct_oper_list.matrix[1][2]         0.0000000000 
_pdbx_struct_oper_list.matrix[1][3]         0.0000000000 
_pdbx_struct_oper_list.vector[1]            0.0000000000 
_pdbx_struct_oper_list.matrix[2][1]         0.0000000000 
_pdbx_struct_oper_list.matrix[2][2]         1.0000000000 
_pdbx_struct_oper_list.matrix[2][3]         0.0000000000 
_pdbx_struct_oper_list.vector[2]            0.0000000000 
_pdbx_struct_oper_list.matrix[3][1]         0.0000000000 
_pdbx_struct_oper_list.matrix[3][2]         0.0000000000 
_pdbx_struct_oper_list.matrix[3][3]         1.0000000000 
_pdbx_struct_oper_list.vector[3]            0.0000000000 
# 
_struct_biol.id        1 
_struct_biol.details   ? 
# 
loop_
_struct_conf.conf_type_id 
_struct_conf.id 
_struct_conf.pdbx_PDB_helix_id 
_struct_conf.beg_label_comp_id 
_struct_conf.beg_label_asym_id 
_struct_conf.beg_label_seq_id 
_struct_conf.pdbx_beg_PDB_ins_code 
_struct_conf.end_label_comp_id 
_struct_conf.end_label_asym_id 
_struct_conf.end_label_seq_id 
_struct_conf.pdbx_end_PDB_ins_code 
_struct_conf.beg_auth_comp_id 
_struct_conf.beg_auth_asym_id 
_struct_conf.beg_auth_seq_id 
_struct_conf.end_auth_comp_id 
_struct_conf.end_auth_asym_id 
_struct_conf.end_auth_seq_id 
_struct_conf.pdbx_PDB_helix_class 
_struct_conf.details 
_struct_conf.pdbx_PDB_helix_length 
HELX_P HELX_P1 1 THR A 10  ? SER A 27  ? THR A 10  SER A 27  1 ? 18 
HELX_P HELX_P2 2 THR A 31  ? THR A 47  ? THR A 31  THR A 47  1 ? 17 
HELX_P HELX_P3 3 TRP A 53  ? ASP A 57  ? TRP A 53  ASP A 57  5 ? 5  
HELX_P HELX_P4 4 ALA A 73  ? GLY A 84  ? ALA A 73  GLY A 84  1 ? 12 
HELX_P HELX_P5 5 ASN A 89  ? ASN A 104 ? ASN A 89  ASN A 104 1 ? 16 
HELX_P HELX_P6 6 THR A 114 ? SER A 121 ? THR A 114 SER A 121 1 ? 8  
HELX_P HELX_P7 7 THR A 124 ? TYR A 136 ? THR A 124 TYR A 136 1 ? 13 
HELX_P HELX_P8 8 PRO A 145 ? LEU A 158 ? PRO A 145 LEU A 158 1 ? 14 
# 
_struct_conf_type.id          HELX_P 
_struct_conf_type.criteria    ? 
_struct_conf_type.reference   ? 
# 
loop_
_struct_conn.id 
_struct_conn.conn_type_id 
_struct_conn.pdbx_leaving_atom_flag 
_struct_conn.pdbx_PDB_id 
_struct_conn.ptnr1_label_asym_id 
_struct_conn.ptnr1_label_comp_id 
_struct_conn.ptnr1_label_seq_id 
_struct_conn.ptnr1_label_atom_id 
_struct_conn.pdbx_ptnr1_label_alt_id 
_struct_conn.pdbx_ptnr1_PDB_ins_code 
_struct_conn.pdbx_ptnr1_standard_comp_id 
_struct_conn.ptnr1_symmetry 
_struct_conn.ptnr2_label_asym_id 
_struct_conn.ptnr2_label_comp_id 
_struct_conn.ptnr2_label_seq_id 
_struct_conn.ptnr2_label_atom_id 
_struct_conn.pdbx_ptnr2_label_alt_id 
_struct_conn.pdbx_ptnr2_PDB_ins_code 
_struct_conn.ptnr1_auth_asym_id 
_struct_conn.ptnr1_auth_comp_id 
_struct_conn.ptnr1_auth_seq_id 
_struct_conn.ptnr2_auth_asym_id 
_struct_conn.ptnr2_auth_comp_id 
_struct_conn.ptnr2_auth_seq_id 
_struct_conn.ptnr2_symmetry 
_struct_conn.pdbx_ptnr3_label_atom_id 
_struct_conn.pdbx_ptnr3_label_seq_id 
_struct_conn.pdbx_ptnr3_label_comp_id 
_struct_conn.pdbx_ptnr3_label_asym_id 
_struct_conn.pdbx_ptnr3_label_alt_id 
_struct_conn.pdbx_ptnr3_PDB_ins_code 
_struct_conn.details 
_struct_conn.pdbx_dist_value 
_struct_conn.pdbx_value_order 
_struct_conn.pdbx_role 
covale1 covale both ? B NAG . O4 ? ? ? 1_555 B NAG . C1 ? ? B NAG 1 B NAG 2 1_555 ? ? ? ? ? ? ? 1.432 ? ? 
covale2 covale both ? B NAG . O4 ? ? ? 1_555 B NAG . C1 ? ? B NAG 2 B NAG 3 1_555 ? ? ? ? ? ? ? 1.446 ? ? 
# 
_struct_conn_type.id          covale 
_struct_conn_type.criteria    ? 
_struct_conn_type.reference   ? 
# 
_struct_mon_prot_cis.pdbx_id                1 
_struct_mon_prot_cis.label_comp_id          THR 
_struct_mon_prot_cis.label_seq_id           71 
_struct_mon_prot_cis.label_asym_id          A 
_struct_mon_prot_cis.label_alt_id           . 
_struct_mon_prot_cis.pdbx_PDB_ins_code      ? 
_struct_mon_prot_cis.auth_comp_id           THR 
_struct_mon_prot_cis.auth_seq_id            71 
_struct_mon_prot_cis.auth_asym_id           A 
_struct_mon_prot_cis.pdbx_label_comp_id_2   PRO 
_struct_mon_prot_cis.pdbx_label_seq_id_2    72 
_struct_mon_prot_cis.pdbx_label_asym_id_2   A 
_struct_mon_prot_cis.pdbx_PDB_ins_code_2    ? 
_struct_mon_prot_cis.pdbx_auth_comp_id_2    PRO 
_struct_mon_prot_cis.pdbx_auth_seq_id_2     72 
_struct_mon_prot_cis.pdbx_auth_asym_id_2    A 
_struct_mon_prot_cis.pdbx_PDB_model_num     1 
_struct_mon_prot_cis.pdbx_omega_angle       1.37 
# 
_pdbx_validate_rmsd_angle.id                         1 
_pdbx_validate_rmsd_angle.PDB_model_num              1 
_pdbx_validate_rmsd_angle.auth_atom_id_1             C 
_pdbx_validate_rmsd_angle.auth_asym_id_1             A 
_pdbx_validate_rmsd_angle.auth_comp_id_1             GLN 
_pdbx_validate_rmsd_angle.auth_seq_id_1              144 
_pdbx_validate_rmsd_angle.PDB_ins_code_1             ? 
_pdbx_validate_rmsd_angle.label_alt_id_1             B 
_pdbx_validate_rmsd_angle.auth_atom_id_2             N 
_pdbx_validate_rmsd_angle.auth_asym_id_2             A 
_pdbx_validate_rmsd_angle.auth_comp_id_2             PRO 
_pdbx_validate_rmsd_angle.auth_seq_id_2              145 
_pdbx_validate_rmsd_angle.PDB_ins_code_2             ? 
_pdbx_validate_rmsd_angle.label_alt_id_2             B 
_pdbx_validate_rmsd_angle.auth_atom_id_3             CA 
_pdbx_validate_rmsd_angle.auth_asym_id_3             A 
_pdbx_validate_rmsd_angle.auth_comp_id_3             PRO 
_pdbx_validate_rmsd_angle.auth_seq_id_3              145 
_pdbx_validate_rmsd_angle.PDB_ins_code_3             ? 
_pdbx_validate_rmsd_angle.label_alt_id_3             B 
_pdbx_validate_rmsd_angle.angle_value                128.92 
_pdbx_validate_rmsd_angle.angle_target_value         119.30 
_pdbx_validate_rmsd_angle.angle_deviation            9.62 
_pdbx_validate_rmsd_angle.angle_standard_deviation   1.50 
_pdbx_validate_rmsd_angle.linker_flag                Y 
# 
_pdbx_validate_torsion.id              1 
_pdbx_validate_torsion.PDB_model_num   1 
_pdbx_validate_torsion.auth_comp_id    GLN 
_pdbx_validate_torsion.auth_asym_id    A 
_pdbx_validate_torsion.auth_seq_id     106 
_pdbx_validate_torsion.PDB_ins_code    ? 
_pdbx_validate_torsion.label_alt_id    ? 
_pdbx_validate_torsion.phi             78.10 
_pdbx_validate_torsion.psi             -46.71 
# 
_pdbx_molecule_features.prd_id    PRD_900017 
_pdbx_molecule_features.name      triacetyl-beta-chitotriose 
_pdbx_molecule_features.type      Oligosaccharide 
_pdbx_molecule_features.class     Inhibitor 
_pdbx_molecule_features.details   oligosaccharide 
# 
_pdbx_molecule.instance_id   1 
_pdbx_molecule.prd_id        PRD_900017 
_pdbx_molecule.asym_id       B 
# 
loop_
_pdbx_refine_tls.id 
_pdbx_refine_tls.details 
_pdbx_refine_tls.method 
_pdbx_refine_tls.origin_x 
_pdbx_refine_tls.origin_y 
_pdbx_refine_tls.origin_z 
_pdbx_refine_tls.T[1][1] 
_pdbx_refine_tls.T[2][2] 
_pdbx_refine_tls.T[3][3] 
_pdbx_refine_tls.T[1][2] 
_pdbx_refine_tls.T[1][3] 
_pdbx_refine_tls.T[2][3] 
_pdbx_refine_tls.L[1][1] 
_pdbx_refine_tls.L[2][2] 
_pdbx_refine_tls.L[3][3] 
_pdbx_refine_tls.L[1][2] 
_pdbx_refine_tls.L[1][3] 
_pdbx_refine_tls.L[2][3] 
_pdbx_refine_tls.S[1][1] 
_pdbx_refine_tls.S[1][2] 
_pdbx_refine_tls.S[1][3] 
_pdbx_refine_tls.S[2][1] 
_pdbx_refine_tls.S[2][2] 
_pdbx_refine_tls.S[2][3] 
_pdbx_refine_tls.S[3][1] 
_pdbx_refine_tls.S[3][2] 
_pdbx_refine_tls.S[3][3] 
_pdbx_refine_tls.pdbx_refine_id 
1 ? refined 0.5595  -0.3813 -0.1693 -0.1355 -0.1401 -0.1098 0.0081 -0.0115 -0.0283 2.1990  1.3356  2.5960  0.1010 -1.2978 -0.3742 -0.0912 0.1879  -0.2096 0.0451 -0.0601 0.0324 0.0185  -0.2243 0.1514 'X-RAY DIFFRACTION' 
2 ? refined -0.0118 7.7255  10.6815 0.0479  -0.0937 -0.0780 0.0009 -0.0311 -0.0292 15.0267 17.1562 26.7311 0.0377 -6.9673 1.3437  -0.0587 -0.8593 0.4689  0.7864 -0.1135 0.1590 -1.0839 -0.0095 0.1723 'X-RAY DIFFRACTION' 
# 
loop_
_pdbx_refine_tls_group.id 
_pdbx_refine_tls_group.refine_tls_id 
_pdbx_refine_tls_group.beg_auth_asym_id 
_pdbx_refine_tls_group.beg_auth_seq_id 
_pdbx_refine_tls_group.beg_label_asym_id 
_pdbx_refine_tls_group.beg_label_seq_id 
_pdbx_refine_tls_group.end_auth_asym_id 
_pdbx_refine_tls_group.end_auth_seq_id 
_pdbx_refine_tls_group.end_label_asym_id 
_pdbx_refine_tls_group.end_label_seq_id 
_pdbx_refine_tls_group.selection 
_pdbx_refine_tls_group.pdbx_refine_id 
_pdbx_refine_tls_group.selection_details 
1 1 A 1   A 1 A 159 A 159 ? 'X-RAY DIFFRACTION' ? 
2 2 A 201 B 1 A 203 B 3   ? 'X-RAY DIFFRACTION' ? 
# 
_pdbx_entry_details.sequence_details         
'AUTORS STATE THAT RESIDUE 89 SHOULD BE ASN ACCORDING TO THEIR SEQUENCING RESULTS OF THE GENE.' 
_pdbx_entry_details.entry_id                 3CT5 
_pdbx_entry_details.compound_details         ? 
_pdbx_entry_details.source_details           ? 
_pdbx_entry_details.nonpolymer_details       ? 
_pdbx_entry_details.has_ligand_of_interest   ? 
# 
loop_
_chem_comp_atom.comp_id 
_chem_comp_atom.atom_id 
_chem_comp_atom.type_symbol 
_chem_comp_atom.pdbx_aromatic_flag 
_chem_comp_atom.pdbx_stereo_config 
_chem_comp_atom.pdbx_ordinal 
ALA N    N N N 1   
ALA CA   C N S 2   
ALA C    C N N 3   
ALA O    O N N 4   
ALA CB   C N N 5   
ALA OXT  O N N 6   
ALA H    H N N 7   
ALA H2   H N N 8   
ALA HA   H N N 9   
ALA HB1  H N N 10  
ALA HB2  H N N 11  
ALA HB3  H N N 12  
ALA HXT  H N N 13  
ARG N    N N N 14  
ARG CA   C N S 15  
ARG C    C N N 16  
ARG O    O N N 17  
ARG CB   C N N 18  
ARG CG   C N N 19  
ARG CD   C N N 20  
ARG NE   N N N 21  
ARG CZ   C N N 22  
ARG NH1  N N N 23  
ARG NH2  N N N 24  
ARG OXT  O N N 25  
ARG H    H N N 26  
ARG H2   H N N 27  
ARG HA   H N N 28  
ARG HB2  H N N 29  
ARG HB3  H N N 30  
ARG HG2  H N N 31  
ARG HG3  H N N 32  
ARG HD2  H N N 33  
ARG HD3  H N N 34  
ARG HE   H N N 35  
ARG HH11 H N N 36  
ARG HH12 H N N 37  
ARG HH21 H N N 38  
ARG HH22 H N N 39  
ARG HXT  H N N 40  
ASN N    N N N 41  
ASN CA   C N S 42  
ASN C    C N N 43  
ASN O    O N N 44  
ASN CB   C N N 45  
ASN CG   C N N 46  
ASN OD1  O N N 47  
ASN ND2  N N N 48  
ASN OXT  O N N 49  
ASN H    H N N 50  
ASN H2   H N N 51  
ASN HA   H N N 52  
ASN HB2  H N N 53  
ASN HB3  H N N 54  
ASN HD21 H N N 55  
ASN HD22 H N N 56  
ASN HXT  H N N 57  
ASP N    N N N 58  
ASP CA   C N S 59  
ASP C    C N N 60  
ASP O    O N N 61  
ASP CB   C N N 62  
ASP CG   C N N 63  
ASP OD1  O N N 64  
ASP OD2  O N N 65  
ASP OXT  O N N 66  
ASP H    H N N 67  
ASP H2   H N N 68  
ASP HA   H N N 69  
ASP HB2  H N N 70  
ASP HB3  H N N 71  
ASP HD2  H N N 72  
ASP HXT  H N N 73  
CYS N    N N N 74  
CYS CA   C N R 75  
CYS C    C N N 76  
CYS O    O N N 77  
CYS CB   C N N 78  
CYS SG   S N N 79  
CYS OXT  O N N 80  
CYS H    H N N 81  
CYS H2   H N N 82  
CYS HA   H N N 83  
CYS HB2  H N N 84  
CYS HB3  H N N 85  
CYS HG   H N N 86  
CYS HXT  H N N 87  
GLN N    N N N 88  
GLN CA   C N S 89  
GLN C    C N N 90  
GLN O    O N N 91  
GLN CB   C N N 92  
GLN CG   C N N 93  
GLN CD   C N N 94  
GLN OE1  O N N 95  
GLN NE2  N N N 96  
GLN OXT  O N N 97  
GLN H    H N N 98  
GLN H2   H N N 99  
GLN HA   H N N 100 
GLN HB2  H N N 101 
GLN HB3  H N N 102 
GLN HG2  H N N 103 
GLN HG3  H N N 104 
GLN HE21 H N N 105 
GLN HE22 H N N 106 
GLN HXT  H N N 107 
GLU N    N N N 108 
GLU CA   C N S 109 
GLU C    C N N 110 
GLU O    O N N 111 
GLU CB   C N N 112 
GLU CG   C N N 113 
GLU CD   C N N 114 
GLU OE1  O N N 115 
GLU OE2  O N N 116 
GLU OXT  O N N 117 
GLU H    H N N 118 
GLU H2   H N N 119 
GLU HA   H N N 120 
GLU HB2  H N N 121 
GLU HB3  H N N 122 
GLU HG2  H N N 123 
GLU HG3  H N N 124 
GLU HE2  H N N 125 
GLU HXT  H N N 126 
GLY N    N N N 127 
GLY CA   C N N 128 
GLY C    C N N 129 
GLY O    O N N 130 
GLY OXT  O N N 131 
GLY H    H N N 132 
GLY H2   H N N 133 
GLY HA2  H N N 134 
GLY HA3  H N N 135 
GLY HXT  H N N 136 
HOH O    O N N 137 
HOH H1   H N N 138 
HOH H2   H N N 139 
ILE N    N N N 140 
ILE CA   C N S 141 
ILE C    C N N 142 
ILE O    O N N 143 
ILE CB   C N S 144 
ILE CG1  C N N 145 
ILE CG2  C N N 146 
ILE CD1  C N N 147 
ILE OXT  O N N 148 
ILE H    H N N 149 
ILE H2   H N N 150 
ILE HA   H N N 151 
ILE HB   H N N 152 
ILE HG12 H N N 153 
ILE HG13 H N N 154 
ILE HG21 H N N 155 
ILE HG22 H N N 156 
ILE HG23 H N N 157 
ILE HD11 H N N 158 
ILE HD12 H N N 159 
ILE HD13 H N N 160 
ILE HXT  H N N 161 
LEU N    N N N 162 
LEU CA   C N S 163 
LEU C    C N N 164 
LEU O    O N N 165 
LEU CB   C N N 166 
LEU CG   C N N 167 
LEU CD1  C N N 168 
LEU CD2  C N N 169 
LEU OXT  O N N 170 
LEU H    H N N 171 
LEU H2   H N N 172 
LEU HA   H N N 173 
LEU HB2  H N N 174 
LEU HB3  H N N 175 
LEU HG   H N N 176 
LEU HD11 H N N 177 
LEU HD12 H N N 178 
LEU HD13 H N N 179 
LEU HD21 H N N 180 
LEU HD22 H N N 181 
LEU HD23 H N N 182 
LEU HXT  H N N 183 
LYS N    N N N 184 
LYS CA   C N S 185 
LYS C    C N N 186 
LYS O    O N N 187 
LYS CB   C N N 188 
LYS CG   C N N 189 
LYS CD   C N N 190 
LYS CE   C N N 191 
LYS NZ   N N N 192 
LYS OXT  O N N 193 
LYS H    H N N 194 
LYS H2   H N N 195 
LYS HA   H N N 196 
LYS HB2  H N N 197 
LYS HB3  H N N 198 
LYS HG2  H N N 199 
LYS HG3  H N N 200 
LYS HD2  H N N 201 
LYS HD3  H N N 202 
LYS HE2  H N N 203 
LYS HE3  H N N 204 
LYS HZ1  H N N 205 
LYS HZ2  H N N 206 
LYS HZ3  H N N 207 
LYS HXT  H N N 208 
MET N    N N N 209 
MET CA   C N S 210 
MET C    C N N 211 
MET O    O N N 212 
MET CB   C N N 213 
MET CG   C N N 214 
MET SD   S N N 215 
MET CE   C N N 216 
MET OXT  O N N 217 
MET H    H N N 218 
MET H2   H N N 219 
MET HA   H N N 220 
MET HB2  H N N 221 
MET HB3  H N N 222 
MET HG2  H N N 223 
MET HG3  H N N 224 
MET HE1  H N N 225 
MET HE2  H N N 226 
MET HE3  H N N 227 
MET HXT  H N N 228 
NAG C1   C N R 229 
NAG C2   C N R 230 
NAG C3   C N R 231 
NAG C4   C N S 232 
NAG C5   C N R 233 
NAG C6   C N N 234 
NAG C7   C N N 235 
NAG C8   C N N 236 
NAG N2   N N N 237 
NAG O1   O N N 238 
NAG O3   O N N 239 
NAG O4   O N N 240 
NAG O5   O N N 241 
NAG O6   O N N 242 
NAG O7   O N N 243 
NAG H1   H N N 244 
NAG H2   H N N 245 
NAG H3   H N N 246 
NAG H4   H N N 247 
NAG H5   H N N 248 
NAG H61  H N N 249 
NAG H62  H N N 250 
NAG H81  H N N 251 
NAG H82  H N N 252 
NAG H83  H N N 253 
NAG HN2  H N N 254 
NAG HO1  H N N 255 
NAG HO3  H N N 256 
NAG HO4  H N N 257 
NAG HO6  H N N 258 
PHE N    N N N 259 
PHE CA   C N S 260 
PHE C    C N N 261 
PHE O    O N N 262 
PHE CB   C N N 263 
PHE CG   C Y N 264 
PHE CD1  C Y N 265 
PHE CD2  C Y N 266 
PHE CE1  C Y N 267 
PHE CE2  C Y N 268 
PHE CZ   C Y N 269 
PHE OXT  O N N 270 
PHE H    H N N 271 
PHE H2   H N N 272 
PHE HA   H N N 273 
PHE HB2  H N N 274 
PHE HB3  H N N 275 
PHE HD1  H N N 276 
PHE HD2  H N N 277 
PHE HE1  H N N 278 
PHE HE2  H N N 279 
PHE HZ   H N N 280 
PHE HXT  H N N 281 
PRO N    N N N 282 
PRO CA   C N S 283 
PRO C    C N N 284 
PRO O    O N N 285 
PRO CB   C N N 286 
PRO CG   C N N 287 
PRO CD   C N N 288 
PRO OXT  O N N 289 
PRO H    H N N 290 
PRO HA   H N N 291 
PRO HB2  H N N 292 
PRO HB3  H N N 293 
PRO HG2  H N N 294 
PRO HG3  H N N 295 
PRO HD2  H N N 296 
PRO HD3  H N N 297 
PRO HXT  H N N 298 
SER N    N N N 299 
SER CA   C N S 300 
SER C    C N N 301 
SER O    O N N 302 
SER CB   C N N 303 
SER OG   O N N 304 
SER OXT  O N N 305 
SER H    H N N 306 
SER H2   H N N 307 
SER HA   H N N 308 
SER HB2  H N N 309 
SER HB3  H N N 310 
SER HG   H N N 311 
SER HXT  H N N 312 
THR N    N N N 313 
THR CA   C N S 314 
THR C    C N N 315 
THR O    O N N 316 
THR CB   C N R 317 
THR OG1  O N N 318 
THR CG2  C N N 319 
THR OXT  O N N 320 
THR H    H N N 321 
THR H2   H N N 322 
THR HA   H N N 323 
THR HB   H N N 324 
THR HG1  H N N 325 
THR HG21 H N N 326 
THR HG22 H N N 327 
THR HG23 H N N 328 
THR HXT  H N N 329 
TRP N    N N N 330 
TRP CA   C N S 331 
TRP C    C N N 332 
TRP O    O N N 333 
TRP CB   C N N 334 
TRP CG   C Y N 335 
TRP CD1  C Y N 336 
TRP CD2  C Y N 337 
TRP NE1  N Y N 338 
TRP CE2  C Y N 339 
TRP CE3  C Y N 340 
TRP CZ2  C Y N 341 
TRP CZ3  C Y N 342 
TRP CH2  C Y N 343 
TRP OXT  O N N 344 
TRP H    H N N 345 
TRP H2   H N N 346 
TRP HA   H N N 347 
TRP HB2  H N N 348 
TRP HB3  H N N 349 
TRP HD1  H N N 350 
TRP HE1  H N N 351 
TRP HE3  H N N 352 
TRP HZ2  H N N 353 
TRP HZ3  H N N 354 
TRP HH2  H N N 355 
TRP HXT  H N N 356 
TYR N    N N N 357 
TYR CA   C N S 358 
TYR C    C N N 359 
TYR O    O N N 360 
TYR CB   C N N 361 
TYR CG   C Y N 362 
TYR CD1  C Y N 363 
TYR CD2  C Y N 364 
TYR CE1  C Y N 365 
TYR CE2  C Y N 366 
TYR CZ   C Y N 367 
TYR OH   O N N 368 
TYR OXT  O N N 369 
TYR H    H N N 370 
TYR H2   H N N 371 
TYR HA   H N N 372 
TYR HB2  H N N 373 
TYR HB3  H N N 374 
TYR HD1  H N N 375 
TYR HD2  H N N 376 
TYR HE1  H N N 377 
TYR HE2  H N N 378 
TYR HH   H N N 379 
TYR HXT  H N N 380 
VAL N    N N N 381 
VAL CA   C N S 382 
VAL C    C N N 383 
VAL O    O N N 384 
VAL CB   C N N 385 
VAL CG1  C N N 386 
VAL CG2  C N N 387 
VAL OXT  O N N 388 
VAL H    H N N 389 
VAL H2   H N N 390 
VAL HA   H N N 391 
VAL HB   H N N 392 
VAL HG11 H N N 393 
VAL HG12 H N N 394 
VAL HG13 H N N 395 
VAL HG21 H N N 396 
VAL HG22 H N N 397 
VAL HG23 H N N 398 
VAL HXT  H N N 399 
# 
loop_
_chem_comp_bond.comp_id 
_chem_comp_bond.atom_id_1 
_chem_comp_bond.atom_id_2 
_chem_comp_bond.value_order 
_chem_comp_bond.pdbx_aromatic_flag 
_chem_comp_bond.pdbx_stereo_config 
_chem_comp_bond.pdbx_ordinal 
ALA N   CA   sing N N 1   
ALA N   H    sing N N 2   
ALA N   H2   sing N N 3   
ALA CA  C    sing N N 4   
ALA CA  CB   sing N N 5   
ALA CA  HA   sing N N 6   
ALA C   O    doub N N 7   
ALA C   OXT  sing N N 8   
ALA CB  HB1  sing N N 9   
ALA CB  HB2  sing N N 10  
ALA CB  HB3  sing N N 11  
ALA OXT HXT  sing N N 12  
ARG N   CA   sing N N 13  
ARG N   H    sing N N 14  
ARG N   H2   sing N N 15  
ARG CA  C    sing N N 16  
ARG CA  CB   sing N N 17  
ARG CA  HA   sing N N 18  
ARG C   O    doub N N 19  
ARG C   OXT  sing N N 20  
ARG CB  CG   sing N N 21  
ARG CB  HB2  sing N N 22  
ARG CB  HB3  sing N N 23  
ARG CG  CD   sing N N 24  
ARG CG  HG2  sing N N 25  
ARG CG  HG3  sing N N 26  
ARG CD  NE   sing N N 27  
ARG CD  HD2  sing N N 28  
ARG CD  HD3  sing N N 29  
ARG NE  CZ   sing N N 30  
ARG NE  HE   sing N N 31  
ARG CZ  NH1  sing N N 32  
ARG CZ  NH2  doub N N 33  
ARG NH1 HH11 sing N N 34  
ARG NH1 HH12 sing N N 35  
ARG NH2 HH21 sing N N 36  
ARG NH2 HH22 sing N N 37  
ARG OXT HXT  sing N N 38  
ASN N   CA   sing N N 39  
ASN N   H    sing N N 40  
ASN N   H2   sing N N 41  
ASN CA  C    sing N N 42  
ASN CA  CB   sing N N 43  
ASN CA  HA   sing N N 44  
ASN C   O    doub N N 45  
ASN C   OXT  sing N N 46  
ASN CB  CG   sing N N 47  
ASN CB  HB2  sing N N 48  
ASN CB  HB3  sing N N 49  
ASN CG  OD1  doub N N 50  
ASN CG  ND2  sing N N 51  
ASN ND2 HD21 sing N N 52  
ASN ND2 HD22 sing N N 53  
ASN OXT HXT  sing N N 54  
ASP N   CA   sing N N 55  
ASP N   H    sing N N 56  
ASP N   H2   sing N N 57  
ASP CA  C    sing N N 58  
ASP CA  CB   sing N N 59  
ASP CA  HA   sing N N 60  
ASP C   O    doub N N 61  
ASP C   OXT  sing N N 62  
ASP CB  CG   sing N N 63  
ASP CB  HB2  sing N N 64  
ASP CB  HB3  sing N N 65  
ASP CG  OD1  doub N N 66  
ASP CG  OD2  sing N N 67  
ASP OD2 HD2  sing N N 68  
ASP OXT HXT  sing N N 69  
CYS N   CA   sing N N 70  
CYS N   H    sing N N 71  
CYS N   H2   sing N N 72  
CYS CA  C    sing N N 73  
CYS CA  CB   sing N N 74  
CYS CA  HA   sing N N 75  
CYS C   O    doub N N 76  
CYS C   OXT  sing N N 77  
CYS CB  SG   sing N N 78  
CYS CB  HB2  sing N N 79  
CYS CB  HB3  sing N N 80  
CYS SG  HG   sing N N 81  
CYS OXT HXT  sing N N 82  
GLN N   CA   sing N N 83  
GLN N   H    sing N N 84  
GLN N   H2   sing N N 85  
GLN CA  C    sing N N 86  
GLN CA  CB   sing N N 87  
GLN CA  HA   sing N N 88  
GLN C   O    doub N N 89  
GLN C   OXT  sing N N 90  
GLN CB  CG   sing N N 91  
GLN CB  HB2  sing N N 92  
GLN CB  HB3  sing N N 93  
GLN CG  CD   sing N N 94  
GLN CG  HG2  sing N N 95  
GLN CG  HG3  sing N N 96  
GLN CD  OE1  doub N N 97  
GLN CD  NE2  sing N N 98  
GLN NE2 HE21 sing N N 99  
GLN NE2 HE22 sing N N 100 
GLN OXT HXT  sing N N 101 
GLU N   CA   sing N N 102 
GLU N   H    sing N N 103 
GLU N   H2   sing N N 104 
GLU CA  C    sing N N 105 
GLU CA  CB   sing N N 106 
GLU CA  HA   sing N N 107 
GLU C   O    doub N N 108 
GLU C   OXT  sing N N 109 
GLU CB  CG   sing N N 110 
GLU CB  HB2  sing N N 111 
GLU CB  HB3  sing N N 112 
GLU CG  CD   sing N N 113 
GLU CG  HG2  sing N N 114 
GLU CG  HG3  sing N N 115 
GLU CD  OE1  doub N N 116 
GLU CD  OE2  sing N N 117 
GLU OE2 HE2  sing N N 118 
GLU OXT HXT  sing N N 119 
GLY N   CA   sing N N 120 
GLY N   H    sing N N 121 
GLY N   H2   sing N N 122 
GLY CA  C    sing N N 123 
GLY CA  HA2  sing N N 124 
GLY CA  HA3  sing N N 125 
GLY C   O    doub N N 126 
GLY C   OXT  sing N N 127 
GLY OXT HXT  sing N N 128 
HOH O   H1   sing N N 129 
HOH O   H2   sing N N 130 
ILE N   CA   sing N N 131 
ILE N   H    sing N N 132 
ILE N   H2   sing N N 133 
ILE CA  C    sing N N 134 
ILE CA  CB   sing N N 135 
ILE CA  HA   sing N N 136 
ILE C   O    doub N N 137 
ILE C   OXT  sing N N 138 
ILE CB  CG1  sing N N 139 
ILE CB  CG2  sing N N 140 
ILE CB  HB   sing N N 141 
ILE CG1 CD1  sing N N 142 
ILE CG1 HG12 sing N N 143 
ILE CG1 HG13 sing N N 144 
ILE CG2 HG21 sing N N 145 
ILE CG2 HG22 sing N N 146 
ILE CG2 HG23 sing N N 147 
ILE CD1 HD11 sing N N 148 
ILE CD1 HD12 sing N N 149 
ILE CD1 HD13 sing N N 150 
ILE OXT HXT  sing N N 151 
LEU N   CA   sing N N 152 
LEU N   H    sing N N 153 
LEU N   H2   sing N N 154 
LEU CA  C    sing N N 155 
LEU CA  CB   sing N N 156 
LEU CA  HA   sing N N 157 
LEU C   O    doub N N 158 
LEU C   OXT  sing N N 159 
LEU CB  CG   sing N N 160 
LEU CB  HB2  sing N N 161 
LEU CB  HB3  sing N N 162 
LEU CG  CD1  sing N N 163 
LEU CG  CD2  sing N N 164 
LEU CG  HG   sing N N 165 
LEU CD1 HD11 sing N N 166 
LEU CD1 HD12 sing N N 167 
LEU CD1 HD13 sing N N 168 
LEU CD2 HD21 sing N N 169 
LEU CD2 HD22 sing N N 170 
LEU CD2 HD23 sing N N 171 
LEU OXT HXT  sing N N 172 
LYS N   CA   sing N N 173 
LYS N   H    sing N N 174 
LYS N   H2   sing N N 175 
LYS CA  C    sing N N 176 
LYS CA  CB   sing N N 177 
LYS CA  HA   sing N N 178 
LYS C   O    doub N N 179 
LYS C   OXT  sing N N 180 
LYS CB  CG   sing N N 181 
LYS CB  HB2  sing N N 182 
LYS CB  HB3  sing N N 183 
LYS CG  CD   sing N N 184 
LYS CG  HG2  sing N N 185 
LYS CG  HG3  sing N N 186 
LYS CD  CE   sing N N 187 
LYS CD  HD2  sing N N 188 
LYS CD  HD3  sing N N 189 
LYS CE  NZ   sing N N 190 
LYS CE  HE2  sing N N 191 
LYS CE  HE3  sing N N 192 
LYS NZ  HZ1  sing N N 193 
LYS NZ  HZ2  sing N N 194 
LYS NZ  HZ3  sing N N 195 
LYS OXT HXT  sing N N 196 
MET N   CA   sing N N 197 
MET N   H    sing N N 198 
MET N   H2   sing N N 199 
MET CA  C    sing N N 200 
MET CA  CB   sing N N 201 
MET CA  HA   sing N N 202 
MET C   O    doub N N 203 
MET C   OXT  sing N N 204 
MET CB  CG   sing N N 205 
MET CB  HB2  sing N N 206 
MET CB  HB3  sing N N 207 
MET CG  SD   sing N N 208 
MET CG  HG2  sing N N 209 
MET CG  HG3  sing N N 210 
MET SD  CE   sing N N 211 
MET CE  HE1  sing N N 212 
MET CE  HE2  sing N N 213 
MET CE  HE3  sing N N 214 
MET OXT HXT  sing N N 215 
NAG C1  C2   sing N N 216 
NAG C1  O1   sing N N 217 
NAG C1  O5   sing N N 218 
NAG C1  H1   sing N N 219 
NAG C2  C3   sing N N 220 
NAG C2  N2   sing N N 221 
NAG C2  H2   sing N N 222 
NAG C3  C4   sing N N 223 
NAG C3  O3   sing N N 224 
NAG C3  H3   sing N N 225 
NAG C4  C5   sing N N 226 
NAG C4  O4   sing N N 227 
NAG C4  H4   sing N N 228 
NAG C5  C6   sing N N 229 
NAG C5  O5   sing N N 230 
NAG C5  H5   sing N N 231 
NAG C6  O6   sing N N 232 
NAG C6  H61  sing N N 233 
NAG C6  H62  sing N N 234 
NAG C7  C8   sing N N 235 
NAG C7  N2   sing N N 236 
NAG C7  O7   doub N N 237 
NAG C8  H81  sing N N 238 
NAG C8  H82  sing N N 239 
NAG C8  H83  sing N N 240 
NAG N2  HN2  sing N N 241 
NAG O1  HO1  sing N N 242 
NAG O3  HO3  sing N N 243 
NAG O4  HO4  sing N N 244 
NAG O6  HO6  sing N N 245 
PHE N   CA   sing N N 246 
PHE N   H    sing N N 247 
PHE N   H2   sing N N 248 
PHE CA  C    sing N N 249 
PHE CA  CB   sing N N 250 
PHE CA  HA   sing N N 251 
PHE C   O    doub N N 252 
PHE C   OXT  sing N N 253 
PHE CB  CG   sing N N 254 
PHE CB  HB2  sing N N 255 
PHE CB  HB3  sing N N 256 
PHE CG  CD1  doub Y N 257 
PHE CG  CD2  sing Y N 258 
PHE CD1 CE1  sing Y N 259 
PHE CD1 HD1  sing N N 260 
PHE CD2 CE2  doub Y N 261 
PHE CD2 HD2  sing N N 262 
PHE CE1 CZ   doub Y N 263 
PHE CE1 HE1  sing N N 264 
PHE CE2 CZ   sing Y N 265 
PHE CE2 HE2  sing N N 266 
PHE CZ  HZ   sing N N 267 
PHE OXT HXT  sing N N 268 
PRO N   CA   sing N N 269 
PRO N   CD   sing N N 270 
PRO N   H    sing N N 271 
PRO CA  C    sing N N 272 
PRO CA  CB   sing N N 273 
PRO CA  HA   sing N N 274 
PRO C   O    doub N N 275 
PRO C   OXT  sing N N 276 
PRO CB  CG   sing N N 277 
PRO CB  HB2  sing N N 278 
PRO CB  HB3  sing N N 279 
PRO CG  CD   sing N N 280 
PRO CG  HG2  sing N N 281 
PRO CG  HG3  sing N N 282 
PRO CD  HD2  sing N N 283 
PRO CD  HD3  sing N N 284 
PRO OXT HXT  sing N N 285 
SER N   CA   sing N N 286 
SER N   H    sing N N 287 
SER N   H2   sing N N 288 
SER CA  C    sing N N 289 
SER CA  CB   sing N N 290 
SER CA  HA   sing N N 291 
SER C   O    doub N N 292 
SER C   OXT  sing N N 293 
SER CB  OG   sing N N 294 
SER CB  HB2  sing N N 295 
SER CB  HB3  sing N N 296 
SER OG  HG   sing N N 297 
SER OXT HXT  sing N N 298 
THR N   CA   sing N N 299 
THR N   H    sing N N 300 
THR N   H2   sing N N 301 
THR CA  C    sing N N 302 
THR CA  CB   sing N N 303 
THR CA  HA   sing N N 304 
THR C   O    doub N N 305 
THR C   OXT  sing N N 306 
THR CB  OG1  sing N N 307 
THR CB  CG2  sing N N 308 
THR CB  HB   sing N N 309 
THR OG1 HG1  sing N N 310 
THR CG2 HG21 sing N N 311 
THR CG2 HG22 sing N N 312 
THR CG2 HG23 sing N N 313 
THR OXT HXT  sing N N 314 
TRP N   CA   sing N N 315 
TRP N   H    sing N N 316 
TRP N   H2   sing N N 317 
TRP CA  C    sing N N 318 
TRP CA  CB   sing N N 319 
TRP CA  HA   sing N N 320 
TRP C   O    doub N N 321 
TRP C   OXT  sing N N 322 
TRP CB  CG   sing N N 323 
TRP CB  HB2  sing N N 324 
TRP CB  HB3  sing N N 325 
TRP CG  CD1  doub Y N 326 
TRP CG  CD2  sing Y N 327 
TRP CD1 NE1  sing Y N 328 
TRP CD1 HD1  sing N N 329 
TRP CD2 CE2  doub Y N 330 
TRP CD2 CE3  sing Y N 331 
TRP NE1 CE2  sing Y N 332 
TRP NE1 HE1  sing N N 333 
TRP CE2 CZ2  sing Y N 334 
TRP CE3 CZ3  doub Y N 335 
TRP CE3 HE3  sing N N 336 
TRP CZ2 CH2  doub Y N 337 
TRP CZ2 HZ2  sing N N 338 
TRP CZ3 CH2  sing Y N 339 
TRP CZ3 HZ3  sing N N 340 
TRP CH2 HH2  sing N N 341 
TRP OXT HXT  sing N N 342 
TYR N   CA   sing N N 343 
TYR N   H    sing N N 344 
TYR N   H2   sing N N 345 
TYR CA  C    sing N N 346 
TYR CA  CB   sing N N 347 
TYR CA  HA   sing N N 348 
TYR C   O    doub N N 349 
TYR C   OXT  sing N N 350 
TYR CB  CG   sing N N 351 
TYR CB  HB2  sing N N 352 
TYR CB  HB3  sing N N 353 
TYR CG  CD1  doub Y N 354 
TYR CG  CD2  sing Y N 355 
TYR CD1 CE1  sing Y N 356 
TYR CD1 HD1  sing N N 357 
TYR CD2 CE2  doub Y N 358 
TYR CD2 HD2  sing N N 359 
TYR CE1 CZ   doub Y N 360 
TYR CE1 HE1  sing N N 361 
TYR CE2 CZ   sing Y N 362 
TYR CE2 HE2  sing N N 363 
TYR CZ  OH   sing N N 364 
TYR OH  HH   sing N N 365 
TYR OXT HXT  sing N N 366 
VAL N   CA   sing N N 367 
VAL N   H    sing N N 368 
VAL N   H2   sing N N 369 
VAL CA  C    sing N N 370 
VAL CA  CB   sing N N 371 
VAL CA  HA   sing N N 372 
VAL C   O    doub N N 373 
VAL C   OXT  sing N N 374 
VAL CB  CG1  sing N N 375 
VAL CB  CG2  sing N N 376 
VAL CB  HB   sing N N 377 
VAL CG1 HG11 sing N N 378 
VAL CG1 HG12 sing N N 379 
VAL CG1 HG13 sing N N 380 
VAL CG2 HG21 sing N N 381 
VAL CG2 HG22 sing N N 382 
VAL CG2 HG23 sing N N 383 
VAL OXT HXT  sing N N 384 
# 
loop_
_pdbx_entity_branch_list.entity_id 
_pdbx_entity_branch_list.comp_id 
_pdbx_entity_branch_list.num 
_pdbx_entity_branch_list.hetero 
2 NAG 1 n 
2 NAG 2 n 
2 NAG 3 n 
# 
_atom_sites.entry_id                    3CT5 
_atom_sites.fract_transf_matrix[1][1]   0.01330413 
_atom_sites.fract_transf_matrix[1][2]   -0.02564751 
_atom_sites.fract_transf_matrix[1][3]   0.01446843 
_atom_sites.fract_transf_matrix[2][1]   -0.01055669 
_atom_sites.fract_transf_matrix[2][2]   0.00008584 
_atom_sites.fract_transf_matrix[2][3]   0.00985935 
_atom_sites.fract_transf_matrix[3][1]   -0.00769035 
_atom_sites.fract_transf_matrix[3][2]   -0.00859218 
_atom_sites.fract_transf_matrix[3][3]   -0.00815947 
_atom_sites.fract_transf_vector[1]      0.033918 
_atom_sites.fract_transf_vector[2]      0.360809 
_atom_sites.fract_transf_vector[3]      0.260044 
# 
loop_
_atom_type.symbol 
C 
N 
O 
S 
# 
loop_
_atom_site.group_PDB 
_atom_site.id 
_atom_site.type_symbol 
_atom_site.label_atom_id 
_atom_site.label_alt_id 
_atom_site.label_comp_id 
_atom_site.label_asym_id 
_atom_site.label_entity_id 
_atom_site.label_seq_id 
_atom_site.pdbx_PDB_ins_code 
_atom_site.Cartn_x 
_atom_site.Cartn_y 
_atom_site.Cartn_z 
_atom_site.occupancy 
_atom_site.B_iso_or_equiv 
_atom_site.pdbx_formal_charge 
_atom_site.auth_seq_id 
_atom_site.auth_comp_id 
_atom_site.auth_asym_id 
_atom_site.auth_atom_id 
_atom_site.pdbx_PDB_model_num 
ATOM   1    N N   . MET A 1 1   ? 8.436   -4.201  -15.741 1.00 31.75 ? 1   MET A N   1 
ATOM   2    C CA  . MET A 1 1   ? 8.112   -2.827  -16.170 1.00 31.97 ? 1   MET A CA  1 
ATOM   3    C C   . MET A 1 1   ? 7.210   -2.248  -15.110 1.00 29.99 ? 1   MET A C   1 
ATOM   4    O O   . MET A 1 1   ? 6.137   -2.771  -14.863 1.00 30.36 ? 1   MET A O   1 
ATOM   5    C CB  . MET A 1 1   ? 7.372   -2.811  -17.501 1.00 30.99 ? 1   MET A CB  1 
ATOM   6    C CG  . MET A 1 1   ? 7.134   -1.395  -18.026 1.00 33.94 ? 1   MET A CG  1 
ATOM   7    S SD  . MET A 1 1   ? 6.247   -1.347  -19.595 1.00 38.72 ? 1   MET A SD  1 
ATOM   8    C CE  . MET A 1 1   ? 4.670   -1.944  -19.033 1.00 38.53 ? 1   MET A CE  1 
ATOM   9    N N   . VAL A 1 2   ? 7.676   -1.186  -14.458 1.00 27.13 ? 2   VAL A N   1 
ATOM   10   C CA  . VAL A 1 2   ? 6.862   -0.452  -13.476 1.00 27.06 ? 2   VAL A CA  1 
ATOM   11   C C   . VAL A 1 2   ? 7.093   1.051   -13.672 1.00 25.22 ? 2   VAL A C   1 
ATOM   12   O O   . VAL A 1 2   ? 8.127   1.458   -14.215 1.00 26.30 ? 2   VAL A O   1 
ATOM   13   C CB  . VAL A 1 2   ? 7.193   -0.865  -12.027 1.00 26.67 ? 2   VAL A CB  1 
ATOM   14   C CG1 . VAL A 1 2   ? 6.764   -2.308  -11.771 1.00 28.70 ? 2   VAL A CG1 1 
ATOM   15   C CG2 . VAL A 1 2   ? 8.682   -0.689  -11.708 1.00 28.03 ? 2   VAL A CG2 1 
ATOM   16   N N   . TYR A 1 3   ? 6.124   1.872   -13.235 1.00 25.28 ? 3   TYR A N   1 
ATOM   17   C CA  . TYR A 1 3   ? 6.244   3.325   -13.190 1.00 26.08 ? 3   TYR A CA  1 
ATOM   18   C C   . TYR A 1 3   ? 6.671   3.770   -11.802 1.00 26.50 ? 3   TYR A C   1 
ATOM   19   O O   . TYR A 1 3   ? 6.070   3.381   -10.806 1.00 27.25 ? 3   TYR A O   1 
ATOM   20   C CB  . TYR A 1 3   ? 4.883   3.958   -13.499 1.00 26.35 ? 3   TYR A CB  1 
ATOM   21   C CG  . TYR A 1 3   ? 4.448   3.728   -14.933 1.00 25.84 ? 3   TYR A CG  1 
ATOM   22   C CD1 . TYR A 1 3   ? 3.720   2.594   -15.279 1.00 28.21 ? 3   TYR A CD1 1 
ATOM   23   C CD2 . TYR A 1 3   ? 4.838   4.594   -15.927 1.00 25.09 ? 3   TYR A CD2 1 
ATOM   24   C CE1 . TYR A 1 3   ? 3.364   2.345   -16.617 1.00 27.50 ? 3   TYR A CE1 1 
ATOM   25   C CE2 . TYR A 1 3   ? 4.492   4.363   -17.274 1.00 25.86 ? 3   TYR A CE2 1 
ATOM   26   C CZ  . TYR A 1 3   ? 3.755   3.231   -17.586 1.00 25.23 ? 3   TYR A CZ  1 
ATOM   27   O OH  . TYR A 1 3   ? 3.378   2.977   -18.913 1.00 28.33 ? 3   TYR A OH  1 
ATOM   28   N N   . VAL A 1 4   ? 7.727   4.572   -11.736 1.00 25.70 ? 4   VAL A N   1 
ATOM   29   C CA  . VAL A 1 4   ? 8.263   5.055   -10.469 1.00 26.23 ? 4   VAL A CA  1 
ATOM   30   C C   . VAL A 1 4   ? 8.581   6.522   -10.699 1.00 26.12 ? 4   VAL A C   1 
ATOM   31   O O   . VAL A 1 4   ? 9.504   6.869   -11.412 1.00 26.13 ? 4   VAL A O   1 
ATOM   32   C CB  . VAL A 1 4   ? 9.545   4.297   -10.055 1.00 26.41 ? 4   VAL A CB  1 
ATOM   33   C CG1 . VAL A 1 4   ? 10.071  4.849   -8.723  1.00 28.64 ? 4   VAL A CG1 1 
ATOM   34   C CG2 . VAL A 1 4   ? 9.327   2.753   -9.942  1.00 28.11 ? 4   VAL A CG2 1 
ATOM   35   N N   . SER A 1 5   ? 7.820   7.387   -10.042 1.00 26.41 ? 5   SER A N   1 
ATOM   36   C CA  . SER A 1 5   ? 7.920   8.827   -10.274 1.00 26.08 ? 5   SER A CA  1 
ATOM   37   C C   . SER A 1 5   ? 7.211   9.616   -9.198  1.00 25.60 ? 5   SER A C   1 
ATOM   38   O O   . SER A 1 5   ? 6.466   9.057   -8.402  1.00 26.20 ? 5   SER A O   1 
ATOM   39   C CB  . SER A 1 5   ? 7.314   9.172   -11.620 1.00 27.35 ? 5   SER A CB  1 
ATOM   40   O OG  . SER A 1 5   ? 5.968   8.777   -11.644 1.00 27.61 ? 5   SER A OG  1 
ATOM   41   N N   . ASN A 1 6   ? 7.498   10.905  -9.138  1.00 25.76 ? 6   ASN A N   1 
ATOM   42   C CA  . ASN A 1 6   ? 6.822   11.838  -8.244  1.00 25.20 ? 6   ASN A CA  1 
ATOM   43   C C   . ASN A 1 6   ? 5.681   12.566  -8.962  1.00 25.91 ? 6   ASN A C   1 
ATOM   44   O O   . ASN A 1 6   ? 5.665   13.792  -9.059  1.00 26.20 ? 6   ASN A O   1 
ATOM   45   C CB  . ASN A 1 6   ? 7.834   12.836  -7.669  1.00 25.73 ? 6   ASN A CB  1 
ATOM   46   C CG  . ASN A 1 6   ? 7.234   13.715  -6.584  1.00 25.19 ? 6   ASN A CG  1 
ATOM   47   O OD1 . ASN A 1 6   ? 6.444   13.252  -5.785  1.00 24.74 ? 6   ASN A OD1 1 
ATOM   48   N ND2 . ASN A 1 6   ? 7.609   15.002  -6.569  1.00 25.76 ? 6   ASN A ND2 1 
ATOM   49   N N   . LYS A 1 7   ? 4.722   11.777  -9.408  1.00 26.95 ? 7   LYS A N   1 
ATOM   50   C CA  . LYS A 1 7   ? 3.642   12.267  -10.274 1.00 28.37 ? 7   LYS A CA  1 
ATOM   51   C C   . LYS A 1 7   ? 2.440   11.352  -10.090 1.00 25.72 ? 7   LYS A C   1 
ATOM   52   O O   . LYS A 1 7   ? 2.592   10.156  -9.826  1.00 27.84 ? 7   LYS A O   1 
ATOM   53   C CB  . LYS A 1 7   ? 4.137   12.222  -11.728 1.00 30.04 ? 7   LYS A CB  1 
ATOM   54   C CG  . LYS A 1 7   ? 3.154   12.596  -12.804 1.00 34.41 ? 7   LYS A CG  1 
ATOM   55   C CD  . LYS A 1 7   ? 3.840   12.441  -14.177 1.00 32.99 ? 7   LYS A CD  1 
ATOM   56   C CE  . LYS A 1 7   ? 2.970   12.984  -15.300 1.00 36.63 ? 7   LYS A CE  1 
ATOM   57   N NZ  . LYS A 1 7   ? 3.166   14.455  -15.426 1.00 39.93 ? 7   LYS A NZ  1 
ATOM   58   N N   . TYR A 1 8   ? 1.229   11.899  -10.213 1.00 25.53 ? 8   TYR A N   1 
ATOM   59   C CA  . TYR A 1 8   ? 0.058   11.051  -10.080 1.00 25.03 ? 8   TYR A CA  1 
ATOM   60   C C   . TYR A 1 8   ? -0.110  10.218  -11.335 1.00 26.00 ? 8   TYR A C   1 
ATOM   61   O O   . TYR A 1 8   ? 0.025   10.757  -12.425 1.00 26.35 ? 8   TYR A O   1 
ATOM   62   C CB  . TYR A 1 8   ? -1.226  11.864  -9.764  1.00 24.94 ? 8   TYR A CB  1 
ATOM   63   C CG  . TYR A 1 8   ? -1.056  12.547  -8.450  1.00 24.79 ? 8   TYR A CG  1 
ATOM   64   C CD1 . TYR A 1 8   ? -0.862  13.921  -8.371  1.00 23.68 ? 8   TYR A CD1 1 
ATOM   65   C CD2 . TYR A 1 8   ? -0.972  11.787  -7.262  1.00 25.23 ? 8   TYR A CD2 1 
ATOM   66   C CE1 . TYR A 1 8   ? -0.648  14.549  -7.174  1.00 25.72 ? 8   TYR A CE1 1 
ATOM   67   C CE2 . TYR A 1 8   ? -0.744  12.421  -6.061  1.00 23.53 ? 8   TYR A CE2 1 
ATOM   68   C CZ  . TYR A 1 8   ? -0.584  13.802  -6.015  1.00 23.90 ? 8   TYR A CZ  1 
ATOM   69   O OH  . TYR A 1 8   ? -0.350  14.419  -4.837  1.00 28.80 ? 8   TYR A OH  1 
ATOM   70   N N   . LEU A 1 9   ? -0.341  8.920   -11.161 1.00 25.07 ? 9   LEU A N   1 
ATOM   71   C CA  . LEU A 1 9   ? -0.463  7.958   -12.276 1.00 26.11 ? 9   LEU A CA  1 
ATOM   72   C C   . LEU A 1 9   ? -1.876  7.919   -12.789 1.00 26.33 ? 9   LEU A C   1 
ATOM   73   O O   . LEU A 1 9   ? -2.820  8.101   -12.023 1.00 27.14 ? 9   LEU A O   1 
ATOM   74   C CB  . LEU A 1 9   ? -0.037  6.547   -11.821 1.00 26.76 ? 9   LEU A CB  1 
ATOM   75   C CG  . LEU A 1 9   ? 1.448   6.374   -11.460 1.00 26.37 ? 9   LEU A CG  1 
ATOM   76   C CD1 . LEU A 1 9   ? 1.822   4.931   -11.195 1.00 26.26 ? 9   LEU A CD1 1 
ATOM   77   C CD2 . LEU A 1 9   ? 2.347   6.925   -12.551 1.00 27.24 ? 9   LEU A CD2 1 
ATOM   78   N N   . THR A 1 10  ? -1.996  7.640   -14.079 1.00 26.13 ? 10  THR A N   1 
ATOM   79   C CA  . THR A 1 10  ? -3.290  7.564   -14.731 1.00 25.95 ? 10  THR A CA  1 
ATOM   80   C C   . THR A 1 10  ? -3.799  6.193   -14.394 1.00 25.12 ? 10  THR A C   1 
ATOM   81   O O   . THR A 1 10  ? -3.076  5.347   -13.830 1.00 26.16 ? 10  THR A O   1 
ATOM   82   C CB  . THR A 1 10  ? -3.169  7.678   -16.249 1.00 25.43 ? 10  THR A CB  1 
ATOM   83   O OG1 . THR A 1 10  ? -2.349  6.574   -16.677 1.00 26.22 ? 10  THR A OG1 1 
ATOM   84   C CG2 . THR A 1 10  ? -2.543  9.031   -16.661 1.00 28.35 ? 10  THR A CG2 1 
ATOM   85   N N   . MET A 1 11  ? -5.045  5.922   -14.747 1.00 26.88 ? 11  MET A N   1 
ATOM   86   C CA  . MET A 1 11  ? -5.538  4.576   -14.490 1.00 26.72 ? 11  MET A CA  1 
ATOM   87   C C   . MET A 1 11  ? -4.762  3.475   -15.216 1.00 26.94 ? 11  MET A C   1 
ATOM   88   O O   . MET A 1 11  ? -4.606  2.375   -14.698 1.00 27.06 ? 11  MET A O   1 
ATOM   89   C CB  . MET A 1 11  ? -7.031  4.436   -14.838 1.00 28.58 ? 11  MET A CB  1 
ATOM   90   C CG  . MET A 1 11  ? -7.660  3.191   -14.153 1.00 33.51 ? 11  MET A CG  1 
ATOM   91   S SD  . MET A 1 11  ? -7.969  3.225   -12.335 1.00 42.58 ? 11  MET A SD  1 
ATOM   92   C CE  . MET A 1 11  ? -8.154  4.984   -12.231 1.00 28.41 ? 11  MET A CE  1 
ATOM   93   N N   . SER A 1 12  ? -4.327  3.758   -16.435 1.00 26.81 ? 12  SER A N   1 
ATOM   94   C CA  A SER A 1 12  ? -3.557  2.782   -17.210 0.50 26.40 ? 12  SER A CA  1 
ATOM   95   C CA  B SER A 1 12  ? -3.515  2.703   -17.166 0.50 27.22 ? 12  SER A CA  1 
ATOM   96   C C   . SER A 1 12  ? -2.207  2.485   -16.572 1.00 27.79 ? 12  SER A C   1 
ATOM   97   O O   . SER A 1 12  ? -1.783  1.350   -16.542 1.00 27.61 ? 12  SER A O   1 
ATOM   98   C CB  A SER A 1 12  ? -3.338  3.303   -18.640 0.50 25.93 ? 12  SER A CB  1 
ATOM   99   C CB  B SER A 1 12  ? -3.297  3.223   -18.595 0.50 27.08 ? 12  SER A CB  1 
ATOM   100  O OG  A SER A 1 12  ? -4.563  3.342   -19.364 0.50 25.68 ? 12  SER A OG  1 
ATOM   101  O OG  B SER A 1 12  ? -2.491  4.397   -18.596 0.50 31.98 ? 12  SER A OG  1 
ATOM   102  N N   . GLU A 1 13  ? -1.567  3.523   -16.061 1.00 25.86 ? 13  GLU A N   1 
ATOM   103  C CA  . GLU A 1 13  ? -0.261  3.369   -15.403 1.00 26.69 ? 13  GLU A CA  1 
ATOM   104  C C   . GLU A 1 13  ? -0.413  2.580   -14.107 1.00 26.63 ? 13  GLU A C   1 
ATOM   105  O O   . GLU A 1 13  ? 0.409   1.720   -13.805 1.00 26.57 ? 13  GLU A O   1 
ATOM   106  C CB  . GLU A 1 13  ? 0.404   4.733   -15.207 1.00 27.53 ? 13  GLU A CB  1 
ATOM   107  C CG  . GLU A 1 13  ? 0.785   5.408   -16.539 1.00 26.42 ? 13  GLU A CG  1 
ATOM   108  C CD  . GLU A 1 13  ? 1.029   6.898   -16.434 1.00 30.63 ? 13  GLU A CD  1 
ATOM   109  O OE1 . GLU A 1 13  ? 1.673   7.467   -17.353 1.00 32.21 ? 13  GLU A OE1 1 
ATOM   110  O OE2 . GLU A 1 13  ? 0.554   7.543   -15.463 1.00 28.77 ? 13  GLU A OE2 1 
ATOM   111  N N   . MET A 1 14  ? -1.453  2.893   -13.331 1.00 27.27 ? 14  MET A N   1 
ATOM   112  C CA  . MET A 1 14  ? -1.700  2.182   -12.071 1.00 27.18 ? 14  MET A CA  1 
ATOM   113  C C   . MET A 1 14  ? -1.902  0.717   -12.313 1.00 26.65 ? 14  MET A C   1 
ATOM   114  O O   . MET A 1 14  ? -1.447  -0.138  -11.562 1.00 28.73 ? 14  MET A O   1 
ATOM   115  C CB  . MET A 1 14  ? -2.931  2.733   -11.361 1.00 27.65 ? 14  MET A CB  1 
ATOM   116  C CG  . MET A 1 14  ? -2.651  4.018   -10.629 1.00 28.39 ? 14  MET A CG  1 
ATOM   117  S SD  . MET A 1 14  ? -3.988  4.488   -9.541  1.00 27.78 ? 14  MET A SD  1 
ATOM   118  C CE  . MET A 1 14  ? -4.889  5.609   -10.580 1.00 32.64 ? 14  MET A CE  1 
ATOM   119  N N   . LYS A 1 15  ? -2.588  0.426   -13.413 1.00 28.18 ? 15  LYS A N   1 
ATOM   120  C CA  . LYS A 1 15  ? -2.805  -0.950  -13.717 1.00 27.71 ? 15  LYS A CA  1 
ATOM   121  C C   . LYS A 1 15  ? -1.522  -1.777  -13.960 1.00 28.68 ? 15  LYS A C   1 
ATOM   122  O O   . LYS A 1 15  ? -1.426  -2.912  -13.542 1.00 28.00 ? 15  LYS A O   1 
ATOM   123  C CB  . LYS A 1 15  ? -3.719  -1.043  -14.925 1.00 28.55 ? 15  LYS A CB  1 
ATOM   124  C CG  . LYS A 1 15  ? -4.226  -2.428  -15.056 1.00 29.17 ? 15  LYS A CG  1 
ATOM   125  C CD  . LYS A 1 15  ? -5.041  -2.590  -16.280 1.00 30.45 ? 15  LYS A CD  1 
ATOM   126  C CE  . LYS A 1 15  ? -5.340  -4.055  -16.406 1.00 29.46 ? 15  LYS A CE  1 
ATOM   127  N NZ  . LYS A 1 15  ? -6.110  -4.280  -17.631 1.00 32.85 ? 15  LYS A NZ  1 
ATOM   128  N N   . VAL A 1 16  ? -0.549  -1.179  -14.632 1.00 27.31 ? 16  VAL A N   1 
ATOM   129  C CA  . VAL A 1 16  ? 0.762   -1.843  -14.787 1.00 27.14 ? 16  VAL A CA  1 
ATOM   130  C C   . VAL A 1 16  ? 1.405   -2.144  -13.402 1.00 27.65 ? 16  VAL A C   1 
ATOM   131  O O   . VAL A 1 16  ? 1.818   -3.249  -13.100 1.00 27.17 ? 16  VAL A O   1 
ATOM   132  C CB  . VAL A 1 16  ? 1.697   -0.960  -15.647 1.00 27.59 ? 16  VAL A CB  1 
ATOM   133  C CG1 . VAL A 1 16  ? 3.086   -1.577  -15.712 1.00 29.45 ? 16  VAL A CG1 1 
ATOM   134  C CG2 . VAL A 1 16  ? 1.136   -0.794  -17.108 1.00 26.20 ? 16  VAL A CG2 1 
ATOM   135  N N   . ASN A 1 17  ? 1.434   -1.141  -12.537 1.00 26.69 ? 17  ASN A N   1 
ATOM   136  C CA  . ASN A 1 17  ? 2.044   -1.335  -11.218 1.00 26.47 ? 17  ASN A CA  1 
ATOM   137  C C   . ASN A 1 17  ? 1.287   -2.336  -10.370 1.00 26.71 ? 17  ASN A C   1 
ATOM   138  O O   . ASN A 1 17  ? 1.881   -3.122  -9.655  1.00 27.77 ? 17  ASN A O   1 
ATOM   139  C CB  . ASN A 1 17  ? 2.167   0.008   -10.501 1.00 27.08 ? 17  ASN A CB  1 
ATOM   140  C CG  . ASN A 1 17  ? 3.291   0.829   -11.035 1.00 26.93 ? 17  ASN A CG  1 
ATOM   141  O OD1 . ASN A 1 17  ? 3.917   0.454   -12.035 1.00 28.02 ? 17  ASN A OD1 1 
ATOM   142  N ND2 . ASN A 1 17  ? 3.621   1.891   -10.349 1.00 26.43 ? 17  ASN A ND2 1 
ATOM   143  N N   . ALA A 1 18  ? -0.042  -2.278  -10.446 1.00 26.56 ? 18  ALA A N   1 
ATOM   144  C CA  . ALA A 1 18  ? -0.877  -3.132  -9.596  1.00 27.01 ? 18  ALA A CA  1 
ATOM   145  C C   . ALA A 1 18  ? -0.705  -4.606  -9.949  1.00 26.94 ? 18  ALA A C   1 
ATOM   146  O O   . ALA A 1 18  ? -0.596  -5.430  -9.084  1.00 27.10 ? 18  ALA A O   1 
ATOM   147  C CB  . ALA A 1 18  ? -2.352  -2.699  -9.669  1.00 26.90 ? 18  ALA A CB  1 
ATOM   148  N N   . GLN A 1 19  ? -0.643  -4.919  -11.254 1.00 26.21 ? 19  GLN A N   1 
ATOM   149  C CA  . GLN A 1 19  ? -0.381  -6.319  -11.620 1.00 26.57 ? 19  GLN A CA  1 
ATOM   150  C C   . GLN A 1 19  ? 0.971   -6.818  -11.148 1.00 28.05 ? 19  GLN A C   1 
ATOM   151  O O   . GLN A 1 19  ? 1.099   -7.936  -10.673 1.00 27.42 ? 19  GLN A O   1 
ATOM   152  C CB  . GLN A 1 19  ? -0.497  -6.555  -13.112 1.00 27.44 ? 19  GLN A CB  1 
ATOM   153  C CG  . GLN A 1 19  ? -0.300  -8.050  -13.490 1.00 26.51 ? 19  GLN A CG  1 
ATOM   154  C CD  . GLN A 1 19  ? -1.489  -8.941  -13.078 1.00 28.72 ? 19  GLN A CD  1 
ATOM   155  O OE1 . GLN A 1 19  ? -1.322  -9.927  -12.369 1.00 31.57 ? 19  GLN A OE1 1 
ATOM   156  N NE2 . GLN A 1 19  ? -2.674  -8.550  -13.493 1.00 26.59 ? 19  GLN A NE2 1 
ATOM   157  N N   . TYR A 1 20  ? 1.976   -5.942  -11.225 1.00 27.22 ? 20  TYR A N   1 
ATOM   158  C CA  . TYR A 1 20  ? 3.302   -6.306  -10.731 1.00 27.61 ? 20  TYR A CA  1 
ATOM   159  C C   . TYR A 1 20  ? 3.278   -6.690  -9.243  1.00 27.17 ? 20  TYR A C   1 
ATOM   160  O O   . TYR A 1 20  ? 3.878   -7.679  -8.816  1.00 26.81 ? 20  TYR A O   1 
ATOM   161  C CB  . TYR A 1 20  ? 4.299   -5.179  -10.991 1.00 28.00 ? 20  TYR A CB  1 
ATOM   162  C CG  . TYR A 1 20  ? 5.706   -5.516  -10.564 1.00 28.77 ? 20  TYR A CG  1 
ATOM   163  C CD1 . TYR A 1 20  ? 6.100   -5.386  -9.226  1.00 27.00 ? 20  TYR A CD1 1 
ATOM   164  C CD2 . TYR A 1 20  ? 6.649   -5.968  -11.498 1.00 28.51 ? 20  TYR A CD2 1 
ATOM   165  C CE1 . TYR A 1 20  ? 7.358   -5.699  -8.836  1.00 28.24 ? 20  TYR A CE1 1 
ATOM   166  C CE2 . TYR A 1 20  ? 7.935   -6.287  -11.108 1.00 29.28 ? 20  TYR A CE2 1 
ATOM   167  C CZ  . TYR A 1 20  ? 8.286   -6.155  -9.782  1.00 29.56 ? 20  TYR A CZ  1 
ATOM   168  O OH  . TYR A 1 20  ? 9.578   -6.473  -9.397  1.00 30.16 ? 20  TYR A OH  1 
ATOM   169  N N   . ILE A 1 21  ? 2.616   -5.847  -8.448  1.00 26.85 ? 21  ILE A N   1 
ATOM   170  C CA  . ILE A 1 21  ? 2.515   -6.072  -6.992  1.00 27.15 ? 21  ILE A CA  1 
ATOM   171  C C   . ILE A 1 21  ? 1.800   -7.382  -6.714  1.00 26.98 ? 21  ILE A C   1 
ATOM   172  O O   . ILE A 1 21  ? 2.222   -8.158  -5.873  1.00 28.02 ? 21  ILE A O   1 
ATOM   173  C CB  . ILE A 1 21  ? 1.851   -4.830  -6.300  1.00 27.13 ? 21  ILE A CB  1 
ATOM   174  C CG1 . ILE A 1 21  ? 2.821   -3.648  -6.421  1.00 27.06 ? 21  ILE A CG1 1 
ATOM   175  C CG2 . ILE A 1 21  ? 1.421   -5.120  -4.862  1.00 27.72 ? 21  ILE A CG2 1 
ATOM   176  C CD1 . ILE A 1 21  ? 2.122   -2.290  -6.204  1.00 29.14 ? 21  ILE A CD1 1 
ATOM   177  N N   . LEU A 1 22  ? 0.728   -7.627  -7.454  1.00 27.64 ? 22  LEU A N   1 
ATOM   178  C CA  . LEU A 1 22  ? -0.016  -8.865  -7.210  1.00 28.28 ? 22  LEU A CA  1 
ATOM   179  C C   . LEU A 1 22  ? 0.835   -10.131 -7.468  1.00 27.32 ? 22  LEU A C   1 
ATOM   180  O O   . LEU A 1 22  ? 0.886   -11.042 -6.652  1.00 28.28 ? 22  LEU A O   1 
ATOM   181  C CB  . LEU A 1 22  ? -1.254  -8.877  -8.092  1.00 27.77 ? 22  LEU A CB  1 
ATOM   182  C CG  . LEU A 1 22  ? -2.534  -9.698  -7.807  1.00 32.51 ? 22  LEU A CG  1 
ATOM   183  C CD1 . LEU A 1 22  ? -3.174  -10.035 -9.116  1.00 31.84 ? 22  LEU A CD1 1 
ATOM   184  C CD2 . LEU A 1 22  ? -2.437  -10.915 -6.839  1.00 32.54 ? 22  LEU A CD2 1 
ATOM   185  N N   . ASN A 1 23  ? 1.593   -10.113 -8.577  1.00 27.89 ? 23  ASN A N   1 
ATOM   186  C CA  . ASN A 1 23  ? 2.503   -11.227 -8.888  1.00 27.81 ? 23  ASN A CA  1 
ATOM   187  C C   . ASN A 1 23  ? 3.549   -11.395 -7.797  1.00 27.87 ? 23  ASN A C   1 
ATOM   188  O O   . ASN A 1 23  ? 3.819   -12.506 -7.328  1.00 28.64 ? 23  ASN A O   1 
ATOM   189  C CB  . ASN A 1 23  ? 3.171   -11.033 -10.254 1.00 28.59 ? 23  ASN A CB  1 
ATOM   190  C CG  . ASN A 1 23  ? 2.181   -10.999 -11.423 1.00 30.70 ? 23  ASN A CG  1 
ATOM   191  O OD1 . ASN A 1 23  ? 2.525   -10.508 -12.514 1.00 36.56 ? 23  ASN A OD1 1 
ATOM   192  N ND2 . ASN A 1 23  ? 0.957   -11.507 -11.217 1.00 29.84 ? 23  ASN A ND2 1 
ATOM   193  N N   . TYR A 1 24  ? 4.162   -10.274 -7.359  1.00 26.81 ? 24  TYR A N   1 
ATOM   194  C CA  . TYR A 1 24  ? 5.228   -10.353 -6.367  1.00 28.22 ? 24  TYR A CA  1 
ATOM   195  C C   . TYR A 1 24  ? 4.721   -10.948 -5.023  1.00 28.05 ? 24  TYR A C   1 
ATOM   196  O O   . TYR A 1 24  ? 5.337   -11.836 -4.377  1.00 28.03 ? 24  TYR A O   1 
ATOM   197  C CB  . TYR A 1 24  ? 5.841   -8.936  -6.166  1.00 28.39 ? 24  TYR A CB  1 
ATOM   198  C CG  . TYR A 1 24  ? 7.124   -8.895  -5.388  1.00 29.44 ? 24  TYR A CG  1 
ATOM   199  C CD1 . TYR A 1 24  ? 7.135   -8.905  -4.013  1.00 30.62 ? 24  TYR A CD1 1 
ATOM   200  C CD2 . TYR A 1 24  ? 8.342   -8.803  -6.066  1.00 29.88 ? 24  TYR A CD2 1 
ATOM   201  C CE1 . TYR A 1 24  ? 8.352   -8.879  -3.309  1.00 31.55 ? 24  TYR A CE1 1 
ATOM   202  C CE2 . TYR A 1 24  ? 9.543   -8.752  -5.379  1.00 33.69 ? 24  TYR A CE2 1 
ATOM   203  C CZ  . TYR A 1 24  ? 9.540   -8.791  -4.009  1.00 32.05 ? 24  TYR A CZ  1 
ATOM   204  O OH  . TYR A 1 24  ? 10.731  -8.756  -3.292  1.00 34.42 ? 24  TYR A OH  1 
ATOM   205  N N   . LEU A 1 25  ? 3.618   -10.379 -4.542  1.00 27.60 ? 25  LEU A N   1 
ATOM   206  C CA  . LEU A 1 25  ? 3.152   -10.764 -3.232  1.00 27.76 ? 25  LEU A CA  1 
ATOM   207  C C   . LEU A 1 25  ? 2.519   -12.175 -3.174  1.00 27.49 ? 25  LEU A C   1 
ATOM   208  O O   . LEU A 1 25  ? 2.598   -12.856 -2.138  1.00 28.42 ? 25  LEU A O   1 
ATOM   209  C CB  . LEU A 1 25  ? 2.222   -9.683  -2.678  1.00 27.28 ? 25  LEU A CB  1 
ATOM   210  C CG  . LEU A 1 25  ? 3.004   -8.415  -2.277  1.00 27.46 ? 25  LEU A CG  1 
ATOM   211  C CD1 . LEU A 1 25  ? 1.985   -7.357  -1.850  1.00 28.29 ? 25  LEU A CD1 1 
ATOM   212  C CD2 . LEU A 1 25  ? 3.999   -8.692  -1.159  1.00 31.14 ? 25  LEU A CD2 1 
ATOM   213  N N   . SER A 1 26  ? 1.930   -12.585 -4.291  1.00 28.54 ? 26  SER A N   1 
ATOM   214  C CA  . SER A 1 26  ? 1.441   -13.964 -4.448  1.00 29.00 ? 26  SER A CA  1 
ATOM   215  C C   . SER A 1 26  ? 2.551   -15.009 -4.238  1.00 28.90 ? 26  SER A C   1 
ATOM   216  O O   . SER A 1 26  ? 2.313   -16.056 -3.632  1.00 29.81 ? 26  SER A O   1 
ATOM   217  C CB  . SER A 1 26  ? 0.819   -14.149 -5.829  1.00 29.28 ? 26  SER A CB  1 
ATOM   218  O OG  . SER A 1 26  ? -0.355  -13.376 -6.000  1.00 31.99 ? 26  SER A OG  1 
ATOM   219  N N   . SER A 1 27  ? 3.773   -14.715 -4.691  1.00 28.90 ? 27  SER A N   1 
ATOM   220  C CA  . SER A 1 27  ? 4.922   -15.602 -4.456  1.00 29.65 ? 27  SER A CA  1 
ATOM   221  C C   . SER A 1 27  ? 5.365   -15.644 -3.007  1.00 29.72 ? 27  SER A C   1 
ATOM   222  O O   . SER A 1 27  ? 6.093   -16.545 -2.590  1.00 29.68 ? 27  SER A O   1 
ATOM   223  C CB  . SER A 1 27  ? 6.098   -15.216 -5.355  1.00 30.73 ? 27  SER A CB  1 
ATOM   224  O OG  . SER A 1 27  ? 5.656   -15.158 -6.701  1.00 34.74 ? 27  SER A OG  1 
ATOM   225  N N   . ASN A 1 28  ? 4.916   -14.659 -2.222  1.00 29.88 ? 28  ASN A N   1 
ATOM   226  C CA  . ASN A 1 28  ? 5.286   -14.595 -0.820  1.00 30.90 ? 28  ASN A CA  1 
ATOM   227  C C   . ASN A 1 28  ? 4.125   -14.889 0.108   1.00 31.87 ? 28  ASN A C   1 
ATOM   228  O O   . ASN A 1 28  ? 4.114   -14.447 1.273   1.00 33.76 ? 28  ASN A O   1 
ATOM   229  C CB  . ASN A 1 28  ? 5.873   -13.223 -0.503  1.00 31.35 ? 28  ASN A CB  1 
ATOM   230  C CG  . ASN A 1 28  ? 7.272   -13.054 -1.044  1.00 33.22 ? 28  ASN A CG  1 
ATOM   231  O OD1 . ASN A 1 28  ? 8.270   -13.372 -0.379  1.00 31.83 ? 28  ASN A OD1 1 
ATOM   232  N ND2 . ASN A 1 28  ? 7.359   -12.505 -2.241  1.00 30.73 ? 28  ASN A ND2 1 
ATOM   233  N N   . GLY A 1 29  ? 3.128   -15.598 -0.413  1.00 30.97 ? 29  GLY A N   1 
ATOM   234  C CA  . GLY A 1 29  ? 2.105   -16.182 0.424   1.00 30.71 ? 29  GLY A CA  1 
ATOM   235  C C   . GLY A 1 29  ? 0.860   -15.327 0.631   1.00 29.52 ? 29  GLY A C   1 
ATOM   236  O O   . GLY A 1 29  ? -0.014  -15.699 1.401   1.00 31.55 ? 29  GLY A O   1 
ATOM   237  N N   . TRP A 1 30  ? 0.734   -14.193 -0.052  1.00 27.88 ? 30  TRP A N   1 
ATOM   238  C CA  . TRP A 1 30  ? -0.490  -13.389 0.131   1.00 28.16 ? 30  TRP A CA  1 
ATOM   239  C C   . TRP A 1 30  ? -1.655  -13.804 -0.798  1.00 28.60 ? 30  TRP A C   1 
ATOM   240  O O   . TRP A 1 30  ? -1.444  -14.134 -1.973  1.00 28.19 ? 30  TRP A O   1 
ATOM   241  C CB  . TRP A 1 30  ? -0.191  -11.909 -0.113  1.00 27.79 ? 30  TRP A CB  1 
ATOM   242  C CG  . TRP A 1 30  ? 0.751   -11.190 0.803   1.00 26.33 ? 30  TRP A CG  1 
ATOM   243  C CD1 . TRP A 1 30  ? 1.961   -11.606 1.280   1.00 27.51 ? 30  TRP A CD1 1 
ATOM   244  C CD2 . TRP A 1 30  ? 0.577   -9.838  1.256   1.00 27.30 ? 30  TRP A CD2 1 
ATOM   245  N NE1 . TRP A 1 30  ? 2.552   -10.594 2.057   1.00 28.79 ? 30  TRP A NE1 1 
ATOM   246  C CE2 . TRP A 1 30  ? 1.710   -9.508  2.040   1.00 27.90 ? 30  TRP A CE2 1 
ATOM   247  C CE3 . TRP A 1 30  ? -0.444  -8.893  1.105   1.00 29.07 ? 30  TRP A CE3 1 
ATOM   248  C CZ2 . TRP A 1 30  ? 1.851   -8.247  2.659   1.00 26.84 ? 30  TRP A CZ2 1 
ATOM   249  C CZ3 . TRP A 1 30  ? -0.301  -7.647  1.730   1.00 29.35 ? 30  TRP A CZ3 1 
ATOM   250  C CH2 . TRP A 1 30  ? 0.837   -7.353  2.482   1.00 28.54 ? 30  TRP A CH2 1 
ATOM   251  N N   . THR A 1 31  ? -2.888  -13.740 -0.295  1.00 27.52 ? 31  THR A N   1 
ATOM   252  C CA  . THR A 1 31  ? -4.062  -13.944 -1.162  1.00 27.30 ? 31  THR A CA  1 
ATOM   253  C C   . THR A 1 31  ? -4.326  -12.767 -2.094  1.00 27.34 ? 31  THR A C   1 
ATOM   254  O O   . THR A 1 31  ? -3.949  -11.632 -1.773  1.00 26.69 ? 31  THR A O   1 
ATOM   255  C CB  . THR A 1 31  ? -5.345  -14.195 -0.344  1.00 27.56 ? 31  THR A CB  1 
ATOM   256  O OG1 . THR A 1 31  ? -5.678  -13.004 0.396   1.00 28.18 ? 31  THR A OG1 1 
ATOM   257  C CG2 . THR A 1 31  ? -5.104  -15.345 0.623   1.00 26.69 ? 31  THR A CG2 1 
ATOM   258  N N   . LYS A 1 32  ? -4.997  -13.007 -3.223  1.00 26.59 ? 32  LYS A N   1 
ATOM   259  C CA  . LYS A 1 32  ? -5.387  -11.981 -4.151  1.00 26.84 ? 32  LYS A CA  1 
ATOM   260  C C   . LYS A 1 32  ? -6.294  -10.956 -3.463  1.00 26.45 ? 32  LYS A C   1 
ATOM   261  O O   . LYS A 1 32  ? -6.203  -9.760  -3.732  1.00 26.43 ? 32  LYS A O   1 
ATOM   262  C CB  . LYS A 1 32  ? -6.101  -12.596 -5.369  1.00 26.01 ? 32  LYS A CB  1 
ATOM   263  C CG  . LYS A 1 32  ? -6.420  -11.602 -6.425  1.00 27.28 ? 32  LYS A CG  1 
ATOM   264  C CD  . LYS A 1 32  ? -7.022  -12.251 -7.675  1.00 25.80 ? 32  LYS A CD  1 
ATOM   265  C CE  . LYS A 1 32  ? -7.341  -11.218 -8.720  1.00 29.21 ? 32  LYS A CE  1 
ATOM   266  N NZ  . LYS A 1 32  ? -7.738  -11.910 -9.986  1.00 30.25 ? 32  LYS A NZ  1 
ATOM   267  N N   . GLN A 1 33  ? -7.204  -11.444 -2.608  1.00 25.91 ? 33  GLN A N   1 
ATOM   268  C CA  . GLN A 1 33  ? -8.091  -10.516 -1.868  1.00 26.04 ? 33  GLN A CA  1 
ATOM   269  C C   . GLN A 1 33  ? -7.326  -9.520  -0.955  1.00 25.79 ? 33  GLN A C   1 
ATOM   270  O O   . GLN A 1 33  ? -7.632  -8.335  -0.965  1.00 26.65 ? 33  GLN A O   1 
ATOM   271  C CB  . GLN A 1 33  ? -9.145  -11.260 -1.025  1.00 24.58 ? 33  GLN A CB  1 
ATOM   272  C CG  . GLN A 1 33  ? -10.165 -12.073 -1.852  1.00 26.08 ? 33  GLN A CG  1 
ATOM   273  C CD  . GLN A 1 33  ? -9.735  -13.518 -2.098  1.00 27.32 ? 33  GLN A CD  1 
ATOM   274  O OE1 . GLN A 1 33  ? -8.542  -13.863 -2.096  1.00 27.80 ? 33  GLN A OE1 1 
ATOM   275  N NE2 . GLN A 1 33  ? -10.732 -14.387 -2.328  1.00 27.71 ? 33  GLN A NE2 1 
ATOM   276  N N   . ALA A 1 34  ? -6.362  -10.046 -0.212  1.00 26.82 ? 34  ALA A N   1 
ATOM   277  C CA  . ALA A 1 34  ? -5.519  -9.243  0.685   1.00 26.27 ? 34  ALA A CA  1 
ATOM   278  C C   . ALA A 1 34  ? -4.667  -8.274  -0.112  1.00 26.58 ? 34  ALA A C   1 
ATOM   279  O O   . ALA A 1 34  ? -4.564  -7.104  0.227   1.00 26.03 ? 34  ALA A O   1 
ATOM   280  C CB  . ALA A 1 34  ? -4.657  -10.135 1.516   1.00 27.03 ? 34  ALA A CB  1 
ATOM   281  N N   . ILE A 1 35  ? -4.066  -8.747  -1.190  1.00 26.43 ? 35  ILE A N   1 
ATOM   282  C CA  . ILE A 1 35  ? -3.341  -7.862  -2.064  1.00 26.67 ? 35  ILE A CA  1 
ATOM   283  C C   . ILE A 1 35  ? -4.216  -6.740  -2.592  1.00 25.70 ? 35  ILE A C   1 
ATOM   284  O O   . ILE A 1 35  ? -3.827  -5.577  -2.545  1.00 26.68 ? 35  ILE A O   1 
ATOM   285  C CB  . ILE A 1 35  ? -2.628  -8.649  -3.213  1.00 27.14 ? 35  ILE A CB  1 
ATOM   286  C CG1 . ILE A 1 35  ? -1.612  -9.626  -2.600  1.00 27.07 ? 35  ILE A CG1 1 
ATOM   287  C CG2 . ILE A 1 35  ? -1.933  -7.661  -4.160  1.00 27.34 ? 35  ILE A CG2 1 
ATOM   288  C CD1 . ILE A 1 35  ? -1.100  -10.757 -3.582  1.00 27.72 ? 35  ILE A CD1 1 
ATOM   289  N N   . CYS A 1 36  ? -5.416  -7.052  -3.094  1.00 25.74 ? 36  CYS A N   1 
ATOM   290  C CA  . CYS A 1 36  ? -6.302  -6.017  -3.670  1.00 26.51 ? 36  CYS A CA  1 
ATOM   291  C C   . CYS A 1 36  ? -6.840  -5.004  -2.631  1.00 25.38 ? 36  CYS A C   1 
ATOM   292  O O   . CYS A 1 36  ? -6.956  -3.832  -2.924  1.00 27.44 ? 36  CYS A O   1 
ATOM   293  C CB  . CYS A 1 36  ? -7.445  -6.648  -4.540  1.00 25.18 ? 36  CYS A CB  1 
ATOM   294  S SG  . CYS A 1 36  ? -6.803  -7.401  -6.066  1.00 27.11 ? 36  CYS A SG  1 
ATOM   295  N N   . GLY A 1 37  ? -7.125  -5.512  -1.456  1.00 26.75 ? 37  GLY A N   1 
ATOM   296  C CA  . GLY A 1 37  ? -7.441  -4.656  -0.317  1.00 25.83 ? 37  GLY A CA  1 
ATOM   297  C C   . GLY A 1 37  ? -6.326  -3.646  -0.076  1.00 26.96 ? 37  GLY A C   1 
ATOM   298  O O   . GLY A 1 37  ? -6.614  -2.450  0.097   1.00 27.31 ? 37  GLY A O   1 
ATOM   299  N N   . MET A 1 38  ? -5.065  -4.109  -0.118  1.00 26.98 ? 38  MET A N   1 
ATOM   300  C CA  . MET A 1 38  ? -3.934  -3.193  0.024   1.00 26.51 ? 38  MET A CA  1 
ATOM   301  C C   . MET A 1 38  ? -3.810  -2.298  -1.197  1.00 26.12 ? 38  MET A C   1 
ATOM   302  O O   . MET A 1 38  ? -3.538  -1.096  -1.049  1.00 26.90 ? 38  MET A O   1 
ATOM   303  C CB  . MET A 1 38  ? -2.666  -3.966  0.294   1.00 26.85 ? 38  MET A CB  1 
ATOM   304  C CG  . MET A 1 38  ? -1.450  -3.027  0.444   1.00 27.40 ? 38  MET A CG  1 
ATOM   305  S SD  . MET A 1 38  ? -0.038  -3.840  1.157   1.00 27.07 ? 38  MET A SD  1 
ATOM   306  C CE  . MET A 1 38  ? 0.472   -4.840  -0.239  1.00 28.57 ? 38  MET A CE  1 
ATOM   307  N N   . LEU A 1 39  ? -3.993  -2.830  -2.421  1.00 26.52 ? 39  LEU A N   1 
ATOM   308  C CA  . LEU A 1 39  ? -3.945  -1.997  -3.603  1.00 25.92 ? 39  LEU A CA  1 
ATOM   309  C C   . LEU A 1 39  ? -4.976  -0.848  -3.611  1.00 26.36 ? 39  LEU A C   1 
ATOM   310  O O   . LEU A 1 39  ? -4.710  0.272   -4.062  1.00 26.86 ? 39  LEU A O   1 
ATOM   311  C CB  . LEU A 1 39  ? -4.128  -2.843  -4.884  1.00 26.47 ? 39  LEU A CB  1 
ATOM   312  C CG  . LEU A 1 39  ? -2.945  -3.716  -5.303  1.00 25.27 ? 39  LEU A CG  1 
ATOM   313  C CD1 . LEU A 1 39  ? -3.405  -4.584  -6.522  1.00 26.06 ? 39  LEU A CD1 1 
ATOM   314  C CD2 . LEU A 1 39  ? -1.726  -2.873  -5.683  1.00 27.03 ? 39  LEU A CD2 1 
ATOM   315  N N   . GLY A 1 40  ? -6.161  -1.169  -3.076  1.00 26.99 ? 40  GLY A N   1 
ATOM   316  C CA  . GLY A 1 40  ? -7.222  -0.161  -2.975  1.00 26.06 ? 40  GLY A CA  1 
ATOM   317  C C   . GLY A 1 40  ? -6.766  0.998   -2.110  1.00 26.45 ? 40  GLY A C   1 
ATOM   318  O O   . GLY A 1 40  ? -7.051  2.163   -2.400  1.00 27.08 ? 40  GLY A O   1 
ATOM   319  N N   . ASN A 1 41  ? -5.992  0.674   -1.058  1.00 25.71 ? 41  ASN A N   1 
ATOM   320  C CA  . ASN A 1 41  ? -5.379  1.709   -0.242  1.00 26.00 ? 41  ASN A CA  1 
ATOM   321  C C   . ASN A 1 41  ? -4.255  2.444   -0.972  1.00 26.22 ? 41  ASN A C   1 
ATOM   322  O O   . ASN A 1 41  ? -4.174  3.675   -0.952  1.00 26.56 ? 41  ASN A O   1 
ATOM   323  C CB  . ASN A 1 41  ? -4.855  1.104   1.061   1.00 25.97 ? 41  ASN A CB  1 
ATOM   324  C CG  . ASN A 1 41  ? -5.941  0.896   2.064   1.00 25.69 ? 41  ASN A CG  1 
ATOM   325  O OD1 . ASN A 1 41  ? -6.167  1.747   2.925   1.00 26.57 ? 41  ASN A OD1 1 
ATOM   326  N ND2 . ASN A 1 41  ? -6.657  -0.215  1.948   1.00 26.80 ? 41  ASN A ND2 1 
ATOM   327  N N   . MET A 1 42  ? -3.367  1.679   -1.602  1.00 26.02 ? 42  MET A N   1 
ATOM   328  C CA  . MET A 1 42  ? -2.228  2.302   -2.284  1.00 27.14 ? 42  MET A CA  1 
ATOM   329  C C   . MET A 1 42  ? -2.673  3.274   -3.383  1.00 26.60 ? 42  MET A C   1 
ATOM   330  O O   . MET A 1 42  ? -2.005  4.256   -3.676  1.00 26.82 ? 42  MET A O   1 
ATOM   331  C CB  . MET A 1 42  ? -1.341  1.210   -2.914  1.00 26.22 ? 42  MET A CB  1 
ATOM   332  C CG  . MET A 1 42  ? -0.542  0.379   -1.913  1.00 27.18 ? 42  MET A CG  1 
ATOM   333  S SD  . MET A 1 42  ? 0.314   -0.955  -2.774  1.00 26.92 ? 42  MET A SD  1 
ATOM   334  C CE  . MET A 1 42  ? 1.503   -1.543  -1.527  1.00 27.92 ? 42  MET A CE  1 
ATOM   335  N N   . GLN A 1 43  ? -3.807  2.966   -4.043  1.00 27.44 ? 43  GLN A N   1 
ATOM   336  C CA  . GLN A 1 43  ? -4.302  3.875   -5.049  1.00 26.35 ? 43  GLN A CA  1 
ATOM   337  C C   . GLN A 1 43  ? -4.626  5.267   -4.464  1.00 27.02 ? 43  GLN A C   1 
ATOM   338  O O   . GLN A 1 43  ? -4.240  6.288   -5.040  1.00 27.85 ? 43  GLN A O   1 
ATOM   339  C CB  . GLN A 1 43  ? -5.528  3.301   -5.725  1.00 27.34 ? 43  GLN A CB  1 
ATOM   340  C CG  . GLN A 1 43  ? -6.193  4.328   -6.605  1.00 26.69 ? 43  GLN A CG  1 
ATOM   341  C CD  . GLN A 1 43  ? -7.252  3.743   -7.526  1.00 30.16 ? 43  GLN A CD  1 
ATOM   342  O OE1 . GLN A 1 43  ? -7.892  4.482   -8.290  1.00 31.96 ? 43  GLN A OE1 1 
ATOM   343  N NE2 . GLN A 1 43  ? -7.451  2.454   -7.464  1.00 27.08 ? 43  GLN A NE2 1 
ATOM   344  N N   . SER A 1 44  ? -5.275  5.289   -3.294  1.00 27.24 ? 44  SER A N   1 
ATOM   345  C CA  . SER A 1 44  ? -5.568  6.549   -2.635  1.00 27.95 ? 44  SER A CA  1 
ATOM   346  C C   . SER A 1 44  ? -4.307  7.191   -2.066  1.00 27.83 ? 44  SER A C   1 
ATOM   347  O O   . SER A 1 44  ? -4.130  8.411   -2.100  1.00 28.73 ? 44  SER A O   1 
ATOM   348  C CB  . SER A 1 44  ? -6.584  6.347   -1.528  1.00 27.45 ? 44  SER A CB  1 
ATOM   349  O OG  . SER A 1 44  ? -7.868  6.115   -2.065  1.00 29.69 ? 44  SER A OG  1 
ATOM   350  N N   . GLU A 1 45  ? -3.385  6.366   -1.547  1.00 27.09 ? 45  GLU A N   1 
ATOM   351  C CA  . GLU A 1 45  ? -2.193  6.934   -0.943  1.00 27.73 ? 45  GLU A CA  1 
ATOM   352  C C   . GLU A 1 45  ? -1.264  7.593   -1.967  1.00 27.54 ? 45  GLU A C   1 
ATOM   353  O O   . GLU A 1 45  ? -0.691  8.649   -1.701  1.00 28.20 ? 45  GLU A O   1 
ATOM   354  C CB  . GLU A 1 45  ? -1.445  5.850   -0.149  1.00 26.84 ? 45  GLU A CB  1 
ATOM   355  C CG  . GLU A 1 45  ? -2.243  5.277   1.013   1.00 27.54 ? 45  GLU A CG  1 
ATOM   356  C CD  . GLU A 1 45  ? -2.400  6.264   2.168   1.00 28.33 ? 45  GLU A CD  1 
ATOM   357  O OE1 . GLU A 1 45  ? -1.754  7.350   2.131   1.00 29.93 ? 45  GLU A OE1 1 
ATOM   358  O OE2 . GLU A 1 45  ? -3.176  5.978   3.093   1.00 29.17 ? 45  GLU A OE2 1 
ATOM   359  N N   . SER A 1 46  ? -1.041  6.906   -3.103  1.00 26.83 ? 46  SER A N   1 
ATOM   360  C CA  . SER A 1 46  ? 0.042   7.271   -3.995  1.00 26.94 ? 46  SER A CA  1 
ATOM   361  C C   . SER A 1 46  ? -0.265  7.045   -5.482  1.00 26.51 ? 46  SER A C   1 
ATOM   362  O O   . SER A 1 46  ? 0.652   7.099   -6.276  1.00 27.32 ? 46  SER A O   1 
ATOM   363  C CB  . SER A 1 46  ? 1.289   6.422   -3.670  1.00 27.81 ? 46  SER A CB  1 
ATOM   364  O OG  . SER A 1 46  ? 1.041   5.026   -3.907  1.00 27.32 ? 46  SER A OG  1 
ATOM   365  N N   . THR A 1 47  ? -1.517  6.716   -5.804  1.00 26.07 ? 47  THR A N   1 
ATOM   366  C CA  . THR A 1 47  ? -1.830  6.208   -7.144  1.00 26.63 ? 47  THR A CA  1 
ATOM   367  C C   . THR A 1 47  ? -0.899  5.045   -7.490  1.00 26.47 ? 47  THR A C   1 
ATOM   368  O O   . THR A 1 47  ? -0.431  4.911   -8.623  1.00 27.54 ? 47  THR A O   1 
ATOM   369  C CB  . THR A 1 47  ? -1.872  7.320   -8.292  1.00 26.32 ? 47  THR A CB  1 
ATOM   370  O OG1 . THR A 1 47  ? -0.626  8.030   -8.416  1.00 26.71 ? 47  THR A OG1 1 
ATOM   371  C CG2 . THR A 1 47  ? -2.997  8.317   -8.058  1.00 26.78 ? 47  THR A CG2 1 
ATOM   372  N N   . ILE A 1 48  ? -0.668  4.187   -6.495  1.00 26.02 ? 48  ILE A N   1 
ATOM   373  C CA  . ILE A 1 48  ? 0.185   2.983   -6.610  1.00 26.61 ? 48  ILE A CA  1 
ATOM   374  C C   . ILE A 1 48  ? 1.557   3.298   -7.238  1.00 26.73 ? 48  ILE A C   1 
ATOM   375  O O   . ILE A 1 48  ? 2.040   2.574   -8.110  1.00 26.81 ? 48  ILE A O   1 
ATOM   376  C CB  . ILE A 1 48  ? -0.546  1.797   -7.347  1.00 27.23 ? 48  ILE A CB  1 
ATOM   377  C CG1 . ILE A 1 48  ? -2.074  1.812   -7.079  1.00 27.18 ? 48  ILE A CG1 1 
ATOM   378  C CG2 . ILE A 1 48  ? 0.024   0.468   -6.947  1.00 28.12 ? 48  ILE A CG2 1 
ATOM   379  C CD1 . ILE A 1 48  ? -2.871  0.709   -7.809  1.00 27.40 ? 48  ILE A CD1 1 
ATOM   380  N N   . ASN A 1 49  ? 2.169   4.395   -6.791  1.00 26.89 ? 49  ASN A N   1 
ATOM   381  C CA  . ASN A 1 49  ? 3.397   4.864   -7.351  1.00 27.06 ? 49  ASN A CA  1 
ATOM   382  C C   . ASN A 1 49  ? 4.505   4.836   -6.276  1.00 27.13 ? 49  ASN A C   1 
ATOM   383  O O   . ASN A 1 49  ? 4.490   5.614   -5.348  1.00 26.93 ? 49  ASN A O   1 
ATOM   384  C CB  . ASN A 1 49  ? 3.224   6.293   -7.887  1.00 27.00 ? 49  ASN A CB  1 
ATOM   385  C CG  . ASN A 1 49  ? 4.375   6.737   -8.736  1.00 26.51 ? 49  ASN A CG  1 
ATOM   386  O OD1 . ASN A 1 49  ? 5.475   6.213   -8.611  1.00 26.52 ? 49  ASN A OD1 1 
ATOM   387  N ND2 . ASN A 1 49  ? 4.152   7.732   -9.625  1.00 28.05 ? 49  ASN A ND2 1 
ATOM   388  N N   . PRO A 1 50  ? 5.500   3.930   -6.426  1.00 26.48 ? 50  PRO A N   1 
ATOM   389  C CA  . PRO A 1 50  ? 6.578   3.858   -5.427  1.00 27.03 ? 50  PRO A CA  1 
ATOM   390  C C   . PRO A 1 50  ? 7.395   5.133   -5.331  1.00 27.16 ? 50  PRO A C   1 
ATOM   391  O O   . PRO A 1 50  ? 8.134   5.303   -4.343  1.00 27.47 ? 50  PRO A O   1 
ATOM   392  C CB  . PRO A 1 50  ? 7.474   2.727   -5.958  1.00 27.87 ? 50  PRO A CB  1 
ATOM   393  C CG  . PRO A 1 50  ? 6.679   2.006   -6.946  1.00 28.68 ? 50  PRO A CG  1 
ATOM   394  C CD  . PRO A 1 50  ? 5.687   2.965   -7.523  1.00 26.28 ? 50  PRO A CD  1 
ATOM   395  N N   . GLY A 1 51  ? 7.341   6.001   -6.346  1.00 26.35 ? 51  GLY A N   1 
ATOM   396  C CA  . GLY A 1 51  ? 8.147   7.217   -6.374  1.00 27.01 ? 51  GLY A CA  1 
ATOM   397  C C   . GLY A 1 51  ? 7.520   8.457   -5.760  1.00 26.57 ? 51  GLY A C   1 
ATOM   398  O O   . GLY A 1 51  ? 8.154   9.528   -5.738  1.00 27.61 ? 51  GLY A O   1 
ATOM   399  N N   . LEU A 1 52  ? 6.326   8.328   -5.231  1.00 26.18 ? 52  LEU A N   1 
ATOM   400  C CA  . LEU A 1 52  ? 5.535   9.515   -4.947  1.00 26.45 ? 52  LEU A CA  1 
ATOM   401  C C   . LEU A 1 52  ? 5.717   10.068  -3.554  1.00 26.07 ? 52  LEU A C   1 
ATOM   402  O O   . LEU A 1 52  ? 5.560   9.355   -2.541  1.00 25.79 ? 52  LEU A O   1 
ATOM   403  C CB  . LEU A 1 52  ? 4.079   9.228   -5.224  1.00 27.56 ? 52  LEU A CB  1 
ATOM   404  C CG  . LEU A 1 52  ? 3.209   10.481  -5.304  1.00 27.83 ? 52  LEU A CG  1 
ATOM   405  C CD1 . LEU A 1 52  ? 2.271   10.372  -6.511  1.00 30.88 ? 52  LEU A CD1 1 
ATOM   406  C CD2 . LEU A 1 52  ? 2.456   10.656  -3.998  1.00 30.23 ? 52  LEU A CD2 1 
ATOM   407  N N   . TRP A 1 53  ? 6.034   11.351  -3.485  1.00 26.21 ? 53  TRP A N   1 
ATOM   408  C CA  . TRP A 1 53  ? 6.098   12.056  -2.219  1.00 26.09 ? 53  TRP A CA  1 
ATOM   409  C C   . TRP A 1 53  ? 4.775   12.736  -1.919  1.00 25.46 ? 53  TRP A C   1 
ATOM   410  O O   . TRP A 1 53  ? 4.125   13.267  -2.834  1.00 26.02 ? 53  TRP A O   1 
ATOM   411  C CB  . TRP A 1 53  ? 7.170   13.131  -2.306  1.00 26.02 ? 53  TRP A CB  1 
ATOM   412  C CG  . TRP A 1 53  ? 8.529   12.599  -2.480  1.00 25.54 ? 53  TRP A CG  1 
ATOM   413  C CD1 . TRP A 1 53  ? 9.090   12.210  -3.634  1.00 26.44 ? 53  TRP A CD1 1 
ATOM   414  C CD2 . TRP A 1 53  ? 9.527   12.412  -1.460  1.00 26.35 ? 53  TRP A CD2 1 
ATOM   415  N NE1 . TRP A 1 53  ? 10.385  11.777  -3.427  1.00 27.84 ? 53  TRP A NE1 1 
ATOM   416  C CE2 . TRP A 1 53  ? 10.670  11.907  -2.092  1.00 26.51 ? 53  TRP A CE2 1 
ATOM   417  C CE3 . TRP A 1 53  ? 9.566   12.654  -0.078  1.00 26.31 ? 53  TRP A CE3 1 
ATOM   418  C CZ2 . TRP A 1 53  ? 11.847  11.618  -1.394  1.00 27.34 ? 53  TRP A CZ2 1 
ATOM   419  C CZ3 . TRP A 1 53  ? 10.736  12.372  0.616   1.00 27.98 ? 53  TRP A CZ3 1 
ATOM   420  C CH2 . TRP A 1 53  ? 11.845  11.842  -0.029  1.00 27.68 ? 53  TRP A CH2 1 
ATOM   421  N N   . GLN A 1 54  ? 4.381   12.780  -0.656  1.00 25.13 ? 54  GLN A N   1 
ATOM   422  C CA  . GLN A 1 54  ? 3.158   13.483  -0.267  1.00 26.37 ? 54  GLN A CA  1 
ATOM   423  C C   . GLN A 1 54  ? 3.204   14.921  -0.792  1.00 25.28 ? 54  GLN A C   1 
ATOM   424  O O   . GLN A 1 54  ? 4.214   15.588  -0.689  1.00 25.33 ? 54  GLN A O   1 
ATOM   425  C CB  . GLN A 1 54  ? 2.999   13.517  1.254   1.00 27.00 ? 54  GLN A CB  1 
ATOM   426  C CG  . GLN A 1 54  ? 1.786   14.267  1.748   1.00 26.92 ? 54  GLN A CG  1 
ATOM   427  C CD  . GLN A 1 54  ? 1.466   14.070  3.202   1.00 27.72 ? 54  GLN A CD  1 
ATOM   428  O OE1 . GLN A 1 54  ? 0.371   14.449  3.625   1.00 33.48 ? 54  GLN A OE1 1 
ATOM   429  N NE2 . GLN A 1 54  ? 2.390   13.531  3.988   1.00 27.23 ? 54  GLN A NE2 1 
ATOM   430  N N   . ASN A 1 55  ? 2.080   15.364  -1.354  1.00 26.14 ? 55  ASN A N   1 
ATOM   431  C CA  . ASN A 1 55  ? 1.953   16.693  -1.974  1.00 25.70 ? 55  ASN A CA  1 
ATOM   432  C C   . ASN A 1 55  ? 2.881   16.899  -3.149  1.00 25.59 ? 55  ASN A C   1 
ATOM   433  O O   . ASN A 1 55  ? 3.038   18.045  -3.603  1.00 25.00 ? 55  ASN A O   1 
ATOM   434  C CB  . ASN A 1 55  ? 2.198   17.846  -0.986  1.00 25.23 ? 55  ASN A CB  1 
ATOM   435  C CG  . ASN A 1 55  ? 1.293   17.816  0.196   1.00 29.33 ? 55  ASN A CG  1 
ATOM   436  O OD1 . ASN A 1 55  ? 1.742   18.078  1.327   1.00 31.54 ? 55  ASN A OD1 1 
ATOM   437  N ND2 . ASN A 1 55  ? 0.027   17.487  -0.021  1.00 30.27 ? 55  ASN A ND2 1 
ATOM   438  N N   . LEU A 1 56  ? 3.496   15.823  -3.654  1.00 25.37 ? 56  LEU A N   1 
ATOM   439  C CA  . LEU A 1 56  ? 4.549   15.935  -4.675  1.00 24.91 ? 56  LEU A CA  1 
ATOM   440  C C   . LEU A 1 56  ? 5.711   16.754  -4.141  1.00 25.04 ? 56  LEU A C   1 
ATOM   441  O O   . LEU A 1 56  ? 6.467   17.369  -4.916  1.00 26.33 ? 56  LEU A O   1 
ATOM   442  C CB  . LEU A 1 56  ? 4.005   16.484  -6.013  1.00 25.74 ? 56  LEU A CB  1 
ATOM   443  C CG  . LEU A 1 56  ? 2.835   15.707  -6.592  1.00 25.30 ? 56  LEU A CG  1 
ATOM   444  C CD1 . LEU A 1 56  ? 2.528   16.203  -7.988  1.00 26.67 ? 56  LEU A CD1 1 
ATOM   445  C CD2 . LEU A 1 56  ? 3.028   14.167  -6.585  1.00 27.27 ? 56  LEU A CD2 1 
ATOM   446  N N   . ASP A 1 57  ? 5.882   16.757  -2.816  1.00 25.77 ? 57  ASP A N   1 
ATOM   447  C CA  . ASP A 1 57  ? 6.947   17.525  -2.193  1.00 26.13 ? 57  ASP A CA  1 
ATOM   448  C C   . ASP A 1 57  ? 8.244   16.681  -2.068  1.00 26.27 ? 57  ASP A C   1 
ATOM   449  O O   . ASP A 1 57  ? 8.569   16.123  -1.008  1.00 25.26 ? 57  ASP A O   1 
ATOM   450  C CB  . ASP A 1 57  ? 6.451   18.017  -0.834  1.00 27.17 ? 57  ASP A CB  1 
ATOM   451  C CG  . ASP A 1 57  ? 7.363   19.036  -0.183  1.00 29.22 ? 57  ASP A CG  1 
ATOM   452  O OD1 . ASP A 1 57  ? 8.433   19.376  -0.733  1.00 30.57 ? 57  ASP A OD1 1 
ATOM   453  O OD2 . ASP A 1 57  ? 6.981   19.479  0.933   1.00 32.28 ? 57  ASP A OD2 1 
ATOM   454  N N   . GLU A 1 58  ? 8.991   16.619  -3.164  1.00 26.21 ? 58  GLU A N   1 
ATOM   455  C CA  . GLU A 1 58  ? 10.173  15.759  -3.253  1.00 26.21 ? 58  GLU A CA  1 
ATOM   456  C C   . GLU A 1 58  ? 11.245  16.149  -2.245  1.00 25.70 ? 58  GLU A C   1 
ATOM   457  O O   . GLU A 1 58  ? 11.597  17.341  -2.112  1.00 25.89 ? 58  GLU A O   1 
ATOM   458  C CB  . GLU A 1 58  ? 10.729  15.835  -4.665  1.00 27.99 ? 58  GLU A CB  1 
ATOM   459  C CG  . GLU A 1 58  ? 11.802  14.809  -4.946  1.00 29.26 ? 58  GLU A CG  1 
ATOM   460  C CD  . GLU A 1 58  ? 12.244  14.777  -6.398  1.00 35.53 ? 58  GLU A CD  1 
ATOM   461  O OE1 . GLU A 1 58  ? 12.032  15.760  -7.137  1.00 36.82 ? 58  GLU A OE1 1 
ATOM   462  O OE2 . GLU A 1 58  ? 12.823  13.750  -6.802  1.00 40.19 ? 58  GLU A OE2 1 
ATOM   463  N N   . GLY A 1 59  ? 11.753  15.170  -1.493  1.00 25.46 ? 59  GLY A N   1 
ATOM   464  C CA  . GLY A 1 59  ? 12.825  15.447  -0.560  1.00 26.28 ? 59  GLY A CA  1 
ATOM   465  C C   . GLY A 1 59  ? 12.415  15.833  0.846   1.00 26.20 ? 59  GLY A C   1 
ATOM   466  O O   . GLY A 1 59  ? 13.267  16.081  1.698   1.00 27.31 ? 59  GLY A O   1 
ATOM   467  N N   . ASN A 1 60  ? 11.109  15.910  1.093   1.00 26.42 ? 60  ASN A N   1 
ATOM   468  C CA  . ASN A 1 60  ? 10.646  16.209  2.439   1.00 27.01 ? 60  ASN A CA  1 
ATOM   469  C C   . ASN A 1 60  ? 10.422  14.898  3.165   1.00 27.26 ? 60  ASN A C   1 
ATOM   470  O O   . ASN A 1 60  ? 9.337   14.301  3.092   1.00 27.96 ? 60  ASN A O   1 
ATOM   471  C CB  . ASN A 1 60  ? 9.398   17.088  2.411   1.00 28.08 ? 60  ASN A CB  1 
ATOM   472  C CG  . ASN A 1 60  ? 8.927   17.492  3.811   1.00 27.36 ? 60  ASN A CG  1 
ATOM   473  O OD1 . ASN A 1 60  ? 9.399   16.979  4.813   1.00 30.52 ? 60  ASN A OD1 1 
ATOM   474  N ND2 . ASN A 1 60  ? 7.964   18.399  3.863   1.00 30.37 ? 60  ASN A ND2 1 
ATOM   475  N N   . THR A 1 61  ? 11.448  14.460  3.885   1.00 27.71 ? 61  THR A N   1 
ATOM   476  C CA  . THR A 1 61  ? 11.375  13.132  4.560   1.00 27.51 ? 61  THR A CA  1 
ATOM   477  C C   . THR A 1 61  ? 10.539  13.122  5.848   1.00 27.42 ? 61  THR A C   1 
ATOM   478  O O   . THR A 1 61  ? 10.424  12.083  6.479   1.00 28.25 ? 61  THR A O   1 
ATOM   479  C CB  . THR A 1 61  ? 12.786  12.527  4.837   1.00 27.17 ? 61  THR A CB  1 
ATOM   480  O OG1 . THR A 1 61  ? 13.516  13.380  5.747   1.00 30.35 ? 61  THR A OG1 1 
ATOM   481  C CG2 . THR A 1 61  ? 13.581  12.331  3.560   1.00 27.92 ? 61  THR A CG2 1 
ATOM   482  N N   . SER A 1 62  ? 9.932   14.239  6.234   1.00 27.14 ? 62  SER A N   1 
ATOM   483  C CA  . SER A 1 62  ? 9.036   14.239  7.378   1.00 27.49 ? 62  SER A CA  1 
ATOM   484  C C   . SER A 1 62  ? 7.620   13.863  6.995   1.00 28.48 ? 62  SER A C   1 
ATOM   485  O O   . SER A 1 62  ? 6.774   13.636  7.861   1.00 29.89 ? 62  SER A O   1 
ATOM   486  C CB  . SER A 1 62  ? 9.040   15.632  8.059   1.00 27.15 ? 62  SER A CB  1 
ATOM   487  O OG  . SER A 1 62  ? 8.300   16.584  7.301   1.00 27.81 ? 62  SER A OG  1 
ATOM   488  N N   . LEU A 1 63  ? 7.349   13.887  5.689   1.00 27.61 ? 63  LEU A N   1 
ATOM   489  C CA  . LEU A 1 63  ? 6.007   13.629  5.165   1.00 28.89 ? 63  LEU A CA  1 
ATOM   490  C C   . LEU A 1 63  ? 5.958   12.219  4.527   1.00 27.56 ? 63  LEU A C   1 
ATOM   491  O O   . LEU A 1 63  ? 6.951   11.474  4.586   1.00 26.57 ? 63  LEU A O   1 
ATOM   492  C CB  . LEU A 1 63  ? 5.589   14.705  4.136   1.00 30.24 ? 63  LEU A CB  1 
ATOM   493  C CG  . LEU A 1 63  ? 5.477   16.208  4.443   1.00 33.30 ? 63  LEU A CG  1 
ATOM   494  C CD1 . LEU A 1 63  ? 5.060   16.877  3.158   1.00 34.42 ? 63  LEU A CD1 1 
ATOM   495  C CD2 . LEU A 1 63  ? 4.486   16.513  5.559   1.00 35.19 ? 63  LEU A CD2 1 
ATOM   496  N N   . GLY A 1 64  ? 4.839   11.911  3.881   1.00 27.11 ? 64  GLY A N   1 
ATOM   497  C CA  . GLY A 1 64  ? 4.651   10.573  3.282   1.00 26.86 ? 64  GLY A CA  1 
ATOM   498  C C   . GLY A 1 64  ? 5.508   10.311  2.049   1.00 26.29 ? 64  GLY A C   1 
ATOM   499  O O   . GLY A 1 64  ? 5.821   11.210  1.247   1.00 26.54 ? 64  GLY A O   1 
ATOM   500  N N   . PHE A 1 65  ? 5.894   9.055   1.860   1.00 27.06 ? 65  PHE A N   1 
ATOM   501  C CA  . PHE A 1 65  ? 6.568   8.643   0.634   1.00 26.65 ? 65  PHE A CA  1 
ATOM   502  C C   . PHE A 1 65  ? 6.149   7.229   0.255   1.00 26.86 ? 65  PHE A C   1 
ATOM   503  O O   . PHE A 1 65  ? 5.919   6.375   1.132   1.00 27.72 ? 65  PHE A O   1 
ATOM   504  C CB  . PHE A 1 65  ? 8.089   8.667   0.785   1.00 27.92 ? 65  PHE A CB  1 
ATOM   505  C CG  . PHE A 1 65  ? 8.816   8.139   -0.405  1.00 26.74 ? 65  PHE A CG  1 
ATOM   506  C CD1 . PHE A 1 65  ? 9.345   6.856   -0.410  1.00 27.57 ? 65  PHE A CD1 1 
ATOM   507  C CD2 . PHE A 1 65  ? 8.978   8.920   -1.552  1.00 27.26 ? 65  PHE A CD2 1 
ATOM   508  C CE1 . PHE A 1 65  ? 9.977   6.360   -1.514  1.00 27.67 ? 65  PHE A CE1 1 
ATOM   509  C CE2 . PHE A 1 65  ? 9.635   8.402   -2.660  1.00 27.76 ? 65  PHE A CE2 1 
ATOM   510  C CZ  . PHE A 1 65  ? 10.158  7.102   -2.629  1.00 28.86 ? 65  PHE A CZ  1 
ATOM   511  N N   . GLY A 1 66  ? 6.074   6.961   -1.039  1.00 26.46 ? 66  GLY A N   1 
ATOM   512  C CA  . GLY A 1 66  ? 5.952   5.581   -1.549  1.00 26.26 ? 66  GLY A CA  1 
ATOM   513  C C   . GLY A 1 66  ? 4.562   5.003   -1.565  1.00 26.53 ? 66  GLY A C   1 
ATOM   514  O O   . GLY A 1 66  ? 3.551   5.692   -1.287  1.00 26.42 ? 66  GLY A O   1 
ATOM   515  N N   . LEU A 1 67  ? 4.503   3.692   -1.854  1.00 26.28 ? 67  LEU A N   1 
ATOM   516  C CA  . LEU A 1 67  ? 3.212   3.063   -2.188  1.00 26.35 ? 67  LEU A CA  1 
ATOM   517  C C   . LEU A 1 67  ? 2.126   3.304   -1.167  1.00 26.67 ? 67  LEU A C   1 
ATOM   518  O O   . LEU A 1 67  ? 0.955   3.617   -1.490  1.00 26.55 ? 67  LEU A O   1 
ATOM   519  C CB  . LEU A 1 67  ? 3.408   1.552   -2.357  1.00 27.19 ? 67  LEU A CB  1 
ATOM   520  C CG  . LEU A 1 67  ? 4.169   1.150   -3.600  1.00 26.34 ? 67  LEU A CG  1 
ATOM   521  C CD1 . LEU A 1 67  ? 4.577   -0.329  -3.495  1.00 28.87 ? 67  LEU A CD1 1 
ATOM   522  C CD2 . LEU A 1 67  ? 3.341   1.335   -4.850  1.00 27.66 ? 67  LEU A CD2 1 
ATOM   523  N N   . VAL A 1 68  ? 2.497   3.194   0.097   1.00 26.50 ? 68  VAL A N   1 
ATOM   524  C CA  . VAL A 1 68  ? 1.577   3.261   1.219   1.00 26.74 ? 68  VAL A CA  1 
ATOM   525  C C   . VAL A 1 68  ? 1.719   4.565   2.010   1.00 27.29 ? 68  VAL A C   1 
ATOM   526  O O   . VAL A 1 68  ? 1.077   4.732   3.039   1.00 27.83 ? 68  VAL A O   1 
ATOM   527  C CB  . VAL A 1 68  ? 1.773   2.079   2.226   1.00 26.02 ? 68  VAL A CB  1 
ATOM   528  C CG1 . VAL A 1 68  ? 1.449   0.742   1.578   1.00 26.90 ? 68  VAL A CG1 1 
ATOM   529  C CG2 . VAL A 1 68  ? 3.160   2.120   2.821   1.00 26.92 ? 68  VAL A CG2 1 
ATOM   530  N N   . GLN A 1 69  ? 2.560   5.458   1.489   1.00 26.67 ? 69  GLN A N   1 
ATOM   531  C CA  . GLN A 1 69  ? 2.832   6.753   2.172   1.00 27.16 ? 69  GLN A CA  1 
ATOM   532  C C   . GLN A 1 69  ? 3.330   6.575   3.597   1.00 26.57 ? 69  GLN A C   1 
ATOM   533  O O   . GLN A 1 69  ? 2.737   7.071   4.572   1.00 27.70 ? 69  GLN A O   1 
ATOM   534  C CB  . GLN A 1 69  ? 1.640   7.701   2.093   1.00 26.31 ? 69  GLN A CB  1 
ATOM   535  C CG  . GLN A 1 69  ? 1.375   8.124   0.625   1.00 26.47 ? 69  GLN A CG  1 
ATOM   536  C CD  . GLN A 1 69  ? 2.427   9.131   0.122   1.00 26.00 ? 69  GLN A CD  1 
ATOM   537  O OE1 . GLN A 1 69  ? 2.414   10.287  0.558   1.00 27.34 ? 69  GLN A OE1 1 
ATOM   538  N NE2 . GLN A 1 69  ? 3.331   8.709   -0.752  1.00 26.19 ? 69  GLN A NE2 1 
ATOM   539  N N   . TRP A 1 70  ? 4.425   5.838   3.688   1.00 27.05 ? 70  TRP A N   1 
ATOM   540  C CA  . TRP A 1 70  ? 5.150   5.780   4.986   1.00 27.35 ? 70  TRP A CA  1 
ATOM   541  C C   . TRP A 1 70  ? 5.364   7.228   5.480   1.00 28.54 ? 70  TRP A C   1 
ATOM   542  O O   . TRP A 1 70  ? 5.965   8.025   4.744   1.00 27.63 ? 70  TRP A O   1 
ATOM   543  C CB  . TRP A 1 70  ? 6.491   5.105   4.813   1.00 27.90 ? 70  TRP A CB  1 
ATOM   544  C CG  . TRP A 1 70  ? 6.398   3.591   4.663   1.00 27.38 ? 70  TRP A CG  1 
ATOM   545  C CD1 . TRP A 1 70  ? 6.210   2.682   5.691   1.00 28.10 ? 70  TRP A CD1 1 
ATOM   546  C CD2 . TRP A 1 70  ? 6.451   2.827   3.446   1.00 27.20 ? 70  TRP A CD2 1 
ATOM   547  N NE1 . TRP A 1 70  ? 6.164   1.425   5.165   1.00 27.27 ? 70  TRP A NE1 1 
ATOM   548  C CE2 . TRP A 1 70  ? 6.303   1.460   3.810   1.00 26.86 ? 70  TRP A CE2 1 
ATOM   549  C CE3 . TRP A 1 70  ? 6.608   3.149   2.084   1.00 27.66 ? 70  TRP A CE3 1 
ATOM   550  C CZ2 . TRP A 1 70  ? 6.302   0.435   2.879   1.00 27.63 ? 70  TRP A CZ2 1 
ATOM   551  C CZ3 . TRP A 1 70  ? 6.599   2.126   1.147   1.00 27.64 ? 70  TRP A CZ3 1 
ATOM   552  C CH2 . TRP A 1 70  ? 6.460   0.772   1.548   1.00 28.92 ? 70  TRP A CH2 1 
ATOM   553  N N   . THR A 1 71  ? 4.851   7.534   6.677   1.00 28.72 ? 71  THR A N   1 
ATOM   554  C CA  . THR A 1 71  ? 4.857   8.906   7.251   1.00 28.52 ? 71  THR A CA  1 
ATOM   555  C C   . THR A 1 71  ? 5.322   8.824   8.726   1.00 29.85 ? 71  THR A C   1 
ATOM   556  O O   . THR A 1 71  ? 4.587   8.236   9.545   1.00 30.82 ? 71  THR A O   1 
ATOM   557  C CB  . THR A 1 71  ? 3.469   9.570   7.203   1.00 29.19 ? 71  THR A CB  1 
ATOM   558  O OG1 . THR A 1 71  ? 2.954   9.559   5.870   1.00 29.95 ? 71  THR A OG1 1 
ATOM   559  C CG2 . THR A 1 71  ? 3.552   11.058  7.601   1.00 30.78 ? 71  THR A CG2 1 
ATOM   560  N N   . PRO A 1 72  ? 6.515   9.390   9.068   1.00 28.81 ? 72  PRO A N   1 
ATOM   561  C CA  . PRO A 1 72  ? 7.418   10.110  8.182   1.00 28.93 ? 72  PRO A CA  1 
ATOM   562  C C   . PRO A 1 72  ? 8.126   9.178   7.212   1.00 29.57 ? 72  PRO A C   1 
ATOM   563  O O   . PRO A 1 72  ? 8.405   8.036   7.567   1.00 30.06 ? 72  PRO A O   1 
ATOM   564  C CB  . PRO A 1 72  ? 8.447   10.706  9.153   1.00 28.84 ? 72  PRO A CB  1 
ATOM   565  C CG  . PRO A 1 72  ? 8.464   9.746   10.313  1.00 28.74 ? 72  PRO A CG  1 
ATOM   566  C CD  . PRO A 1 72  ? 7.049   9.317   10.453  1.00 28.76 ? 72  PRO A CD  1 
ATOM   567  N N   . ALA A 1 73  ? 8.435   9.658   6.006   1.00 28.37 ? 73  ALA A N   1 
ATOM   568  C CA  . ALA A 1 73  ? 9.161   8.890   5.005   1.00 28.48 ? 73  ALA A CA  1 
ATOM   569  C C   . ALA A 1 73  ? 10.420  8.283   5.553   1.00 29.83 ? 73  ALA A C   1 
ATOM   570  O O   . ALA A 1 73  ? 10.863  7.192   5.122   1.00 30.78 ? 73  ALA A O   1 
ATOM   571  C CB  . ALA A 1 73  ? 9.499   9.789   3.804   1.00 28.38 ? 73  ALA A CB  1 
ATOM   572  N N   . SER A 1 74  ? 11.062  8.997   6.468   1.00 29.13 ? 74  SER A N   1 
ATOM   573  C CA  . SER A 1 74  ? 12.217  8.435   7.141   1.00 30.70 ? 74  SER A CA  1 
ATOM   574  C C   . SER A 1 74  ? 11.953  7.028   7.779   1.00 29.34 ? 74  SER A C   1 
ATOM   575  O O   . SER A 1 74  ? 12.847  6.200   7.765   1.00 31.87 ? 74  SER A O   1 
ATOM   576  C CB  . SER A 1 74  ? 12.755  9.441   8.167   1.00 29.32 ? 74  SER A CB  1 
ATOM   577  O OG  . SER A 1 74  ? 11.775  9.650   9.127   1.00 31.59 ? 74  SER A OG  1 
ATOM   578  N N   . ASN A 1 75  ? 10.727  6.735   8.228   1.00 30.14 ? 75  ASN A N   1 
ATOM   579  C CA  . ASN A 1 75  ? 10.415  5.374   8.767   1.00 31.56 ? 75  ASN A CA  1 
ATOM   580  C C   . ASN A 1 75  ? 10.807  4.290   7.759   1.00 31.85 ? 75  ASN A C   1 
ATOM   581  O O   . ASN A 1 75  ? 11.284  3.229   8.152   1.00 33.43 ? 75  ASN A O   1 
ATOM   582  C CB  . ASN A 1 75  ? 8.930   5.188   9.112   1.00 31.12 ? 75  ASN A CB  1 
ATOM   583  C CG  . ASN A 1 75  ? 8.534   5.784   10.470  1.00 33.00 ? 75  ASN A CG  1 
ATOM   584  O OD1 . ASN A 1 75  ? 7.345   5.803   10.809  1.00 35.42 ? 75  ASN A OD1 1 
ATOM   585  N ND2 . ASN A 1 75  ? 9.508   6.246   11.241  1.00 32.91 ? 75  ASN A ND2 1 
ATOM   586  N N   . TYR A 1 76  ? 10.592  4.547   6.468   1.00 31.33 ? 76  TYR A N   1 
ATOM   587  C CA  . TYR A 1 76  ? 11.024  3.631   5.401   1.00 29.94 ? 76  TYR A CA  1 
ATOM   588  C C   . TYR A 1 76  ? 12.425  3.884   4.827   1.00 29.67 ? 76  TYR A C   1 
ATOM   589  O O   . TYR A 1 76  ? 13.210  2.963   4.585   1.00 28.31 ? 76  TYR A O   1 
ATOM   590  C CB  . TYR A 1 76  ? 9.994   3.664   4.268   1.00 30.03 ? 76  TYR A CB  1 
ATOM   591  C CG  . TYR A 1 76  ? 10.525  3.105   2.992   1.00 26.95 ? 76  TYR A CG  1 
ATOM   592  C CD1 . TYR A 1 76  ? 10.768  3.917   1.886   1.00 27.47 ? 76  TYR A CD1 1 
ATOM   593  C CD2 . TYR A 1 76  ? 10.739  1.736   2.852   1.00 26.81 ? 76  TYR A CD2 1 
ATOM   594  C CE1 . TYR A 1 76  ? 11.264  3.376   0.722   1.00 27.26 ? 76  TYR A CE1 1 
ATOM   595  C CE2 . TYR A 1 76  ? 11.262  1.211   1.730   1.00 26.56 ? 76  TYR A CE2 1 
ATOM   596  C CZ  . TYR A 1 76  ? 11.524  1.995   0.650   1.00 27.15 ? 76  TYR A CZ  1 
ATOM   597  O OH  . TYR A 1 76  ? 12.031  1.448   -0.489  1.00 27.45 ? 76  TYR A OH  1 
ATOM   598  N N   . ILE A 1 77  ? 12.743  5.151   4.571   1.00 28.93 ? 77  ILE A N   1 
ATOM   599  C CA  . ILE A 1 77  ? 13.983  5.464   3.920   1.00 29.83 ? 77  ILE A CA  1 
ATOM   600  C C   . ILE A 1 77  ? 15.177  5.055   4.788   1.00 29.10 ? 77  ILE A C   1 
ATOM   601  O O   . ILE A 1 77  ? 16.115  4.499   4.255   1.00 28.40 ? 77  ILE A O   1 
ATOM   602  C CB  . ILE A 1 77  ? 14.055  6.967   3.501   1.00 29.97 ? 77  ILE A CB  1 
ATOM   603  C CG1 . ILE A 1 77  ? 12.928  7.259   2.475   1.00 29.76 ? 77  ILE A CG1 1 
ATOM   604  C CG2 . ILE A 1 77  ? 15.449  7.314   3.020   1.00 30.90 ? 77  ILE A CG2 1 
ATOM   605  C CD1 . ILE A 1 77  ? 12.751  8.758   2.061   1.00 31.67 ? 77  ILE A CD1 1 
ATOM   606  N N   . ASN A 1 78  ? 15.074  5.312   6.106   1.00 29.98 ? 78  ASN A N   1 
ATOM   607  C CA  . ASN A 1 78  ? 16.105  4.901   7.060   1.00 30.04 ? 78  ASN A CA  1 
ATOM   608  C C   . ASN A 1 78  ? 16.358  3.375   6.944   1.00 28.35 ? 78  ASN A C   1 
ATOM   609  O O   . ASN A 1 78  ? 17.507  2.910   6.943   1.00 27.83 ? 78  ASN A O   1 
ATOM   610  C CB  . ASN A 1 78  ? 15.685  5.228   8.512   1.00 30.29 ? 78  ASN A CB  1 
ATOM   611  C CG  . ASN A 1 78  ? 15.703  6.734   8.859   1.00 33.47 ? 78  ASN A CG  1 
ATOM   612  O OD1 . ASN A 1 78  ? 15.201  7.108   9.928   1.00 36.57 ? 78  ASN A OD1 1 
ATOM   613  N ND2 . ASN A 1 78  ? 16.256  7.594   7.981   1.00 32.60 ? 78  ASN A ND2 1 
ATOM   614  N N   . TRP A 1 79  ? 15.269  2.603   6.843   1.00 27.68 ? 79  TRP A N   1 
ATOM   615  C CA  . TRP A 1 79  ? 15.344  1.149   6.742   1.00 27.37 ? 79  TRP A CA  1 
ATOM   616  C C   . TRP A 1 79  ? 16.000  0.672   5.446   1.00 27.57 ? 79  TRP A C   1 
ATOM   617  O O   . TRP A 1 79  ? 16.890  -0.185  5.454   1.00 27.63 ? 79  TRP A O   1 
ATOM   618  C CB  . TRP A 1 79  ? 13.925  0.542   6.923   1.00 26.84 ? 79  TRP A CB  1 
ATOM   619  C CG  . TRP A 1 79  ? 13.862  -0.935  6.745   1.00 25.57 ? 79  TRP A CG  1 
ATOM   620  C CD1 . TRP A 1 79  ? 14.040  -1.902  7.729   1.00 26.78 ? 79  TRP A CD1 1 
ATOM   621  C CD2 . TRP A 1 79  ? 13.627  -1.641  5.533   1.00 24.66 ? 79  TRP A CD2 1 
ATOM   622  N NE1 . TRP A 1 79  ? 13.909  -3.144  7.181   1.00 26.71 ? 79  TRP A NE1 1 
ATOM   623  C CE2 . TRP A 1 79  ? 13.649  -3.021  5.834   1.00 26.35 ? 79  TRP A CE2 1 
ATOM   624  C CE3 . TRP A 1 79  ? 13.357  -1.244  4.199   1.00 25.86 ? 79  TRP A CE3 1 
ATOM   625  C CZ2 . TRP A 1 79  ? 13.442  -3.989  4.863   1.00 25.19 ? 79  TRP A CZ2 1 
ATOM   626  C CZ3 . TRP A 1 79  ? 13.173  -2.194  3.241   1.00 25.68 ? 79  TRP A CZ3 1 
ATOM   627  C CH2 . TRP A 1 79  ? 13.211  -3.575  3.574   1.00 25.98 ? 79  TRP A CH2 1 
ATOM   628  N N   . ALA A 1 80  ? 15.555  1.224   4.328   1.00 28.03 ? 80  ALA A N   1 
ATOM   629  C CA  . ALA A 1 80  ? 16.134  0.875   3.060   1.00 28.80 ? 80  ALA A CA  1 
ATOM   630  C C   . ALA A 1 80  ? 17.659  1.162   3.069   1.00 28.23 ? 80  ALA A C   1 
ATOM   631  O O   . ALA A 1 80  ? 18.433  0.296   2.706   1.00 28.67 ? 80  ALA A O   1 
ATOM   632  C CB  . ALA A 1 80  ? 15.447  1.642   1.952   1.00 29.33 ? 80  ALA A CB  1 
ATOM   633  N N   . ASN A 1 81  ? 18.028  2.381   3.481   1.00 30.17 ? 81  ASN A N   1 
ATOM   634  C CA  . ASN A 1 81  ? 19.438  2.794   3.522   1.00 31.49 ? 81  ASN A CA  1 
ATOM   635  C C   . ASN A 1 81  ? 20.188  1.844   4.433   1.00 31.15 ? 81  ASN A C   1 
ATOM   636  O O   . ASN A 1 81  ? 21.254  1.363   4.065   1.00 31.31 ? 81  ASN A O   1 
ATOM   637  C CB  . ASN A 1 81  ? 19.590  4.242   4.009   1.00 32.51 ? 81  ASN A CB  1 
ATOM   638  C CG  . ASN A 1 81  ? 19.148  5.263   2.983   1.00 35.17 ? 81  ASN A CG  1 
ATOM   639  O OD1 . ASN A 1 81  ? 19.198  5.016   1.775   1.00 34.84 ? 81  ASN A OD1 1 
ATOM   640  N ND2 . ASN A 1 81  ? 18.711  6.416   3.455   1.00 33.49 ? 81  ASN A ND2 1 
ATOM   641  N N   . SER A 1 82  ? 19.633  1.547   5.612   1.00 30.98 ? 82  SER A N   1 
ATOM   642  C CA  . SER A 1 82  ? 20.323  0.652   6.554   1.00 30.90 ? 82  SER A CA  1 
ATOM   643  C C   . SER A 1 82  ? 20.451  -0.768  5.977   1.00 29.92 ? 82  SER A C   1 
ATOM   644  O O   . SER A 1 82  ? 21.425  -1.482  6.254   1.00 31.89 ? 82  SER A O   1 
ATOM   645  C CB  . SER A 1 82  ? 19.625  0.650   7.918   1.00 31.37 ? 82  SER A CB  1 
ATOM   646  O OG  . SER A 1 82  ? 19.549  1.974   8.479   1.00 28.74 ? 82  SER A OG  1 
ATOM   647  N N   . GLN A 1 83  ? 19.493  -1.167  5.135   1.00 30.32 ? 83  GLN A N   1 
ATOM   648  C CA  . GLN A 1 83  ? 19.482  -2.510  4.528   1.00 29.51 ? 83  GLN A CA  1 
ATOM   649  C C   . GLN A 1 83  ? 20.245  -2.644  3.199   1.00 30.62 ? 83  GLN A C   1 
ATOM   650  O O   . GLN A 1 83  ? 20.338  -3.729  2.591   1.00 30.80 ? 83  GLN A O   1 
ATOM   651  C CB  . GLN A 1 83  ? 18.026  -2.972  4.342   1.00 30.58 ? 83  GLN A CB  1 
ATOM   652  C CG  . GLN A 1 83  ? 17.334  -3.413  5.649   1.00 31.89 ? 83  GLN A CG  1 
ATOM   653  C CD  . GLN A 1 83  ? 17.960  -4.656  6.276   1.00 33.71 ? 83  GLN A CD  1 
ATOM   654  O OE1 . GLN A 1 83  ? 18.168  -5.668  5.610   1.00 37.20 ? 83  GLN A OE1 1 
ATOM   655  N NE2 . GLN A 1 83  ? 18.259  -4.575  7.565   1.00 31.41 ? 83  GLN A NE2 1 
ATOM   656  N N   . GLY A 1 84  ? 20.793  -1.527  2.752   1.00 29.72 ? 84  GLY A N   1 
ATOM   657  C CA  . GLY A 1 84  ? 21.545  -1.482  1.495   1.00 30.74 ? 84  GLY A CA  1 
ATOM   658  C C   . GLY A 1 84  ? 20.666  -1.635  0.271   1.00 30.86 ? 84  GLY A C   1 
ATOM   659  O O   . GLY A 1 84  ? 21.119  -2.126  -0.758  1.00 32.47 ? 84  GLY A O   1 
ATOM   660  N N   . LEU A 1 85  ? 19.404  -1.218  0.405   1.00 30.36 ? 85  LEU A N   1 
ATOM   661  C CA  . LEU A 1 85  ? 18.433  -1.226  -0.697  1.00 30.87 ? 85  LEU A CA  1 
ATOM   662  C C   . LEU A 1 85  ? 18.204  0.185   -1.207  1.00 30.57 ? 85  LEU A C   1 
ATOM   663  O O   . LEU A 1 85  ? 18.174  1.137   -0.429  1.00 31.85 ? 85  LEU A O   1 
ATOM   664  C CB  . LEU A 1 85  ? 17.113  -1.799  -0.212  1.00 30.07 ? 85  LEU A CB  1 
ATOM   665  C CG  . LEU A 1 85  ? 17.089  -3.292  0.128   1.00 32.94 ? 85  LEU A CG  1 
ATOM   666  C CD1 . LEU A 1 85  ? 15.838  -3.594  0.895   1.00 33.42 ? 85  LEU A CD1 1 
ATOM   667  C CD2 . LEU A 1 85  ? 17.152  -4.103  -1.149  1.00 36.96 ? 85  LEU A CD2 1 
ATOM   668  N N   . PRO A 1 86  ? 18.014  0.329   -2.530  1.00 30.51 ? 86  PRO A N   1 
ATOM   669  C CA  . PRO A 1 86  ? 17.669  1.635   -3.059  1.00 29.54 ? 86  PRO A CA  1 
ATOM   670  C C   . PRO A 1 86  ? 16.264  2.023   -2.617  1.00 28.59 ? 86  PRO A C   1 
ATOM   671  O O   . PRO A 1 86  ? 15.337  1.237   -2.790  1.00 29.04 ? 86  PRO A O   1 
ATOM   672  C CB  . PRO A 1 86  ? 17.708  1.416   -4.573  1.00 30.34 ? 86  PRO A CB  1 
ATOM   673  C CG  . PRO A 1 86  ? 17.465  -0.059  -4.741  1.00 31.07 ? 86  PRO A CG  1 
ATOM   674  C CD  . PRO A 1 86  ? 18.099  -0.704  -3.576  1.00 30.47 ? 86  PRO A CD  1 
ATOM   675  N N   . TYR A 1 87  ? 16.091  3.208   -2.028  1.00 27.86 ? 87  TYR A N   1 
ATOM   676  C CA  . TYR A 1 87  ? 14.780  3.493   -1.429  1.00 28.04 ? 87  TYR A CA  1 
ATOM   677  C C   . TYR A 1 87  ? 13.694  3.723   -2.496  1.00 27.77 ? 87  TYR A C   1 
ATOM   678  O O   . TYR A 1 87  ? 12.528  3.332   -2.299  1.00 28.01 ? 87  TYR A O   1 
ATOM   679  C CB  . TYR A 1 87  ? 14.867  4.642   -0.390  1.00 28.89 ? 87  TYR A CB  1 
ATOM   680  C CG  . TYR A 1 87  ? 14.878  5.998   -1.024  1.00 28.47 ? 87  TYR A CG  1 
ATOM   681  C CD1 . TYR A 1 87  ? 13.685  6.664   -1.302  1.00 29.15 ? 87  TYR A CD1 1 
ATOM   682  C CD2 . TYR A 1 87  ? 16.077  6.633   -1.341  1.00 31.11 ? 87  TYR A CD2 1 
ATOM   683  C CE1 . TYR A 1 87  ? 13.658  7.920   -1.893  1.00 31.37 ? 87  TYR A CE1 1 
ATOM   684  C CE2 . TYR A 1 87  ? 16.070  7.907   -1.946  1.00 31.13 ? 87  TYR A CE2 1 
ATOM   685  C CZ  . TYR A 1 87  ? 14.857  8.531   -2.203  1.00 32.79 ? 87  TYR A CZ  1 
ATOM   686  O OH  . TYR A 1 87  ? 14.809  9.767   -2.791  1.00 34.95 ? 87  TYR A OH  1 
ATOM   687  N N   . LYS A 1 88  ? 14.058  4.341   -3.621  1.00 27.52 ? 88  LYS A N   1 
ATOM   688  C CA  . LYS A 1 88  ? 13.039  4.735   -4.614  1.00 28.46 ? 88  LYS A CA  1 
ATOM   689  C C   . LYS A 1 88  ? 12.890  3.625   -5.639  1.00 28.96 ? 88  LYS A C   1 
ATOM   690  O O   . LYS A 1 88  ? 13.490  3.643   -6.728  1.00 29.53 ? 88  LYS A O   1 
ATOM   691  C CB  . LYS A 1 88  ? 13.437  6.037   -5.309  1.00 28.49 ? 88  LYS A CB  1 
ATOM   692  C CG  . LYS A 1 88  ? 12.333  6.673   -6.160  1.00 30.92 ? 88  LYS A CG  1 
ATOM   693  C CD  . LYS A 1 88  ? 12.912  7.659   -7.197  1.00 34.20 ? 88  LYS A CD  1 
ATOM   694  C CE  . LYS A 1 88  ? 14.055  8.526   -6.709  1.00 39.16 ? 88  LYS A CE  1 
ATOM   695  N NZ  . LYS A 1 88  ? 14.020  9.894   -7.350  1.00 41.49 ? 88  LYS A NZ  1 
ATOM   696  N N   . ASN A 1 89  ? 12.128  2.617   -5.244  1.00 28.51 ? 89  ASN A N   1 
ATOM   697  C CA  . ASN A 1 89  ? 12.230  1.340   -5.957  1.00 28.60 ? 89  ASN A CA  1 
ATOM   698  C C   . ASN A 1 89  ? 11.067  0.502   -5.537  1.00 28.06 ? 89  ASN A C   1 
ATOM   699  O O   . ASN A 1 89  ? 10.806  0.339   -4.357  1.00 28.09 ? 89  ASN A O   1 
ATOM   700  C CB  . ASN A 1 89  ? 13.627  0.696   -5.682  1.00 27.92 ? 89  ASN A CB  1 
ATOM   701  C CG  . ASN A 1 89  ? 13.815  -0.663  -6.303  1.00 29.01 ? 89  ASN A CG  1 
ATOM   702  O OD1 . ASN A 1 89  ? 13.188  -1.628  -5.902  1.00 28.23 ? 89  ASN A OD1 1 
ATOM   703  N ND2 . ASN A 1 89  ? 14.738  -0.761  -7.248  1.00 30.32 ? 89  ASN A ND2 1 
ATOM   704  N N   . MET A 1 90  ? 10.367  -0.049  -6.520  1.00 27.90 ? 90  MET A N   1 
ATOM   705  C CA  . MET A 1 90  ? 9.223   -0.910  -6.254  1.00 27.35 ? 90  MET A CA  1 
ATOM   706  C C   . MET A 1 90  ? 9.511   -2.094  -5.318  1.00 27.66 ? 90  MET A C   1 
ATOM   707  O O   . MET A 1 90  ? 8.846   -2.297  -4.317  1.00 27.26 ? 90  MET A O   1 
ATOM   708  C CB  . MET A 1 90  ? 8.643   -1.399  -7.588  1.00 27.52 ? 90  MET A CB  1 
ATOM   709  C CG  . MET A 1 90  ? 7.518   -2.411  -7.459  1.00 28.53 ? 90  MET A CG  1 
ATOM   710  S SD  . MET A 1 90  ? 5.984   -1.718  -6.838  1.00 29.46 ? 90  MET A SD  1 
ATOM   711  C CE  . MET A 1 90  ? 5.233   -1.100  -8.336  1.00 30.20 ? 90  MET A CE  1 
ATOM   712  N N   . ASP A 1 91  ? 10.519  -2.892  -5.684  1.00 27.40 ? 91  ASP A N   1 
ATOM   713  C CA  . ASP A 1 91  ? 10.859  -4.085  -4.888  1.00 27.33 ? 91  ASP A CA  1 
ATOM   714  C C   . ASP A 1 91  ? 11.307  -3.719  -3.501  1.00 28.52 ? 91  ASP A C   1 
ATOM   715  O O   . ASP A 1 91  ? 10.988  -4.428  -2.547  1.00 27.55 ? 91  ASP A O   1 
ATOM   716  C CB  . ASP A 1 91  ? 11.931  -4.942  -5.579  1.00 28.20 ? 91  ASP A CB  1 
ATOM   717  C CG  . ASP A 1 91  ? 11.400  -5.690  -6.768  1.00 28.49 ? 91  ASP A CG  1 
ATOM   718  O OD1 . ASP A 1 91  ? 10.215  -5.562  -7.117  1.00 28.69 ? 91  ASP A OD1 1 
ATOM   719  O OD2 . ASP A 1 91  ? 12.184  -6.475  -7.368  1.00 29.97 ? 91  ASP A OD2 1 
ATOM   720  N N   . SER A 1 92  ? 12.030  -2.608  -3.364  1.00 27.35 ? 92  SER A N   1 
ATOM   721  C CA  . SER A 1 92  ? 12.471  -2.216  -2.040  1.00 27.66 ? 92  SER A CA  1 
ATOM   722  C C   . SER A 1 92  ? 11.285  -1.935  -1.136  1.00 26.85 ? 92  SER A C   1 
ATOM   723  O O   . SER A 1 92  ? 11.308  -2.302  0.050   1.00 26.57 ? 92  SER A O   1 
ATOM   724  C CB  . SER A 1 92  ? 13.356  -0.977  -2.105  1.00 27.15 ? 92  SER A CB  1 
ATOM   725  O OG  . SER A 1 92  ? 14.597  -1.304  -2.740  1.00 27.20 ? 92  SER A OG  1 
ATOM   726  N N   . GLU A 1 93  ? 10.251  -1.262  -1.677  1.00 26.24 ? 93  GLU A N   1 
ATOM   727  C CA  . GLU A 1 93  ? 9.044   -0.969  -0.915  1.00 26.83 ? 93  GLU A CA  1 
ATOM   728  C C   . GLU A 1 93  ? 8.221   -2.222  -0.605  1.00 26.64 ? 93  GLU A C   1 
ATOM   729  O O   . GLU A 1 93  ? 7.702   -2.362  0.490   1.00 27.09 ? 93  GLU A O   1 
ATOM   730  C CB  . GLU A 1 93  ? 8.192   0.088   -1.651  1.00 27.40 ? 93  GLU A CB  1 
ATOM   731  C CG  . GLU A 1 93  ? 9.005   1.409   -1.708  1.00 26.82 ? 93  GLU A CG  1 
ATOM   732  C CD  . GLU A 1 93  ? 8.336   2.563   -2.427  1.00 27.60 ? 93  GLU A CD  1 
ATOM   733  O OE1 . GLU A 1 93  ? 7.089   2.623   -2.465  1.00 26.95 ? 93  GLU A OE1 1 
ATOM   734  O OE2 . GLU A 1 93  ? 9.095   3.430   -2.928  1.00 27.32 ? 93  GLU A OE2 1 
ATOM   735  N N   . LEU A 1 94  ? 8.145   -3.137  -1.564  1.00 26.95 ? 94  LEU A N   1 
ATOM   736  C CA  . LEU A 1 94  ? 7.506   -4.429  -1.258  1.00 27.16 ? 94  LEU A CA  1 
ATOM   737  C C   . LEU A 1 94  ? 8.268   -5.255  -0.204  1.00 26.69 ? 94  LEU A C   1 
ATOM   738  O O   . LEU A 1 94  ? 7.655   -5.865  0.670   1.00 26.92 ? 94  LEU A O   1 
ATOM   739  C CB  . LEU A 1 94  ? 7.340   -5.225  -2.543  1.00 27.57 ? 94  LEU A CB  1 
ATOM   740  C CG  . LEU A 1 94  ? 6.408   -4.577  -3.592  1.00 27.16 ? 94  LEU A CG  1 
ATOM   741  C CD1 . LEU A 1 94  ? 6.305   -5.412  -4.838  1.00 29.17 ? 94  LEU A CD1 1 
ATOM   742  C CD2 . LEU A 1 94  ? 5.021   -4.395  -3.020  1.00 30.11 ? 94  LEU A CD2 1 
ATOM   743  N N   . LYS A 1 95  ? 9.597   -5.202  -0.273  1.00 26.39 ? 95  LYS A N   1 
ATOM   744  C CA  . LYS A 1 95  ? 10.398  -5.835  0.784   1.00 26.67 ? 95  LYS A CA  1 
ATOM   745  C C   . LYS A 1 95  ? 10.144  -5.222  2.149   1.00 26.56 ? 95  LYS A C   1 
ATOM   746  O O   . LYS A 1 95  ? 10.128  -5.934  3.146   1.00 25.50 ? 95  LYS A O   1 
ATOM   747  C CB  . LYS A 1 95  ? 11.875  -5.743  0.437   1.00 27.14 ? 95  LYS A CB  1 
ATOM   748  C CG  . LYS A 1 95  ? 12.278  -6.687  -0.670  1.00 27.55 ? 95  LYS A CG  1 
ATOM   749  C CD  . LYS A 1 95  ? 13.657  -6.321  -1.173  1.00 29.75 ? 95  LYS A CD  1 
ATOM   750  C CE  . LYS A 1 95  ? 14.065  -7.277  -2.232  1.00 33.53 ? 95  LYS A CE  1 
ATOM   751  N NZ  . LYS A 1 95  ? 15.486  -7.047  -2.562  1.00 36.52 ? 95  LYS A NZ  1 
ATOM   752  N N   . ARG A 1 96  ? 9.966   -3.886  2.232   1.00 25.83 ? 96  ARG A N   1 
ATOM   753  C CA  . ARG A 1 96  ? 9.584   -3.290  3.520   1.00 26.56 ? 96  ARG A CA  1 
ATOM   754  C C   . ARG A 1 96  ? 8.272   -3.848  4.048   1.00 26.43 ? 96  ARG A C   1 
ATOM   755  O O   . ARG A 1 96  ? 8.144   -4.131  5.229   1.00 25.93 ? 96  ARG A O   1 
ATOM   756  C CB  . ARG A 1 96  ? 9.507   -1.768  3.398   1.00 27.18 ? 96  ARG A CB  1 
ATOM   757  C CG  . ARG A 1 96  ? 8.908   -1.089  4.620   1.00 27.58 ? 96  ARG A CG  1 
ATOM   758  C CD  . ARG A 1 96  ? 9.826   -1.141  5.860   1.00 26.76 ? 96  ARG A CD  1 
ATOM   759  N NE  . ARG A 1 96  ? 9.152   -0.609  7.025   1.00 27.18 ? 96  ARG A NE  1 
ATOM   760  C CZ  . ARG A 1 96  ? 9.737   -0.344  8.190   1.00 28.00 ? 96  ARG A CZ  1 
ATOM   761  N NH1 . ARG A 1 96  ? 11.055  -0.550  8.358   1.00 26.71 ? 96  ARG A NH1 1 
ATOM   762  N NH2 . ARG A 1 96  ? 9.014   0.130   9.186   1.00 29.04 ? 96  ARG A NH2 1 
ATOM   763  N N   . ILE A 1 97  ? 7.292   -3.986  3.157   1.00 26.19 ? 97  ILE A N   1 
ATOM   764  C CA  . ILE A 1 97  ? 5.989   -4.466  3.597   1.00 27.10 ? 97  ILE A CA  1 
ATOM   765  C C   . ILE A 1 97  ? 6.102   -5.916  4.109   1.00 27.09 ? 97  ILE A C   1 
ATOM   766  O O   . ILE A 1 97  ? 5.534   -6.247  5.143   1.00 27.48 ? 97  ILE A O   1 
ATOM   767  C CB  . ILE A 1 97  ? 4.929   -4.319  2.489   1.00 27.73 ? 97  ILE A CB  1 
ATOM   768  C CG1 . ILE A 1 97  ? 4.738   -2.833  2.142   1.00 28.02 ? 97  ILE A CG1 1 
ATOM   769  C CG2 . ILE A 1 97  ? 3.570   -4.947  2.933   1.00 29.48 ? 97  ILE A CG2 1 
ATOM   770  C CD1 . ILE A 1 97  ? 3.849   -2.617  0.919   1.00 29.30 ? 97  ILE A CD1 1 
ATOM   771  N N   . ILE A 1 98  ? 6.888   -6.725  3.408   1.00 26.94 ? 98  ILE A N   1 
ATOM   772  C CA  . ILE A 1 98  ? 7.137   -8.118  3.852   1.00 26.87 ? 98  ILE A CA  1 
ATOM   773  C C   . ILE A 1 98  ? 7.866   -8.120  5.185   1.00 26.43 ? 98  ILE A C   1 
ATOM   774  O O   . ILE A 1 98  ? 7.544   -8.906  6.096   1.00 26.76 ? 98  ILE A O   1 
ATOM   775  C CB  . ILE A 1 98  ? 7.910   -8.884  2.768   1.00 27.18 ? 98  ILE A CB  1 
ATOM   776  C CG1 . ILE A 1 98  ? 6.978   -9.189  1.593   1.00 28.95 ? 98  ILE A CG1 1 
ATOM   777  C CG2 . ILE A 1 98  ? 8.488   -10.195 3.346   1.00 27.13 ? 98  ILE A CG2 1 
ATOM   778  C CD1 . ILE A 1 98  ? 7.663   -9.654  0.329   1.00 31.05 ? 98  ILE A CD1 1 
ATOM   779  N N   . TRP A 1 99  ? 8.813   -7.216  5.336   1.00 25.52 ? 99  TRP A N   1 
ATOM   780  C CA  . TRP A 1 99  ? 9.522   -7.066  6.605   1.00 26.00 ? 99  TRP A CA  1 
ATOM   781  C C   . TRP A 1 99  ? 8.566   -6.709  7.734   1.00 25.02 ? 99  TRP A C   1 
ATOM   782  O O   . TRP A 1 99  ? 8.718   -7.155  8.884   1.00 25.20 ? 99  TRP A O   1 
ATOM   783  C CB  . TRP A 1 99  ? 10.649  -6.040  6.482   1.00 24.33 ? 99  TRP A CB  1 
ATOM   784  C CG  . TRP A 1 99  ? 11.484  -5.765  7.717   1.00 25.68 ? 99  TRP A CG  1 
ATOM   785  C CD1 . TRP A 1 99  ? 12.742  -6.279  8.006   1.00 22.42 ? 99  TRP A CD1 1 
ATOM   786  C CD2 . TRP A 1 99  ? 11.184  -4.856  8.763   1.00 24.57 ? 99  TRP A CD2 1 
ATOM   787  N NE1 . TRP A 1 99  ? 13.200  -5.746  9.172   1.00 24.36 ? 99  TRP A NE1 1 
ATOM   788  C CE2 . TRP A 1 99  ? 12.266  -4.892  9.684   1.00 23.61 ? 99  TRP A CE2 1 
ATOM   789  C CE3 . TRP A 1 99  ? 10.077  -4.033  9.056   1.00 26.10 ? 99  TRP A CE3 1 
ATOM   790  C CZ2 . TRP A 1 99  ? 12.287  -4.122  10.842  1.00 26.15 ? 99  TRP A CZ2 1 
ATOM   791  C CZ3 . TRP A 1 99  ? 10.111  -3.276  10.216  1.00 26.67 ? 99  TRP A CZ3 1 
ATOM   792  C CH2 . TRP A 1 99  ? 11.190  -3.330  11.102  1.00 26.59 ? 99  TRP A CH2 1 
ATOM   793  N N   . GLU A 1 100 ? 7.573   -5.868  7.416   1.00 25.15 ? 100 GLU A N   1 
ATOM   794  C CA  . GLU A 1 100 ? 6.613   -5.450  8.435   1.00 25.35 ? 100 GLU A CA  1 
ATOM   795  C C   . GLU A 1 100 ? 5.720   -6.603  8.907   1.00 25.36 ? 100 GLU A C   1 
ATOM   796  O O   . GLU A 1 100 ? 5.466   -6.753  10.107  1.00 25.86 ? 100 GLU A O   1 
ATOM   797  C CB  . GLU A 1 100 ? 5.762   -4.263  7.933   1.00 26.52 ? 100 GLU A CB  1 
ATOM   798  C CG  . GLU A 1 100 ? 6.540   -2.960  7.808   1.00 26.22 ? 100 GLU A CG  1 
ATOM   799  C CD  . GLU A 1 100 ? 5.871   -1.926  6.893   1.00 26.56 ? 100 GLU A CD  1 
ATOM   800  O OE1 . GLU A 1 100 ? 5.014   -2.306  6.088   1.00 26.66 ? 100 GLU A OE1 1 
ATOM   801  O OE2 . GLU A 1 100 ? 6.294   -0.772  6.975   1.00 26.55 ? 100 GLU A OE2 1 
ATOM   802  N N   . VAL A 1 101 ? 5.262   -7.414  7.965   1.00 26.00 ? 101 VAL A N   1 
ATOM   803  C CA  . VAL A 1 101 ? 4.445   -8.560  8.362   1.00 27.55 ? 101 VAL A CA  1 
ATOM   804  C C   . VAL A 1 101 ? 5.268   -9.517  9.229   1.00 26.40 ? 101 VAL A C   1 
ATOM   805  O O   . VAL A 1 101 ? 4.800   -10.025 10.243  1.00 25.87 ? 101 VAL A O   1 
ATOM   806  C CB  . VAL A 1 101 ? 3.908   -9.350  7.177   1.00 28.67 ? 101 VAL A CB  1 
ATOM   807  C CG1 . VAL A 1 101 ? 2.991   -10.496 7.701   1.00 31.87 ? 101 VAL A CG1 1 
ATOM   808  C CG2 . VAL A 1 101 ? 3.084   -8.495  6.257   1.00 31.09 ? 101 VAL A CG2 1 
ATOM   809  N N   . ASN A 1 102 ? 6.511   -9.767  8.823   1.00 26.18 ? 102 ASN A N   1 
ATOM   810  C CA  . ASN A 1 102 ? 7.366   -10.707 9.571   1.00 26.38 ? 102 ASN A CA  1 
ATOM   811  C C   . ASN A 1 102 ? 7.769   -10.230 10.945  1.00 26.81 ? 102 ASN A C   1 
ATOM   812  O O   . ASN A 1 102 ? 8.005   -11.043 11.823  1.00 27.36 ? 102 ASN A O   1 
ATOM   813  C CB  . ASN A 1 102 ? 8.605   -11.046 8.745   1.00 26.70 ? 102 ASN A CB  1 
ATOM   814  C CG  . ASN A 1 102 ? 8.334   -12.113 7.747   1.00 27.41 ? 102 ASN A CG  1 
ATOM   815  O OD1 . ASN A 1 102 ? 8.258   -13.282 8.100   1.00 27.98 ? 102 ASN A OD1 1 
ATOM   816  N ND2 . ASN A 1 102 ? 8.167   -11.745 6.503   1.00 28.49 ? 102 ASN A ND2 1 
ATOM   817  N N   . ASN A 1 103 ? 7.867   -8.924  11.165  1.00 26.68 ? 103 ASN A N   1 
ATOM   818  C CA  . ASN A 1 103 ? 8.319   -8.382  12.422  1.00 26.91 ? 103 ASN A CA  1 
ATOM   819  C C   . ASN A 1 103 ? 7.214   -7.669  13.211  1.00 27.74 ? 103 ASN A C   1 
ATOM   820  O O   . ASN A 1 103 ? 7.496   -6.998  14.169  1.00 30.09 ? 103 ASN A O   1 
ATOM   821  C CB  . ASN A 1 103 ? 9.532   -7.476  12.180  1.00 26.05 ? 103 ASN A CB  1 
ATOM   822  C CG  . ASN A 1 103 ? 10.658  -8.241  11.495  1.00 26.60 ? 103 ASN A CG  1 
ATOM   823  O OD1 . ASN A 1 103 ? 11.020  -8.008  10.310  1.00 27.69 ? 103 ASN A OD1 1 
ATOM   824  N ND2 . ASN A 1 103 ? 11.152  -9.235  12.209  1.00 25.63 ? 103 ASN A ND2 1 
ATOM   825  N N   . ASN A 1 104 ? 5.974   -7.853  12.784  1.00 28.57 ? 104 ASN A N   1 
ATOM   826  C CA  . ASN A 1 104 ? 4.804   -7.183  13.368  1.00 30.22 ? 104 ASN A CA  1 
ATOM   827  C C   . ASN A 1 104 ? 5.040   -5.690  13.564  1.00 30.54 ? 104 ASN A C   1 
ATOM   828  O O   . ASN A 1 104 ? 4.903   -5.154  14.663  1.00 31.23 ? 104 ASN A O   1 
ATOM   829  C CB  . ASN A 1 104 ? 4.350   -7.826  14.676  1.00 32.21 ? 104 ASN A CB  1 
ATOM   830  C CG  . ASN A 1 104 ? 2.946   -7.376  15.075  1.00 35.75 ? 104 ASN A CG  1 
ATOM   831  O OD1 . ASN A 1 104 ? 2.077   -7.152  14.209  1.00 38.76 ? 104 ASN A OD1 1 
ATOM   832  N ND2 . ASN A 1 104 ? 2.728   -7.202  16.370  1.00 39.89 ? 104 ASN A ND2 1 
ATOM   833  N N   . ALA A 1 105 ? 5.424   -5.036  12.475  1.00 28.57 ? 105 ALA A N   1 
ATOM   834  C CA  . ALA A 1 105 ? 5.575   -3.597  12.478  1.00 28.06 ? 105 ALA A CA  1 
ATOM   835  C C   . ALA A 1 105 ? 4.407   -2.983  11.723  1.00 28.01 ? 105 ALA A C   1 
ATOM   836  O O   . ALA A 1 105 ? 3.710   -3.644  10.940  1.00 27.65 ? 105 ALA A O   1 
ATOM   837  C CB  . ALA A 1 105 ? 6.875   -3.189  11.825  1.00 29.21 ? 105 ALA A CB  1 
ATOM   838  N N   . GLN A 1 106 ? 4.197   -1.698  12.003  1.00 27.35 ? 106 GLN A N   1 
ATOM   839  C CA  . GLN A 1 106 ? 3.218   -0.835  11.296  1.00 28.14 ? 106 GLN A CA  1 
ATOM   840  C C   . GLN A 1 106 ? 1.776   -1.068  11.752  1.00 29.06 ? 106 GLN A C   1 
ATOM   841  O O   . GLN A 1 106 ? 1.086   -0.119  12.140  1.00 31.87 ? 106 GLN A O   1 
ATOM   842  C CB  . GLN A 1 106 ? 3.431   -0.843  9.753   1.00 27.56 ? 106 GLN A CB  1 
ATOM   843  C CG  . GLN A 1 106 ? 2.706   0.311   8.969   1.00 27.93 ? 106 GLN A CG  1 
ATOM   844  C CD  . GLN A 1 106 ? 2.893   1.637   9.650   1.00 28.22 ? 106 GLN A CD  1 
ATOM   845  O OE1 . GLN A 1 106 ? 4.014   2.002   10.030  1.00 28.35 ? 106 GLN A OE1 1 
ATOM   846  N NE2 . GLN A 1 106 ? 1.799   2.373   9.798   1.00 27.49 ? 106 GLN A NE2 1 
ATOM   847  N N   . TRP A 1 107 ? 1.383   -2.320  11.844  1.00 28.34 ? 107 TRP A N   1 
ATOM   848  C CA  . TRP A 1 107 ? 0.009   -2.744  12.079  1.00 28.03 ? 107 TRP A CA  1 
ATOM   849  C C   . TRP A 1 107 ? -0.400  -2.576  13.533  1.00 28.13 ? 107 TRP A C   1 
ATOM   850  O O   . TRP A 1 107 ? 0.318   -3.010  14.462  1.00 28.54 ? 107 TRP A O   1 
ATOM   851  C CB  . TRP A 1 107 ? -0.079  -4.237  11.731  1.00 28.08 ? 107 TRP A CB  1 
ATOM   852  C CG  . TRP A 1 107 ? -1.455  -4.811  11.608  1.00 26.92 ? 107 TRP A CG  1 
ATOM   853  C CD1 . TRP A 1 107 ? -2.233  -5.374  12.616  1.00 26.98 ? 107 TRP A CD1 1 
ATOM   854  C CD2 . TRP A 1 107 ? -2.213  -4.900  10.423  1.00 25.94 ? 107 TRP A CD2 1 
ATOM   855  N NE1 . TRP A 1 107 ? -3.426  -5.804  12.083  1.00 26.95 ? 107 TRP A NE1 1 
ATOM   856  C CE2 . TRP A 1 107 ? -3.429  -5.563  10.738  1.00 26.32 ? 107 TRP A CE2 1 
ATOM   857  C CE3 . TRP A 1 107 ? -1.964  -4.545  9.092   1.00 26.62 ? 107 TRP A CE3 1 
ATOM   858  C CZ2 . TRP A 1 107 ? -4.404  -5.800  9.786   1.00 28.03 ? 107 TRP A CZ2 1 
ATOM   859  C CZ3 . TRP A 1 107 ? -2.887  -4.804  8.178   1.00 26.38 ? 107 TRP A CZ3 1 
ATOM   860  C CH2 . TRP A 1 107 ? -4.111  -5.412  8.501   1.00 27.65 ? 107 TRP A CH2 1 
ATOM   861  N N   . ILE A 1 108 ? -1.582  -2.022  13.728  1.00 26.41 ? 108 ILE A N   1 
ATOM   862  C CA  . ILE A 1 108 ? -2.220  -2.010  15.043  1.00 27.19 ? 108 ILE A CA  1 
ATOM   863  C C   . ILE A 1 108 ? -3.537  -2.738  14.904  1.00 26.02 ? 108 ILE A C   1 
ATOM   864  O O   . ILE A 1 108 ? -4.327  -2.450  14.013  1.00 26.61 ? 108 ILE A O   1 
ATOM   865  C CB  . ILE A 1 108 ? -2.457  -0.545  15.569  1.00 26.88 ? 108 ILE A CB  1 
ATOM   866  C CG1 . ILE A 1 108 ? -1.128  0.218   15.705  1.00 27.13 ? 108 ILE A CG1 1 
ATOM   867  C CG2 . ILE A 1 108 ? -3.231  -0.573  16.896  1.00 27.09 ? 108 ILE A CG2 1 
ATOM   868  C CD1 . ILE A 1 108 ? -1.253  1.718   16.007  1.00 29.34 ? 108 ILE A CD1 1 
ATOM   869  N N   . ASN A 1 109 ? -3.772  -3.697  15.784  1.00 26.84 ? 109 ASN A N   1 
ATOM   870  C CA  . ASN A 1 109 ? -4.901  -4.582  15.659  1.00 26.52 ? 109 ASN A CA  1 
ATOM   871  C C   . ASN A 1 109 ? -6.156  -3.945  16.229  1.00 25.99 ? 109 ASN A C   1 
ATOM   872  O O   . ASN A 1 109 ? -6.461  -4.114  17.418  1.00 26.55 ? 109 ASN A O   1 
ATOM   873  C CB  . ASN A 1 109 ? -4.582  -5.918  16.348  1.00 26.40 ? 109 ASN A CB  1 
ATOM   874  C CG  . ASN A 1 109 ? -5.622  -6.975  16.050  1.00 28.91 ? 109 ASN A CG  1 
ATOM   875  O OD1 . ASN A 1 109 ? -6.676  -6.661  15.509  1.00 27.30 ? 109 ASN A OD1 1 
ATOM   876  N ND2 . ASN A 1 109 ? -5.320  -8.239  16.382  1.00 29.33 ? 109 ASN A ND2 1 
ATOM   877  N N   . LEU A 1 110 ? -6.836  -3.179  15.378  1.00 25.94 ? 110 LEU A N   1 
ATOM   878  C CA  . LEU A 1 110 ? -8.019  -2.406  15.760  1.00 27.06 ? 110 LEU A CA  1 
ATOM   879  C C   . LEU A 1 110 ? -9.288  -3.109  15.364  1.00 27.54 ? 110 LEU A C   1 
ATOM   880  O O   . LEU A 1 110 ? -10.361 -2.727  15.816  1.00 29.32 ? 110 LEU A O   1 
ATOM   881  C CB  . LEU A 1 110 ? -7.997  -0.997  15.170  1.00 26.33 ? 110 LEU A CB  1 
ATOM   882  C CG  . LEU A 1 110 ? -6.855  -0.134  15.743  1.00 24.95 ? 110 LEU A CG  1 
ATOM   883  C CD1 . LEU A 1 110 ? -6.696  1.204   15.036  1.00 27.56 ? 110 LEU A CD1 1 
ATOM   884  C CD2 . LEU A 1 110 ? -6.957  0.048   17.275  1.00 26.51 ? 110 LEU A CD2 1 
ATOM   885  N N   . ARG A 1 111 ? -9.168  -4.142  14.531  1.00 28.62 ? 111 ARG A N   1 
ATOM   886  C CA  . ARG A 1 111 ? -10.322 -4.800  13.931  1.00 28.87 ? 111 ARG A CA  1 
ATOM   887  C C   . ARG A 1 111 ? -10.288 -6.318  14.199  1.00 28.01 ? 111 ARG A C   1 
ATOM   888  O O   . ARG A 1 111 ? -10.865 -7.092  13.440  1.00 30.67 ? 111 ARG A O   1 
ATOM   889  C CB  . ARG A 1 111 ? -10.400 -4.487  12.426  1.00 29.07 ? 111 ARG A CB  1 
ATOM   890  C CG  . ARG A 1 111 ? -10.505 -2.997  12.002  1.00 29.21 ? 111 ARG A CG  1 
ATOM   891  C CD  . ARG A 1 111 ? -11.895 -2.360  12.336  1.00 29.23 ? 111 ARG A CD  1 
ATOM   892  N NE  . ARG A 1 111 ? -12.056 -0.928  12.003  1.00 27.57 ? 111 ARG A NE  1 
ATOM   893  C CZ  . ARG A 1 111 ? -11.658 0.120   12.748  1.00 29.61 ? 111 ARG A CZ  1 
ATOM   894  N NH1 . ARG A 1 111 ? -11.051 -0.049  13.904  1.00 28.67 ? 111 ARG A NH1 1 
ATOM   895  N NH2 . ARG A 1 111 ? -11.876 1.358   12.348  1.00 31.96 ? 111 ARG A NH2 1 
ATOM   896  N N   . ASP A 1 112 ? -9.606  -6.731  15.266  1.00 28.73 ? 112 ASP A N   1 
ATOM   897  C CA  . ASP A 1 112 ? -9.458  -8.147  15.616  1.00 28.49 ? 112 ASP A CA  1 
ATOM   898  C C   . ASP A 1 112 ? -8.994  -8.962  14.410  1.00 28.51 ? 112 ASP A C   1 
ATOM   899  O O   . ASP A 1 112 ? -9.516  -10.038 14.121  1.00 28.23 ? 112 ASP A O   1 
ATOM   900  C CB  . ASP A 1 112 ? -10.754 -8.705  16.241  1.00 29.22 ? 112 ASP A CB  1 
ATOM   901  C CG  . ASP A 1 112 ? -10.605 -10.143 16.734  1.00 30.91 ? 112 ASP A CG  1 
ATOM   902  O OD1 . ASP A 1 112 ? -9.475  -10.552 17.086  1.00 32.62 ? 112 ASP A OD1 1 
ATOM   903  O OD2 . ASP A 1 112 ? -11.625 -10.873 16.783  1.00 33.19 ? 112 ASP A OD2 1 
ATOM   904  N N   . MET A 1 113 ? -8.016  -8.414  13.691  1.00 27.64 ? 113 MET A N   1 
ATOM   905  C CA  . MET A 1 113 ? -7.310  -9.127  12.613  1.00 26.86 ? 113 MET A CA  1 
ATOM   906  C C   . MET A 1 113 ? -5.857  -8.702  12.722  1.00 26.64 ? 113 MET A C   1 
ATOM   907  O O   . MET A 1 113 ? -5.574  -7.509  12.722  1.00 26.82 ? 113 MET A O   1 
ATOM   908  C CB  . MET A 1 113 ? -7.864  -8.784  11.224  1.00 27.05 ? 113 MET A CB  1 
ATOM   909  C CG  . MET A 1 113 ? -7.181  -9.559  10.061  1.00 27.12 ? 113 MET A CG  1 
ATOM   910  S SD  . MET A 1 113 ? -7.873  -9.302  8.453   1.00 28.31 ? 113 MET A SD  1 
ATOM   911  C CE  . MET A 1 113 ? -9.387  -10.258 8.569   1.00 28.96 ? 113 MET A CE  1 
ATOM   912  N N   . THR A 1 114 ? -4.945  -9.659  12.827  1.00 27.27 ? 114 THR A N   1 
ATOM   913  C CA  . THR A 1 114 ? -3.524  -9.400  12.870  1.00 27.35 ? 114 THR A CA  1 
ATOM   914  C C   . THR A 1 114 ? -3.030  -9.231  11.423  1.00 27.12 ? 114 THR A C   1 
ATOM   915  O O   . THR A 1 114 ? -3.701  -9.640  10.474  1.00 27.65 ? 114 THR A O   1 
ATOM   916  C CB  . THR A 1 114 ? -2.764  -10.589 13.494  1.00 27.35 ? 114 THR A CB  1 
ATOM   917  O OG1 . THR A 1 114 ? -2.942  -11.733 12.643  1.00 27.54 ? 114 THR A OG1 1 
ATOM   918  C CG2 . THR A 1 114 ? -3.303  -10.919 14.912  1.00 28.10 ? 114 THR A CG2 1 
ATOM   919  N N   . PHE A 1 115 ? -1.854  -8.622  11.256  1.00 27.71 ? 115 PHE A N   1 
ATOM   920  C CA  . PHE A 1 115 ? -1.253  -8.551  9.908   1.00 27.42 ? 115 PHE A CA  1 
ATOM   921  C C   . PHE A 1 115 ? -1.085  -9.966  9.279   1.00 27.95 ? 115 PHE A C   1 
ATOM   922  O O   . PHE A 1 115 ? -1.392  -10.173 8.101   1.00 27.26 ? 115 PHE A O   1 
ATOM   923  C CB  . PHE A 1 115 ? 0.082   -7.786  9.985   1.00 27.49 ? 115 PHE A CB  1 
ATOM   924  C CG  . PHE A 1 115 ? 0.443   -7.004  8.716   1.00 25.90 ? 115 PHE A CG  1 
ATOM   925  C CD1 . PHE A 1 115 ? -0.216  -7.227  7.507   1.00 26.46 ? 115 PHE A CD1 1 
ATOM   926  C CD2 . PHE A 1 115 ? 1.505   -6.079  8.755   1.00 26.68 ? 115 PHE A CD2 1 
ATOM   927  C CE1 . PHE A 1 115 ? 0.151   -6.509  6.362   1.00 27.63 ? 115 PHE A CE1 1 
ATOM   928  C CE2 . PHE A 1 115 ? 1.891   -5.385  7.639   1.00 26.44 ? 115 PHE A CE2 1 
ATOM   929  C CZ  . PHE A 1 115 ? 1.221   -5.583  6.442   1.00 28.79 ? 115 PHE A CZ  1 
ATOM   930  N N   . LYS A 1 116 ? -0.668  -10.944 10.092  1.00 27.65 ? 116 LYS A N   1 
ATOM   931  C CA  . LYS A 1 116 ? -0.501  -12.330 9.570   1.00 28.84 ? 116 LYS A CA  1 
ATOM   932  C C   . LYS A 1 116 ? -1.826  -12.974 9.147   1.00 28.83 ? 116 LYS A C   1 
ATOM   933  O O   . LYS A 1 116 ? -1.902  -13.668 8.121   1.00 30.01 ? 116 LYS A O   1 
ATOM   934  C CB  . LYS A 1 116 ? 0.252   -13.214 10.556  1.00 28.70 ? 116 LYS A CB  1 
ATOM   935  C CG  . LYS A 1 116 ? 1.738   -12.907 10.573  1.00 32.28 ? 116 LYS A CG  1 
ATOM   936  C CD  . LYS A 1 116 ? 2.434   -13.649 11.690  1.00 37.94 ? 116 LYS A CD  1 
ATOM   937  C CE  . LYS A 1 116 ? 3.956   -13.587 11.548  1.00 42.66 ? 116 LYS A CE  1 
ATOM   938  N NZ  . LYS A 1 116 ? 4.401   -13.979 10.167  1.00 45.10 ? 116 LYS A NZ  1 
ATOM   939  N N   . GLU A 1 117 ? -2.889  -12.717 9.906   1.00 27.38 ? 117 GLU A N   1 
ATOM   940  C CA  . GLU A 1 117 ? -4.224  -13.072 9.435   1.00 28.51 ? 117 GLU A CA  1 
ATOM   941  C C   . GLU A 1 117 ? -4.627  -12.353 8.134   1.00 27.28 ? 117 GLU A C   1 
ATOM   942  O O   . GLU A 1 117 ? -5.160  -12.968 7.189   1.00 28.69 ? 117 GLU A O   1 
ATOM   943  C CB  . GLU A 1 117 ? -5.263  -12.792 10.526  1.00 27.47 ? 117 GLU A CB  1 
ATOM   944  C CG  . GLU A 1 117 ? -5.149  -13.686 11.755  1.00 30.08 ? 117 GLU A CG  1 
ATOM   945  C CD  . GLU A 1 117 ? -6.154  -13.353 12.852  1.00 31.47 ? 117 GLU A CD  1 
ATOM   946  O OE1 . GLU A 1 117 ? -6.501  -12.161 13.026  1.00 32.49 ? 117 GLU A OE1 1 
ATOM   947  O OE2 . GLU A 1 117 ? -6.589  -14.297 13.572  1.00 32.90 ? 117 GLU A OE2 1 
ATOM   948  N N   . TYR A 1 118 ? -4.381  -11.039 8.071   1.00 26.15 ? 118 TYR A N   1 
ATOM   949  C CA  . TYR A 1 118 ? -4.763  -10.256 6.914   1.00 26.58 ? 118 TYR A CA  1 
ATOM   950  C C   . TYR A 1 118 ? -4.282  -10.906 5.608   1.00 26.24 ? 118 TYR A C   1 
ATOM   951  O O   . TYR A 1 118 ? -5.045  -11.034 4.666   1.00 26.70 ? 118 TYR A O   1 
ATOM   952  C CB  . TYR A 1 118 ? -4.237  -8.792  7.043   1.00 26.66 ? 118 TYR A CB  1 
ATOM   953  C CG  . TYR A 1 118 ? -4.584  -7.923  5.837   1.00 26.12 ? 118 TYR A CG  1 
ATOM   954  C CD1 . TYR A 1 118 ? -3.706  -7.830  4.745   1.00 25.54 ? 118 TYR A CD1 1 
ATOM   955  C CD2 . TYR A 1 118 ? -5.813  -7.266  5.752   1.00 25.78 ? 118 TYR A CD2 1 
ATOM   956  C CE1 . TYR A 1 118 ? -4.044  -7.112  3.650   1.00 27.07 ? 118 TYR A CE1 1 
ATOM   957  C CE2 . TYR A 1 118 ? -6.141  -6.532  4.657   1.00 26.62 ? 118 TYR A CE2 1 
ATOM   958  C CZ  . TYR A 1 118 ? -5.247  -6.448  3.596   1.00 25.65 ? 118 TYR A CZ  1 
ATOM   959  O OH  . TYR A 1 118 ? -5.553  -5.773  2.485   1.00 28.41 ? 118 TYR A OH  1 
ATOM   960  N N   . ILE A 1 119 ? -2.998  -11.236 5.535   1.00 26.56 ? 119 ILE A N   1 
ATOM   961  C CA  . ILE A 1 119 ? -2.424  -11.601 4.245   1.00 27.44 ? 119 ILE A CA  1 
ATOM   962  C C   . ILE A 1 119 ? -2.940  -12.956 3.736   1.00 27.58 ? 119 ILE A C   1 
ATOM   963  O O   . ILE A 1 119 ? -2.818  -13.251 2.559   1.00 28.00 ? 119 ILE A O   1 
ATOM   964  C CB  . ILE A 1 119 ? -0.870  -11.529 4.247   1.00 27.65 ? 119 ILE A CB  1 
ATOM   965  C CG1 . ILE A 1 119 ? -0.232  -12.567 5.178   1.00 27.80 ? 119 ILE A CG1 1 
ATOM   966  C CG2 . ILE A 1 119 ? -0.393  -10.116 4.611   1.00 27.32 ? 119 ILE A CG2 1 
ATOM   967  C CD1 . ILE A 1 119 ? 1.275   -12.947 4.776   1.00 29.55 ? 119 ILE A CD1 1 
ATOM   968  N N   . LYS A 1 120 ? -3.537  -13.731 4.638   1.00 27.25 ? 120 LYS A N   1 
ATOM   969  C CA  . LYS A 1 120 ? -4.088  -15.056 4.300   1.00 28.09 ? 120 LYS A CA  1 
ATOM   970  C C   . LYS A 1 120 ? -5.592  -15.000 4.114   1.00 28.03 ? 120 LYS A C   1 
ATOM   971  O O   . LYS A 1 120 ? -6.209  -16.020 3.818   1.00 28.15 ? 120 LYS A O   1 
ATOM   972  C CB  . LYS A 1 120 ? -3.789  -16.046 5.417   1.00 28.55 ? 120 LYS A CB  1 
ATOM   973  C CG  . LYS A 1 120 ? -2.352  -16.380 5.638   1.00 30.86 ? 120 LYS A CG  1 
ATOM   974  C CD  . LYS A 1 120 ? -1.551  -16.578 4.354   1.00 35.24 ? 120 LYS A CD  1 
ATOM   975  C CE  . LYS A 1 120 ? -0.114  -16.830 4.724   1.00 38.83 ? 120 LYS A CE  1 
ATOM   976  N NZ  . LYS A 1 120 ? 0.885   -16.346 3.753   1.00 43.49 ? 120 LYS A NZ  1 
ATOM   977  N N   . SER A 1 121 ? -6.198  -13.827 4.260   1.00 28.26 ? 121 SER A N   1 
ATOM   978  C CA  . SER A 1 121 ? -7.652  -13.684 4.316   1.00 28.03 ? 121 SER A CA  1 
ATOM   979  C C   . SER A 1 121 ? -8.348  -13.800 2.965   1.00 27.84 ? 121 SER A C   1 
ATOM   980  O O   . SER A 1 121 ? -7.887  -13.289 1.949   1.00 27.44 ? 121 SER A O   1 
ATOM   981  C CB  . SER A 1 121 ? -8.015  -12.343 4.977   1.00 28.63 ? 121 SER A CB  1 
ATOM   982  O OG  . SER A 1 121 ? -9.409  -12.272 5.272   1.00 27.65 ? 121 SER A OG  1 
ATOM   983  N N   . THR A 1 122 ? -9.502  -14.470 2.963   1.00 27.42 ? 122 THR A N   1 
ATOM   984  C CA  . THR A 1 122 ? -10.341 -14.460 1.782   1.00 27.59 ? 122 THR A CA  1 
ATOM   985  C C   . THR A 1 122 ? -11.664 -13.723 2.024   1.00 27.34 ? 122 THR A C   1 
ATOM   986  O O   . THR A 1 122 ? -12.680 -14.003 1.365   1.00 27.90 ? 122 THR A O   1 
ATOM   987  C CB  . THR A 1 122 ? -10.615 -15.892 1.246   1.00 27.61 ? 122 THR A CB  1 
ATOM   988  O OG1 . THR A 1 122 ? -11.244 -16.645 2.279   1.00 28.83 ? 122 THR A OG1 1 
ATOM   989  C CG2 . THR A 1 122 ? -9.319  -16.606 0.832   1.00 29.50 ? 122 THR A CG2 1 
ATOM   990  N N   . LYS A 1 123 ? -11.661 -12.764 2.953   1.00 27.51 ? 123 LYS A N   1 
ATOM   991  C CA  . LYS A 1 123 ? -12.753 -11.798 2.999   1.00 27.83 ? 123 LYS A CA  1 
ATOM   992  C C   . LYS A 1 123 ? -12.763 -10.989 1.706   1.00 27.71 ? 123 LYS A C   1 
ATOM   993  O O   . LYS A 1 123 ? -11.843 -11.096 0.870   1.00 27.35 ? 123 LYS A O   1 
ATOM   994  C CB  . LYS A 1 123 ? -12.611 -10.874 4.216   1.00 27.99 ? 123 LYS A CB  1 
ATOM   995  C CG  . LYS A 1 123 ? -12.810 -11.530 5.581   1.00 28.64 ? 123 LYS A CG  1 
ATOM   996  C CD  . LYS A 1 123 ? -12.785 -10.440 6.661   1.00 30.94 ? 123 LYS A CD  1 
ATOM   997  C CE  . LYS A 1 123 ? -12.620 -10.985 8.086   1.00 34.09 ? 123 LYS A CE  1 
ATOM   998  N NZ  . LYS A 1 123 ? -13.902 -11.506 8.670   1.00 38.61 ? 123 LYS A NZ  1 
ATOM   999  N N   . THR A 1 124 ? -13.790 -10.187 1.493   1.00 26.73 ? 124 THR A N   1 
ATOM   1000 C CA  . THR A 1 124 ? -13.849 -9.426  0.253   1.00 26.52 ? 124 THR A CA  1 
ATOM   1001 C C   . THR A 1 124 ? -12.739 -8.368  0.194   1.00 26.57 ? 124 THR A C   1 
ATOM   1002 O O   . THR A 1 124 ? -12.264 -7.867  1.237   1.00 26.93 ? 124 THR A O   1 
ATOM   1003 C CB  . THR A 1 124 ? -15.211 -8.773  0.018   1.00 26.89 ? 124 THR A CB  1 
ATOM   1004 O OG1 . THR A 1 124 ? -15.404 -7.719  0.961   1.00 27.19 ? 124 THR A OG1 1 
ATOM   1005 C CG2 . THR A 1 124 ? -16.333 -9.810  0.158   1.00 25.69 ? 124 THR A CG2 1 
ATOM   1006 N N   . PRO A 1 125 ? -12.291 -8.059  -1.019  1.00 25.77 ? 125 PRO A N   1 
ATOM   1007 C CA  . PRO A 1 125 ? -11.398 -6.909  -1.213  1.00 26.16 ? 125 PRO A CA  1 
ATOM   1008 C C   . PRO A 1 125 ? -11.905 -5.613  -0.570  1.00 26.00 ? 125 PRO A C   1 
ATOM   1009 O O   . PRO A 1 125 ? -11.106 -4.871  -0.011  1.00 26.24 ? 125 PRO A O   1 
ATOM   1010 C CB  . PRO A 1 125 ? -11.311 -6.797  -2.730  1.00 25.82 ? 125 PRO A CB  1 
ATOM   1011 C CG  . PRO A 1 125 ? -11.428 -8.255  -3.199  1.00 25.64 ? 125 PRO A CG  1 
ATOM   1012 C CD  . PRO A 1 125 ? -12.488 -8.831  -2.270  1.00 26.51 ? 125 PRO A CD  1 
ATOM   1013 N N   . ARG A 1 126 ? -13.205 -5.327  -0.612  1.00 26.62 ? 126 ARG A N   1 
ATOM   1014 C CA  . ARG A 1 126 ? -13.716 -4.149  0.096   1.00 27.03 ? 126 ARG A CA  1 
ATOM   1015 C C   . ARG A 1 126 ? -13.482 -4.231  1.615   1.00 27.15 ? 126 ARG A C   1 
ATOM   1016 O O   . ARG A 1 126 ? -12.986 -3.257  2.226   1.00 26.96 ? 126 ARG A O   1 
ATOM   1017 C CB  . ARG A 1 126 ? -15.221 -3.911  -0.197  1.00 27.00 ? 126 ARG A CB  1 
ATOM   1018 C CG  . ARG A 1 126 ? -15.766 -2.622  0.454   1.00 27.65 ? 126 ARG A CG  1 
ATOM   1019 C CD  . ARG A 1 126 ? -17.257 -2.417  0.182   1.00 28.56 ? 126 ARG A CD  1 
ATOM   1020 N NE  . ARG A 1 126 ? -17.550 -2.569  -1.242  1.00 28.09 ? 126 ARG A NE  1 
ATOM   1021 C CZ  . ARG A 1 126 ? -17.403 -1.612  -2.148  1.00 30.37 ? 126 ARG A CZ  1 
ATOM   1022 N NH1 . ARG A 1 126 ? -16.981 -0.404  -1.790  1.00 30.11 ? 126 ARG A NH1 1 
ATOM   1023 N NH2 . ARG A 1 126 ? -17.712 -1.848  -3.422  1.00 29.70 ? 126 ARG A NH2 1 
ATOM   1024 N N   . GLU A 1 127 ? -13.818 -5.353  2.246   1.00 27.14 ? 127 GLU A N   1 
ATOM   1025 C CA  . GLU A 1 127 ? -13.667 -5.476  3.703   1.00 28.36 ? 127 GLU A CA  1 
ATOM   1026 C C   . GLU A 1 127 ? -12.194 -5.366  4.083   1.00 27.52 ? 127 GLU A C   1 
ATOM   1027 O O   . GLU A 1 127 ? -11.834 -4.706  5.067   1.00 28.37 ? 127 GLU A O   1 
ATOM   1028 C CB  . GLU A 1 127 ? -14.159 -6.814  4.247   1.00 28.45 ? 127 GLU A CB  1 
ATOM   1029 C CG  . GLU A 1 127 ? -15.595 -7.274  3.957   1.00 32.43 ? 127 GLU A CG  1 
ATOM   1030 C CD  . GLU A 1 127 ? -15.743 -8.766  4.279   1.00 31.55 ? 127 GLU A CD  1 
ATOM   1031 O OE1 . GLU A 1 127 ? -15.612 -9.147  5.456   1.00 39.41 ? 127 GLU A OE1 1 
ATOM   1032 O OE2 . GLU A 1 127 ? -15.909 -9.586  3.359   1.00 35.58 ? 127 GLU A OE2 1 
ATOM   1033 N N   . LEU A 1 128 ? -11.338 -6.035  3.305   1.00 26.11 ? 128 LEU A N   1 
ATOM   1034 C CA  . LEU A 1 128 ? -9.902  -6.063  3.624   1.00 26.58 ? 128 LEU A CA  1 
ATOM   1035 C C   . LEU A 1 128 ? -9.309  -4.693  3.400   1.00 26.23 ? 128 LEU A C   1 
ATOM   1036 O O   . LEU A 1 128 ? -8.442  -4.264  4.203   1.00 26.78 ? 128 LEU A O   1 
ATOM   1037 C CB  . LEU A 1 128 ? -9.184  -7.090  2.760   1.00 25.72 ? 128 LEU A CB  1 
ATOM   1038 C CG  . LEU A 1 128 ? -9.502  -8.531  3.157   1.00 26.87 ? 128 LEU A CG  1 
ATOM   1039 C CD1 . LEU A 1 128 ? -8.793  -9.502  2.182   1.00 28.36 ? 128 LEU A CD1 1 
ATOM   1040 C CD2 . LEU A 1 128 ? -9.119  -8.864  4.574   1.00 27.58 ? 128 LEU A CD2 1 
ATOM   1041 N N   . ALA A 1 129 ? -9.783  -3.988  2.369   1.00 26.41 ? 129 ALA A N   1 
ATOM   1042 C CA  . ALA A 1 129 ? -9.434  -2.583  2.156   1.00 26.78 ? 129 ALA A CA  1 
ATOM   1043 C C   . ALA A 1 129 ? -9.730  -1.770  3.398   1.00 26.41 ? 129 ALA A C   1 
ATOM   1044 O O   . ALA A 1 129 ? -8.883  -0.994  3.841   1.00 26.09 ? 129 ALA A O   1 
ATOM   1045 C CB  . ALA A 1 129 ? -10.117 -1.970  0.954   1.00 27.19 ? 129 ALA A CB  1 
ATOM   1046 N N   . MET A 1 130 ? -10.907 -1.932  3.974   1.00 26.63 ? 130 MET A N   1 
ATOM   1047 C CA  . MET A 1 130 ? -11.251 -1.111  5.141   1.00 27.15 ? 130 MET A CA  1 
ATOM   1048 C C   . MET A 1 130 ? -10.420 -1.485  6.387   1.00 27.05 ? 130 MET A C   1 
ATOM   1049 O O   . MET A 1 130 ? -10.044 -0.620  7.197   1.00 27.45 ? 130 MET A O   1 
ATOM   1050 C CB  . MET A 1 130 ? -12.774 -1.141  5.376   1.00 27.66 ? 130 MET A CB  1 
ATOM   1051 C CG  . MET A 1 130 ? -13.588 -0.443  4.214   1.00 30.26 ? 130 MET A CG  1 
ATOM   1052 S SD  . MET A 1 130 ? -12.801 0.868   3.170   1.00 38.52 ? 130 MET A SD  1 
ATOM   1053 C CE  . MET A 1 130 ? -13.013 2.173   4.360   1.00 35.79 ? 130 MET A CE  1 
ATOM   1054 N N   . ILE A 1 131 ? -10.120 -2.766  6.541   1.00 26.73 ? 131 ILE A N   1 
ATOM   1055 C CA  . ILE A 1 131 ? -9.267  -3.248  7.603   1.00 26.83 ? 131 ILE A CA  1 
ATOM   1056 C C   . ILE A 1 131 ? -7.845  -2.701  7.444   1.00 26.61 ? 131 ILE A C   1 
ATOM   1057 O O   . ILE A 1 131 ? -7.244  -2.239  8.419   1.00 28.01 ? 131 ILE A O   1 
ATOM   1058 C CB  . ILE A 1 131 ? -9.277  -4.792  7.679   1.00 27.39 ? 131 ILE A CB  1 
ATOM   1059 C CG1 . ILE A 1 131 ? -10.660 -5.266  8.157   1.00 25.44 ? 131 ILE A CG1 1 
ATOM   1060 C CG2 . ILE A 1 131 ? -8.229  -5.299  8.651   1.00 26.85 ? 131 ILE A CG2 1 
ATOM   1061 C CD1 . ILE A 1 131 ? -10.921 -6.792  7.925   1.00 28.09 ? 131 ILE A CD1 1 
ATOM   1062 N N   . PHE A 1 132 ? -7.287  -2.774  6.241   1.00 25.67 ? 132 PHE A N   1 
ATOM   1063 C CA  . PHE A 1 132 ? -5.932  -2.284  6.025   1.00 25.95 ? 132 PHE A CA  1 
ATOM   1064 C C   . PHE A 1 132 ? -5.875  -0.769  6.288   1.00 25.55 ? 132 PHE A C   1 
ATOM   1065 O O   . PHE A 1 132 ? -4.928  -0.265  6.905   1.00 25.42 ? 132 PHE A O   1 
ATOM   1066 C CB  . PHE A 1 132 ? -5.500  -2.637  4.607   1.00 25.32 ? 132 PHE A CB  1 
ATOM   1067 C CG  . PHE A 1 132 ? -4.051  -2.401  4.342   1.00 25.60 ? 132 PHE A CG  1 
ATOM   1068 C CD1 . PHE A 1 132 ? -3.619  -1.163  3.880   1.00 26.56 ? 132 PHE A CD1 1 
ATOM   1069 C CD2 . PHE A 1 132 ? -3.146  -3.437  4.506   1.00 26.33 ? 132 PHE A CD2 1 
ATOM   1070 C CE1 . PHE A 1 132 ? -2.255  -0.913  3.627   1.00 27.75 ? 132 PHE A CE1 1 
ATOM   1071 C CE2 . PHE A 1 132 ? -1.768  -3.222  4.292   1.00 28.06 ? 132 PHE A CE2 1 
ATOM   1072 C CZ  . PHE A 1 132 ? -1.322  -1.946  3.844   1.00 27.26 ? 132 PHE A CZ  1 
ATOM   1073 N N   . LEU A 1 133 ? -6.916  -0.041  5.874   1.00 25.43 ? 133 LEU A N   1 
ATOM   1074 C CA  . LEU A 1 133 ? -7.018  1.387   6.164   1.00 27.05 ? 133 LEU A CA  1 
ATOM   1075 C C   . LEU A 1 133 ? -6.924  1.662   7.658   1.00 26.56 ? 133 LEU A C   1 
ATOM   1076 O O   . LEU A 1 133 ? -6.144  2.509   8.083   1.00 27.15 ? 133 LEU A O   1 
ATOM   1077 C CB  . LEU A 1 133 ? -8.322  1.947   5.586   1.00 25.88 ? 133 LEU A CB  1 
ATOM   1078 C CG  . LEU A 1 133 ? -8.729  3.376   5.972   1.00 27.52 ? 133 LEU A CG  1 
ATOM   1079 C CD1 . LEU A 1 133 ? -7.741  4.354   5.503   1.00 28.81 ? 133 LEU A CD1 1 
ATOM   1080 C CD2 . LEU A 1 133 ? -10.083 3.671   5.341   1.00 28.29 ? 133 LEU A CD2 1 
ATOM   1081 N N   . ALA A 1 134 ? -7.709  0.948   8.445   1.00 26.21 ? 134 ALA A N   1 
ATOM   1082 C CA  . ALA A 1 134 ? -7.794  1.181   9.882   1.00 25.70 ? 134 ALA A CA  1 
ATOM   1083 C C   . ALA A 1 134 ? -6.602  0.681   10.673  1.00 25.27 ? 134 ALA A C   1 
ATOM   1084 O O   . ALA A 1 134 ? -6.275  1.231   11.731  1.00 25.24 ? 134 ALA A O   1 
ATOM   1085 C CB  . ALA A 1 134 ? -9.048  0.531   10.426  1.00 25.90 ? 134 ALA A CB  1 
ATOM   1086 N N   . SER A 1 135 ? -5.956  -0.377  10.169  1.00 25.50 ? 135 SER A N   1 
ATOM   1087 C CA  . SER A 1 135 ? -4.916  -1.066  10.925  1.00 25.49 ? 135 SER A CA  1 
ATOM   1088 C C   . SER A 1 135 ? -3.522  -0.664  10.544  1.00 25.78 ? 135 SER A C   1 
ATOM   1089 O O   . SER A 1 135 ? -2.646  -0.615  11.393  1.00 26.00 ? 135 SER A O   1 
ATOM   1090 C CB  . SER A 1 135 ? -5.051  -2.574  10.789  1.00 25.05 ? 135 SER A CB  1 
ATOM   1091 O OG  . SER A 1 135 ? -6.357  -2.988  11.099  1.00 26.33 ? 135 SER A OG  1 
ATOM   1092 N N   . TYR A 1 136 ? -3.318  -0.389  9.260   1.00 25.33 ? 136 TYR A N   1 
ATOM   1093 C CA  . TYR A 1 136 ? -1.976  -0.106  8.724   1.00 26.14 ? 136 TYR A CA  1 
ATOM   1094 C C   . TYR A 1 136 ? -1.814  1.384   8.379   1.00 26.64 ? 136 TYR A C   1 
ATOM   1095 O O   . TYR A 1 136 ? -0.851  2.026   8.793   1.00 26.43 ? 136 TYR A O   1 
ATOM   1096 C CB  . TYR A 1 136 ? -1.703  -0.983  7.493   1.00 26.43 ? 136 TYR A CB  1 
ATOM   1097 C CG  . TYR A 1 136 ? -0.346  -0.833  6.861   1.00 25.84 ? 136 TYR A CG  1 
ATOM   1098 C CD1 . TYR A 1 136 ? -0.016  0.290   6.126   1.00 26.93 ? 136 TYR A CD1 1 
ATOM   1099 C CD2 . TYR A 1 136 ? 0.596   -1.853  6.971   1.00 26.60 ? 136 TYR A CD2 1 
ATOM   1100 C CE1 . TYR A 1 136 ? 1.233   0.409   5.542   1.00 26.72 ? 136 TYR A CE1 1 
ATOM   1101 C CE2 . TYR A 1 136 ? 1.832   -1.751  6.394   1.00 26.58 ? 136 TYR A CE2 1 
ATOM   1102 C CZ  . TYR A 1 136 ? 2.150   -0.605  5.689   1.00 27.24 ? 136 TYR A CZ  1 
ATOM   1103 O OH  . TYR A 1 136 ? 3.355   -0.521  5.084   1.00 27.81 ? 136 TYR A OH  1 
ATOM   1104 N N   . GLU A 1 137 ? -2.737  1.940   7.593   1.00 26.33 ? 137 GLU A N   1 
ATOM   1105 C CA  . GLU A 1 137 ? -2.503  3.280   7.035   1.00 27.05 ? 137 GLU A CA  1 
ATOM   1106 C C   . GLU A 1 137 ? -2.799  4.366   8.049   1.00 27.27 ? 137 GLU A C   1 
ATOM   1107 O O   . GLU A 1 137 ? -1.921  5.200   8.315   1.00 28.18 ? 137 GLU A O   1 
ATOM   1108 C CB  . GLU A 1 137 ? -3.354  3.507   5.803   1.00 27.16 ? 137 GLU A CB  1 
ATOM   1109 C CG  . GLU A 1 137 ? -3.053  2.510   4.642   1.00 27.47 ? 137 GLU A CG  1 
ATOM   1110 C CD  . GLU A 1 137 ? -1.838  2.888   3.847   1.00 25.35 ? 137 GLU A CD  1 
ATOM   1111 O OE1 . GLU A 1 137 ? -1.714  2.437   2.713   1.00 26.82 ? 137 GLU A OE1 1 
ATOM   1112 O OE2 . GLU A 1 137 ? -1.011  3.702   4.363   1.00 27.20 ? 137 GLU A OE2 1 
ATOM   1113 N N   . ARG A 1 138 ? -3.992  4.349   8.618   1.00 27.66 ? 138 ARG A N   1 
ATOM   1114 C CA  . ARG A 1 138 ? -4.384  5.255   9.716   1.00 30.10 ? 138 ARG A CA  1 
ATOM   1115 C C   . ARG A 1 138 ? -4.176  6.770   9.434   1.00 30.90 ? 138 ARG A C   1 
ATOM   1116 O O   . ARG A 1 138 ? -3.576  7.481   10.252  1.00 31.75 ? 138 ARG A O   1 
ATOM   1117 C CB  . ARG A 1 138 ? -3.648  4.854   11.003  1.00 29.60 ? 138 ARG A CB  1 
ATOM   1118 C CG  . ARG A 1 138 ? -3.811  3.348   11.333  1.00 30.77 ? 138 ARG A CG  1 
ATOM   1119 C CD  . ARG A 1 138 ? -3.346  3.003   12.728  1.00 30.95 ? 138 ARG A CD  1 
ATOM   1120 N NE  . ARG A 1 138 ? -1.989  3.460   12.963  1.00 35.17 ? 138 ARG A NE  1 
ATOM   1121 C CZ  . ARG A 1 138 ? -0.914  2.696   12.792  1.00 32.44 ? 138 ARG A CZ  1 
ATOM   1122 N NH1 . ARG A 1 138 ? -1.055  1.432   12.381  1.00 35.16 ? 138 ARG A NH1 1 
ATOM   1123 N NH2 . ARG A 1 138 ? 0.301   3.162   13.056  1.00 36.78 ? 138 ARG A NH2 1 
ATOM   1124 N N   . PRO A 1 139 ? -4.688  7.268   8.297   1.00 32.28 ? 139 PRO A N   1 
ATOM   1125 C CA  . PRO A 1 139 ? -4.572  8.693   7.987   1.00 33.52 ? 139 PRO A CA  1 
ATOM   1126 C C   . PRO A 1 139 ? -5.551  9.558   8.816   1.00 33.70 ? 139 PRO A C   1 
ATOM   1127 O O   . PRO A 1 139 ? -6.362  9.026   9.576   1.00 33.96 ? 139 PRO A O   1 
ATOM   1128 C CB  . PRO A 1 139 ? -4.955  8.740   6.502   1.00 33.23 ? 139 PRO A CB  1 
ATOM   1129 C CG  . PRO A 1 139 ? -5.944  7.707   6.362   1.00 33.19 ? 139 PRO A CG  1 
ATOM   1130 C CD  . PRO A 1 139 ? -5.431  6.567   7.236   1.00 32.46 ? 139 PRO A CD  1 
ATOM   1131 N N   A ALA A 1 140 ? -5.240  10.865  8.812   0.70 34.96 ? 140 ALA A N   1 
ATOM   1132 N N   B ALA A 1 140 ? -5.665  10.841  8.498   0.30 33.87 ? 140 ALA A N   1 
ATOM   1133 C CA  A ALA A 1 140 ? -5.896  11.857  9.665   0.70 34.81 ? 140 ALA A CA  1 
ATOM   1134 C CA  B ALA A 1 140 ? -6.702  11.698  9.111   0.30 33.34 ? 140 ALA A CA  1 
ATOM   1135 C C   A ALA A 1 140 ? -7.374  11.842  9.358   0.70 34.35 ? 140 ALA A C   1 
ATOM   1136 C C   B ALA A 1 140 ? -8.118  11.082  9.314   0.30 32.85 ? 140 ALA A C   1 
ATOM   1137 O O   A ALA A 1 140 ? -8.182  11.995  10.265  0.70 35.15 ? 140 ALA A O   1 
ATOM   1138 O O   B ALA A 1 140 ? -8.676  11.147  10.412  0.30 32.79 ? 140 ALA A O   1 
ATOM   1139 C CB  A ALA A 1 140 ? -5.317  13.254  9.446   0.70 34.81 ? 140 ALA A CB  1 
ATOM   1140 C CB  B ALA A 1 140 ? -6.796  13.018  8.355   0.30 33.65 ? 140 ALA A CB  1 
ATOM   1141 N N   A ASN A 1 141 ? -7.712  11.652  8.080   0.70 33.34 ? 141 ASN A N   1 
ATOM   1142 N N   B ASN A 1 141 ? -8.690  10.473  8.278   0.30 32.07 ? 141 ASN A N   1 
ATOM   1143 C CA  A ASN A 1 141 ? -9.089  11.405  7.684   0.70 32.72 ? 141 ASN A CA  1 
ATOM   1144 C CA  B ASN A 1 141 ? -10.126 10.156  8.294   0.30 31.37 ? 141 ASN A CA  1 
ATOM   1145 C C   A ASN A 1 141 ? -9.316  9.905   7.533   0.70 32.07 ? 141 ASN A C   1 
ATOM   1146 C C   B ASN A 1 141 ? -10.494 8.673   8.109   0.30 30.30 ? 141 ASN A C   1 
ATOM   1147 O O   A ASN A 1 141 ? -8.771  9.285   6.613   0.70 31.89 ? 141 ASN A O   1 
ATOM   1148 O O   B ASN A 1 141 ? -10.103 8.060   7.120   0.30 29.13 ? 141 ASN A O   1 
ATOM   1149 C CB  A ASN A 1 141 ? -9.449  12.154  6.385   0.70 32.78 ? 141 ASN A CB  1 
ATOM   1150 C CB  B ASN A 1 141 ? -10.851 11.046  7.267   0.30 32.12 ? 141 ASN A CB  1 
ATOM   1151 C CG  A ASN A 1 141 ? -10.876 11.876  5.909   0.70 33.52 ? 141 ASN A CG  1 
ATOM   1152 C CG  B ASN A 1 141 ? -10.566 12.543  7.471   0.30 32.94 ? 141 ASN A CG  1 
ATOM   1153 O OD1 A ASN A 1 141 ? -11.660 11.184  6.562   0.70 32.62 ? 141 ASN A OD1 1 
ATOM   1154 O OD1 B ASN A 1 141 ? -10.030 12.957  8.506   0.30 36.23 ? 141 ASN A OD1 1 
ATOM   1155 N ND2 A ASN A 1 141 ? -11.220 12.439  4.754   0.70 38.13 ? 141 ASN A ND2 1 
ATOM   1156 N ND2 B ASN A 1 141 ? -10.930 13.357  6.481   0.30 34.45 ? 141 ASN A ND2 1 
ATOM   1157 N N   A PRO A 1 142 ? -10.132 9.314   8.427   0.50 30.84 ? 142 PRO A N   1 
ATOM   1158 N N   B PRO A 1 142 ? -11.287 8.106   9.049   0.50 29.73 ? 142 PRO A N   1 
ATOM   1159 C CA  A PRO A 1 142 ? -10.397 7.879   8.343   0.50 30.89 ? 142 PRO A CA  1 
ATOM   1160 C CA  B PRO A 1 142 ? -11.592 6.673   9.185   0.50 28.81 ? 142 PRO A CA  1 
ATOM   1161 C C   A PRO A 1 142 ? -11.520 7.506   7.364   0.50 30.98 ? 142 PRO A C   1 
ATOM   1162 C C   B PRO A 1 142 ? -12.657 6.145   8.210   0.50 28.17 ? 142 PRO A C   1 
ATOM   1163 O O   A PRO A 1 142 ? -11.730 6.319   7.107   0.50 30.96 ? 142 PRO A O   1 
ATOM   1164 O O   B PRO A 1 142 ? -12.727 4.937   7.977   0.50 28.77 ? 142 PRO A O   1 
ATOM   1165 C CB  A PRO A 1 142 ? -10.786 7.514   9.778   0.50 30.54 ? 142 PRO A CB  1 
ATOM   1166 C CB  B PRO A 1 142 ? -12.136 6.582   10.607  0.50 28.99 ? 142 PRO A CB  1 
ATOM   1167 C CG  A PRO A 1 142 ? -11.327 8.770   10.371  0.50 30.44 ? 142 PRO A CG  1 
ATOM   1168 C CG  B PRO A 1 142 ? -12.830 7.901   10.813  0.50 28.61 ? 142 PRO A CG  1 
ATOM   1169 C CD  A PRO A 1 142 ? -10.832 9.946   9.562   0.50 30.89 ? 142 PRO A CD  1 
ATOM   1170 C CD  B PRO A 1 142 ? -12.010 8.919   10.045  0.50 29.76 ? 142 PRO A CD  1 
ATOM   1171 N N   A ASN A 1 143 ? -12.223 8.502   6.807   0.70 30.99 ? 143 ASN A N   1 
ATOM   1172 N N   B ASN A 1 143 ? -13.346 7.023   7.552   0.30 27.08 ? 143 ASN A N   1 
ATOM   1173 C CA  A ASN A 1 143 ? -13.404 8.235   5.988   0.70 31.12 ? 143 ASN A CA  1 
ATOM   1174 C CA  B ASN A 1 143 ? -14.435 6.613   6.747   0.30 26.46 ? 143 ASN A CA  1 
ATOM   1175 C C   A ASN A 1 143 ? -13.085 8.294   4.513   0.70 30.68 ? 143 ASN A C   1 
ATOM   1176 C C   B ASN A 1 143 ? -13.955 6.829   5.340   0.30 26.72 ? 143 ASN A C   1 
ATOM   1177 O O   A ASN A 1 143 ? -13.235 9.337   3.859   0.70 31.07 ? 143 ASN A O   1 
ATOM   1178 O O   B ASN A 1 143 ? -13.982 7.907   4.812   0.30 27.32 ? 143 ASN A O   1 
ATOM   1179 C CB  A ASN A 1 143 ? -14.553 9.182   6.363   0.70 31.79 ? 143 ASN A CB  1 
ATOM   1180 C CB  B ASN A 1 143 ? -15.646 7.422   7.124   0.30 25.84 ? 143 ASN A CB  1 
ATOM   1181 C CG  A ASN A 1 143 ? -15.013 8.996   7.799   0.70 34.34 ? 143 ASN A CG  1 
ATOM   1182 C CG  B ASN A 1 143 ? -15.948 7.302   8.608   0.30 25.30 ? 143 ASN A CG  1 
ATOM   1183 O OD1 A ASN A 1 143 ? -14.942 9.917   8.615   0.70 37.29 ? 143 ASN A OD1 1 
ATOM   1184 O OD1 B ASN A 1 143 ? -16.061 6.205   9.171   0.30 21.94 ? 143 ASN A OD1 1 
ATOM   1185 N ND2 A ASN A 1 143 ? -15.475 7.787   8.120   0.70 38.91 ? 143 ASN A ND2 1 
ATOM   1186 N ND2 B ASN A 1 143 ? -16.058 8.412   9.240   0.30 23.59 ? 143 ASN A ND2 1 
ATOM   1187 N N   A GLN A 1 144 ? -12.606 7.171   3.994   0.70 30.08 ? 144 GLN A N   1 
ATOM   1188 N N   B GLN A 1 144 ? -13.403 5.764   4.777   0.30 26.71 ? 144 GLN A N   1 
ATOM   1189 C CA  A GLN A 1 144 ? -12.225 7.072   2.597   0.70 29.23 ? 144 GLN A CA  1 
ATOM   1190 C CA  B GLN A 1 144 ? -12.932 5.890   3.390   0.30 27.37 ? 144 GLN A CA  1 
ATOM   1191 C C   A GLN A 1 144 ? -12.777 5.787   1.991   0.70 28.55 ? 144 GLN A C   1 
ATOM   1192 C C   B GLN A 1 144 ? -13.431 4.793   2.457   0.30 27.92 ? 144 GLN A C   1 
ATOM   1193 O O   A GLN A 1 144 ? -12.014 4.917   1.584   0.70 28.22 ? 144 GLN A O   1 
ATOM   1194 O O   B GLN A 1 144 ? -12.704 3.855   2.074   0.30 27.82 ? 144 GLN A O   1 
ATOM   1195 C CB  A GLN A 1 144 ? -10.702 7.157   2.466   0.70 30.01 ? 144 GLN A CB  1 
ATOM   1196 C CB  B GLN A 1 144 ? -11.420 6.114   3.293   0.30 26.89 ? 144 GLN A CB  1 
ATOM   1197 C CG  A GLN A 1 144 ? -10.117 8.420   3.085   0.70 29.74 ? 144 GLN A CG  1 
ATOM   1198 C CG  B GLN A 1 144 ? -10.953 7.345   4.060   0.30 26.64 ? 144 GLN A CG  1 
ATOM   1199 C CD  A GLN A 1 144 ? -8.658  8.533   2.867   0.70 28.98 ? 144 GLN A CD  1 
ATOM   1200 C CD  B GLN A 1 144 ? -9.535  7.768   3.715   0.30 25.46 ? 144 GLN A CD  1 
ATOM   1201 O OE1 A GLN A 1 144 ? -8.151  8.176   1.797   0.70 27.54 ? 144 GLN A OE1 1 
ATOM   1202 O OE1 B GLN A 1 144 ? -9.075  7.582   2.583   0.30 28.10 ? 144 GLN A OE1 1 
ATOM   1203 N NE2 A GLN A 1 144 ? -7.966  9.063   3.854   0.70 29.45 ? 144 GLN A NE2 1 
ATOM   1204 N NE2 B GLN A 1 144 ? -8.839  8.359   4.687   0.30 27.16 ? 144 GLN A NE2 1 
ATOM   1205 N N   A PRO A 1 145 ? -14.122 5.661   1.926   0.70 28.71 ? 145 PRO A N   1 
ATOM   1206 N N   B PRO A 1 145 ? -14.691 4.944   2.067   0.30 28.80 ? 145 PRO A N   1 
ATOM   1207 C CA  A PRO A 1 145 ? -14.772 4.418   1.465   0.70 27.97 ? 145 PRO A CA  1 
ATOM   1208 C CA  B PRO A 1 145 ? -15.428 4.198   1.084   0.30 28.99 ? 145 PRO A CA  1 
ATOM   1209 C C   A PRO A 1 145 ? -14.437 4.028   0.018   0.70 27.33 ? 145 PRO A C   1 
ATOM   1210 C C   B PRO A 1 145 ? -14.598 3.957   -0.173  0.30 28.84 ? 145 PRO A C   1 
ATOM   1211 O O   A PRO A 1 145 ? -14.591 2.887   -0.366  0.70 26.79 ? 145 PRO A O   1 
ATOM   1212 O O   B PRO A 1 145 ? -14.489 2.806   -0.597  0.30 28.35 ? 145 PRO A O   1 
ATOM   1213 C CB  A PRO A 1 145 ? -16.269 4.746   1.593   0.70 27.79 ? 145 PRO A CB  1 
ATOM   1214 C CB  B PRO A 1 145 ? -16.626 5.120   0.774   0.30 29.08 ? 145 PRO A CB  1 
ATOM   1215 C CG  A PRO A 1 145 ? -16.330 6.236   1.533   0.70 29.20 ? 145 PRO A CG  1 
ATOM   1216 C CG  B PRO A 1 145 ? -16.320 6.437   1.470   0.30 29.19 ? 145 PRO A CG  1 
ATOM   1217 C CD  A PRO A 1 145 ? -15.117 6.695   2.275   0.70 28.51 ? 145 PRO A CD  1 
ATOM   1218 C CD  B PRO A 1 145 ? -15.513 6.015   2.643   0.30 28.83 ? 145 PRO A CD  1 
ATOM   1219 N N   A GLU A 1 146 ? -13.988 4.990   -0.758  0.50 28.12 ? 146 GLU A N   1 
ATOM   1220 N N   B GLU A 1 146 ? -14.005 4.964   -0.758  0.50 29.31 ? 146 GLU A N   1 
ATOM   1221 C CA  A GLU A 1 146 ? -13.476 4.777   -2.083  0.50 28.36 ? 146 GLU A CA  1 
ATOM   1222 C CA  B GLU A 1 146 ? -13.471 4.818   -2.083  0.50 29.36 ? 146 GLU A CA  1 
ATOM   1223 C C   A GLU A 1 146 ? -12.304 3.748   -2.125  0.50 27.95 ? 146 GLU A C   1 
ATOM   1224 C C   B GLU A 1 146 ? -12.302 3.765   -2.126  0.50 28.58 ? 146 GLU A C   1 
ATOM   1225 O O   A GLU A 1 146 ? -12.107 3.068   -3.079  0.50 28.11 ? 146 GLU A O   1 
ATOM   1226 O O   B GLU A 1 146 ? -12.114 3.078   -3.079  0.50 28.68 ? 146 GLU A O   1 
ATOM   1227 C CB  A GLU A 1 146 ? -13.055 6.102   -2.701  0.50 28.65 ? 146 GLU A CB  1 
ATOM   1228 C CB  B GLU A 1 146 ? -13.025 6.167   -2.604  0.50 29.94 ? 146 GLU A CB  1 
ATOM   1229 C CG  A GLU A 1 146 ? -11.868 6.850   -1.984  0.50 30.47 ? 146 GLU A CG  1 
ATOM   1230 C CG  B GLU A 1 146 ? -11.519 6.462   -2.387  0.50 32.42 ? 146 GLU A CG  1 
ATOM   1231 C CD  A GLU A 1 146 ? -12.328 7.843   -0.897  0.50 31.44 ? 146 GLU A CD  1 
ATOM   1232 C CD  B GLU A 1 146 ? -11.114 7.430   -1.283  0.50 34.02 ? 146 GLU A CD  1 
ATOM   1233 O OE1 A GLU A 1 146 ? -13.525 7.868   -0.516  0.50 33.20 ? 146 GLU A OE1 1 
ATOM   1234 O OE1 B GLU A 1 146 ? -11.961 8.135   -0.692  0.50 35.60 ? 146 GLU A OE1 1 
ATOM   1235 O OE2 A GLU A 1 146 ? -11.525 8.608   -0.418  0.50 32.35 ? 146 GLU A OE2 1 
ATOM   1236 O OE2 B GLU A 1 146 ? -9.867  7.540   -1.035  0.50 35.00 ? 146 GLU A OE2 1 
ATOM   1237 N N   . ARG A 1 147 ? -11.520 3.674   -1.064  1.00 27.79 ? 147 ARG A N   1 
ATOM   1238 C CA  . ARG A 1 147 ? -10.498 2.609   -1.007  1.00 27.53 ? 147 ARG A CA  1 
ATOM   1239 C C   . ARG A 1 147 ? -11.063 1.186   -1.216  1.00 27.48 ? 147 ARG A C   1 
ATOM   1240 O O   . ARG A 1 147 ? -10.406 0.314   -1.830  1.00 27.22 ? 147 ARG A O   1 
ATOM   1241 C CB  . ARG A 1 147 ? -9.705  2.698   0.303   1.00 27.44 ? 147 ARG A CB  1 
ATOM   1242 C CG  . ARG A 1 147 ? -8.893  3.953   0.393   1.00 27.85 ? 147 ARG A CG  1 
ATOM   1243 C CD  . ARG A 1 147 ? -8.234  4.107   1.756   1.00 27.99 ? 147 ARG A CD  1 
ATOM   1244 N NE  . ARG A 1 147 ? -7.561  5.387   1.832   1.00 28.90 ? 147 ARG A NE  1 
ATOM   1245 C CZ  . ARG A 1 147 ? -6.291  5.556   2.167   1.00 30.30 ? 147 ARG A CZ  1 
ATOM   1246 N NH1 . ARG A 1 147 ? -5.531  4.516   2.486   1.00 28.29 ? 147 ARG A NH1 1 
ATOM   1247 N NH2 . ARG A 1 147 ? -5.792  6.769   2.223   1.00 29.13 ? 147 ARG A NH2 1 
ATOM   1248 N N   . GLY A 1 148 ? -12.279 0.928   -0.722  1.00 27.02 ? 148 GLY A N   1 
ATOM   1249 C CA  . GLY A 1 148 ? -12.941 -0.361  -0.920  1.00 27.29 ? 148 GLY A CA  1 
ATOM   1250 C C   . GLY A 1 148 ? -13.450 -0.542  -2.343  1.00 27.47 ? 148 GLY A C   1 
ATOM   1251 O O   . GLY A 1 148 ? -13.323 -1.633  -2.885  1.00 26.05 ? 148 GLY A O   1 
ATOM   1252 N N   . ASP A 1 149 ? -13.963 0.537   -2.942  1.00 26.89 ? 149 ASP A N   1 
ATOM   1253 C CA  . ASP A 1 149 ? -14.405 0.516   -4.344  1.00 27.42 ? 149 ASP A CA  1 
ATOM   1254 C C   . ASP A 1 149 ? -13.166 0.171   -5.180  1.00 27.50 ? 149 ASP A C   1 
ATOM   1255 O O   . ASP A 1 149 ? -13.174 -0.717  -6.049  1.00 27.12 ? 149 ASP A O   1 
ATOM   1256 C CB  . ASP A 1 149 ? -14.974 1.878   -4.775  1.00 27.89 ? 149 ASP A CB  1 
ATOM   1257 C CG  . ASP A 1 149 ? -16.280 2.246   -4.057  1.00 29.19 ? 149 ASP A CG  1 
ATOM   1258 O OD1 . ASP A 1 149 ? -16.994 1.329   -3.613  1.00 30.53 ? 149 ASP A OD1 1 
ATOM   1259 O OD2 . ASP A 1 149 ? -16.574 3.465   -3.992  1.00 34.26 ? 149 ASP A OD2 1 
ATOM   1260 N N   . GLN A 1 150 ? -12.068 0.849   -4.861  1.00 26.76 ? 150 GLN A N   1 
ATOM   1261 C CA  . GLN A 1 150 ? -10.839 0.662   -5.606  1.00 27.56 ? 150 GLN A CA  1 
ATOM   1262 C C   . GLN A 1 150 ? -10.290 -0.752  -5.512  1.00 27.40 ? 150 GLN A C   1 
ATOM   1263 O O   . GLN A 1 150 ? -9.859  -1.303  -6.520  1.00 26.84 ? 150 GLN A O   1 
ATOM   1264 C CB  . GLN A 1 150 ? -9.818  1.724   -5.170  1.00 27.66 ? 150 GLN A CB  1 
ATOM   1265 C CG  . GLN A 1 150 ? -10.196 3.104   -5.650  1.00 29.14 ? 150 GLN A CG  1 
ATOM   1266 C CD  . GLN A 1 150 ? -9.564  4.233   -4.864  1.00 28.55 ? 150 GLN A CD  1 
ATOM   1267 O OE1 . GLN A 1 150 ? -8.758  4.002   -3.938  1.00 29.85 ? 150 GLN A OE1 1 
ATOM   1268 N NE2 . GLN A 1 150 ? -9.909  5.474   -5.216  1.00 29.47 ? 150 GLN A NE2 1 
ATOM   1269 N N   . ALA A 1 151 ? -10.352 -1.350  -4.317  1.00 26.59 ? 151 ALA A N   1 
ATOM   1270 C CA  . ALA A 1 151 ? -9.940  -2.731  -4.063  1.00 27.16 ? 151 ALA A CA  1 
ATOM   1271 C C   . ALA A 1 151 ? -10.701 -3.715  -4.933  1.00 26.54 ? 151 ALA A C   1 
ATOM   1272 O O   . ALA A 1 151 ? -10.140 -4.702  -5.433  1.00 26.96 ? 151 ALA A O   1 
ATOM   1273 C CB  . ALA A 1 151 ? -10.106 -3.104  -2.605  1.00 27.37 ? 151 ALA A CB  1 
ATOM   1274 N N   . GLU A 1 152 ? -12.007 -3.475  -5.044  1.00 26.39 ? 152 GLU A N   1 
ATOM   1275 C CA  . GLU A 1 152 ? -12.872 -4.344  -5.833  1.00 26.85 ? 152 GLU A CA  1 
ATOM   1276 C C   . GLU A 1 152 ? -12.559 -4.169  -7.313  1.00 26.46 ? 152 GLU A C   1 
ATOM   1277 O O   . GLU A 1 152 ? -12.569 -5.167  -8.056  1.00 26.80 ? 152 GLU A O   1 
ATOM   1278 C CB  . GLU A 1 152 ? -14.335 -4.008  -5.547  1.00 26.69 ? 152 GLU A CB  1 
ATOM   1279 C CG  . GLU A 1 152 ? -14.779 -4.335  -4.131  1.00 29.59 ? 152 GLU A CG  1 
ATOM   1280 C CD  . GLU A 1 152 ? -14.849 -5.821  -3.880  1.00 27.63 ? 152 GLU A CD  1 
ATOM   1281 O OE1 . GLU A 1 152 ? -14.774 -6.609  -4.851  1.00 31.63 ? 152 GLU A OE1 1 
ATOM   1282 O OE2 . GLU A 1 152 ? -14.993 -6.247  -2.718  1.00 28.46 ? 152 GLU A OE2 1 
ATOM   1283 N N   . TYR A 1 153 ? -12.341 -2.912  -7.732  1.00 27.09 ? 153 TYR A N   1 
ATOM   1284 C CA  . TYR A 1 153 ? -11.890 -2.559  -9.092  1.00 27.55 ? 153 TYR A CA  1 
ATOM   1285 C C   . TYR A 1 153 ? -10.644 -3.380  -9.471  1.00 27.88 ? 153 TYR A C   1 
ATOM   1286 O O   . TYR A 1 153 ? -10.643 -4.081  -10.490 1.00 28.03 ? 153 TYR A O   1 
ATOM   1287 C CB  . TYR A 1 153 ? -11.661 -1.044  -9.260  1.00 29.65 ? 153 TYR A CB  1 
ATOM   1288 C CG  . TYR A 1 153 ? -11.218 -0.649  -10.675 1.00 29.79 ? 153 TYR A CG  1 
ATOM   1289 C CD1 . TYR A 1 153 ? -9.884  -0.827  -11.080 1.00 32.36 ? 153 TYR A CD1 1 
ATOM   1290 C CD2 . TYR A 1 153 ? -12.120 -0.100  -11.598 1.00 30.23 ? 153 TYR A CD2 1 
ATOM   1291 C CE1 . TYR A 1 153 ? -9.458  -0.483  -12.357 1.00 33.30 ? 153 TYR A CE1 1 
ATOM   1292 C CE2 . TYR A 1 153 ? -11.707 0.254   -12.880 1.00 31.58 ? 153 TYR A CE2 1 
ATOM   1293 C CZ  . TYR A 1 153 ? -10.369 0.052   -13.255 1.00 32.84 ? 153 TYR A CZ  1 
ATOM   1294 O OH  . TYR A 1 153 ? -9.934  0.405   -14.520 1.00 35.03 ? 153 TYR A OH  1 
ATOM   1295 N N   . TRP A 1 154 ? -9.605  -3.354  -8.642  1.00 27.44 ? 154 TRP A N   1 
ATOM   1296 C CA  . TRP A 1 154 ? -8.401  -4.167  -8.920  1.00 27.03 ? 154 TRP A CA  1 
ATOM   1297 C C   . TRP A 1 154 ? -8.634  -5.680  -8.889  1.00 27.29 ? 154 TRP A C   1 
ATOM   1298 O O   . TRP A 1 154 ? -8.093  -6.432  -9.726  1.00 27.68 ? 154 TRP A O   1 
ATOM   1299 C CB  . TRP A 1 154 ? -7.214  -3.755  -8.004  1.00 26.92 ? 154 TRP A CB  1 
ATOM   1300 C CG  . TRP A 1 154 ? -6.832  -2.315  -8.219  1.00 27.71 ? 154 TRP A CG  1 
ATOM   1301 C CD1 . TRP A 1 154 ? -6.876  -1.301  -7.300  1.00 25.87 ? 154 TRP A CD1 1 
ATOM   1302 C CD2 . TRP A 1 154 ? -6.427  -1.698  -9.454  1.00 27.90 ? 154 TRP A CD2 1 
ATOM   1303 N NE1 . TRP A 1 154 ? -6.472  -0.131  -7.855  1.00 27.98 ? 154 TRP A NE1 1 
ATOM   1304 C CE2 . TRP A 1 154 ? -6.213  -0.331  -9.190  1.00 26.76 ? 154 TRP A CE2 1 
ATOM   1305 C CE3 . TRP A 1 154 ? -6.208  -2.174  -10.768 1.00 28.34 ? 154 TRP A CE3 1 
ATOM   1306 C CZ2 . TRP A 1 154 ? -5.814  0.560   -10.171 1.00 27.59 ? 154 TRP A CZ2 1 
ATOM   1307 C CZ3 . TRP A 1 154 ? -5.810  -1.271  -11.736 1.00 28.72 ? 154 TRP A CZ3 1 
ATOM   1308 C CH2 . TRP A 1 154 ? -5.601  0.063   -11.436 1.00 29.19 ? 154 TRP A CH2 1 
ATOM   1309 N N   . TYR A 1 155 ? -9.446  -6.150  -7.955  1.00 27.78 ? 155 TYR A N   1 
ATOM   1310 C CA  . TYR A 1 155 ? -9.830  -7.564  -7.917  1.00 28.00 ? 155 TYR A CA  1 
ATOM   1311 C C   . TYR A 1 155 ? -10.460 -8.037  -9.233  1.00 28.33 ? 155 TYR A C   1 
ATOM   1312 O O   . TYR A 1 155 ? -10.136 -9.113  -9.712  1.00 28.61 ? 155 TYR A O   1 
ATOM   1313 C CB  . TYR A 1 155 ? -10.832 -7.823  -6.803  1.00 28.40 ? 155 TYR A CB  1 
ATOM   1314 C CG  . TYR A 1 155 ? -10.929 -9.271  -6.422  1.00 29.42 ? 155 TYR A CG  1 
ATOM   1315 C CD1 . TYR A 1 155 ? -12.096 -9.998  -6.677  1.00 29.78 ? 155 TYR A CD1 1 
ATOM   1316 C CD2 . TYR A 1 155 ? -9.870  -9.921  -5.809  1.00 30.09 ? 155 TYR A CD2 1 
ATOM   1317 C CE1 . TYR A 1 155 ? -12.186 -11.317 -6.320  1.00 30.40 ? 155 TYR A CE1 1 
ATOM   1318 C CE2 . TYR A 1 155 ? -9.939  -11.244 -5.452  1.00 29.11 ? 155 TYR A CE2 1 
ATOM   1319 C CZ  . TYR A 1 155 ? -11.111 -11.949 -5.716  1.00 29.62 ? 155 TYR A CZ  1 
ATOM   1320 O OH  . TYR A 1 155 ? -11.202 -13.273 -5.348  1.00 31.99 ? 155 TYR A OH  1 
ATOM   1321 N N   . LYS A 1 156 ? -11.321 -7.197  -9.799  1.00 27.37 ? 156 LYS A N   1 
ATOM   1322 C CA  . LYS A 1 156 ? -12.023 -7.491  -11.044 1.00 29.45 ? 156 LYS A CA  1 
ATOM   1323 C C   . LYS A 1 156 ? -11.105 -7.397  -12.261 1.00 29.41 ? 156 LYS A C   1 
ATOM   1324 O O   . LYS A 1 156 ? -11.240 -8.171  -13.214 1.00 28.89 ? 156 LYS A O   1 
ATOM   1325 C CB  . LYS A 1 156 ? -13.170 -6.493  -11.208 1.00 28.34 ? 156 LYS A CB  1 
ATOM   1326 C CG  . LYS A 1 156 ? -14.159 -6.840  -12.326 1.00 30.90 ? 156 LYS A CG  1 
ATOM   1327 C CD  . LYS A 1 156 ? -15.330 -5.883  -12.336 1.00 34.31 ? 156 LYS A CD  1 
ATOM   1328 C CE  . LYS A 1 156 ? -15.037 -4.641  -13.174 1.00 37.49 ? 156 LYS A CE  1 
ATOM   1329 N NZ  . LYS A 1 156 ? -15.429 -4.826  -14.603 1.00 37.25 ? 156 LYS A NZ  1 
ATOM   1330 N N   . ASN A 1 157 ? -10.192 -6.434  -12.246 1.00 30.47 ? 157 ASN A N   1 
ATOM   1331 C CA  . ASN A 1 157 ? -9.497  -6.032  -13.462 1.00 31.19 ? 157 ASN A CA  1 
ATOM   1332 C C   . ASN A 1 157 ? -8.056  -6.522  -13.616 1.00 31.70 ? 157 ASN A C   1 
ATOM   1333 O O   . ASN A 1 157 ? -7.443  -6.271  -14.668 1.00 33.53 ? 157 ASN A O   1 
ATOM   1334 C CB  . ASN A 1 157 ? -9.627  -4.515  -13.698 1.00 32.19 ? 157 ASN A CB  1 
ATOM   1335 C CG  . ASN A 1 157 ? -11.052 -4.105  -14.049 1.00 32.48 ? 157 ASN A CG  1 
ATOM   1336 O OD1 . ASN A 1 157 ? -11.699 -4.733  -14.900 1.00 33.82 ? 157 ASN A OD1 1 
ATOM   1337 N ND2 . ASN A 1 157 ? -11.555 -3.060  -13.397 1.00 34.13 ? 157 ASN A ND2 1 
ATOM   1338 N N   . LEU A 1 158 ? -7.547  -7.226  -12.596 1.00 30.89 ? 158 LEU A N   1 
ATOM   1339 C CA  . LEU A 1 158 ? -6.219  -7.884  -12.632 1.00 31.16 ? 158 LEU A CA  1 
ATOM   1340 C C   . LEU A 1 158 ? -6.328  -9.418  -12.653 1.00 32.57 ? 158 LEU A C   1 
ATOM   1341 O O   . LEU A 1 158 ? -7.384  -9.978  -12.332 1.00 31.20 ? 158 LEU A O   1 
ATOM   1342 C CB  . LEU A 1 158 ? -5.356  -7.477  -11.426 1.00 30.63 ? 158 LEU A CB  1 
ATOM   1343 C CG  . LEU A 1 158 ? -5.092  -6.008  -11.083 1.00 29.87 ? 158 LEU A CG  1 
ATOM   1344 C CD1 . LEU A 1 158 ? -4.381  -5.923  -9.715  1.00 28.15 ? 158 LEU A CD1 1 
ATOM   1345 C CD2 . LEU A 1 158 ? -4.304  -5.291  -12.188 1.00 30.22 ? 158 LEU A CD2 1 
ATOM   1346 N N   . SER A 1 159 ? -5.228  -10.093 -12.996 1.00 34.15 ? 159 SER A N   1 
ATOM   1347 C CA  . SER A 1 159 ? -5.190  -11.560 -13.018 1.00 36.01 ? 159 SER A CA  1 
ATOM   1348 C C   . SER A 1 159 ? -4.463  -12.150 -11.805 1.00 37.29 ? 159 SER A C   1 
ATOM   1349 O O   . SER A 1 159 ? -5.118  -12.443 -10.793 1.00 38.05 ? 159 SER A O   1 
ATOM   1350 C CB  . SER A 1 159 ? -4.597  -12.080 -14.334 1.00 36.39 ? 159 SER A CB  1 
ATOM   1351 O OG  . SER A 1 159 ? -5.339  -11.594 -15.439 1.00 38.55 ? 159 SER A OG  1 
ATOM   1352 O OXT . SER A 1 159 ? -3.237  -12.351 -11.777 1.00 37.19 ? 159 SER A OXT 1 
HETATM 1353 C C1  . NAG B 2 .   ? -0.672  10.750  5.129   1.00 28.21 ? 1   NAG B C1  1 
HETATM 1354 C C2  . NAG B 2 .   ? -1.324  11.074  6.462   1.00 27.64 ? 1   NAG B C2  1 
HETATM 1355 C C3  . NAG B 2 .   ? -0.631  10.274  7.557   1.00 27.63 ? 1   NAG B C3  1 
HETATM 1356 C C4  . NAG B 2 .   ? -0.698  8.777   7.246   1.00 28.99 ? 1   NAG B C4  1 
HETATM 1357 C C5  . NAG B 2 .   ? -0.374  8.484   5.777   1.00 26.77 ? 1   NAG B C5  1 
HETATM 1358 C C6  . NAG B 2 .   ? -0.815  7.081   5.374   1.00 29.15 ? 1   NAG B C6  1 
HETATM 1359 C C7  . NAG B 2 .   ? -2.358  13.120  7.023   1.00 30.42 ? 1   NAG B C7  1 
HETATM 1360 C C8  . NAG B 2 .   ? -2.235  14.612  7.178   1.00 28.90 ? 1   NAG B C8  1 
HETATM 1361 N N2  . NAG B 2 .   ? -1.229  12.494  6.742   1.00 26.52 ? 1   NAG B N2  1 
HETATM 1362 O O1  . NAG B 2 .   ? -1.266  11.516  4.110   1.00 30.31 ? 1   NAG B O1  1 
HETATM 1363 O O3  . NAG B 2 .   ? -1.253  10.481  8.814   1.00 27.49 ? 1   NAG B O3  1 
HETATM 1364 O O4  . NAG B 2 .   ? 0.357   8.157   7.934   1.00 28.94 ? 1   NAG B O4  1 
HETATM 1365 O O5  . NAG B 2 .   ? -0.993  9.397   4.872   1.00 27.06 ? 1   NAG B O5  1 
HETATM 1366 O O6  . NAG B 2 .   ? -2.200  6.897   5.489   1.00 25.48 ? 1   NAG B O6  1 
HETATM 1367 O O7  . NAG B 2 .   ? -3.437  12.521  7.132   1.00 29.42 ? 1   NAG B O7  1 
HETATM 1368 C C1  . NAG B 2 .   ? -0.007  7.561   9.184   1.00 28.04 ? 2   NAG B C1  1 
HETATM 1369 C C2  . NAG B 2 .   ? 0.992   6.452   9.496   1.00 26.93 ? 2   NAG B C2  1 
HETATM 1370 C C3  . NAG B 2 .   ? 0.710   5.822   10.857  1.00 26.30 ? 2   NAG B C3  1 
HETATM 1371 C C4  . NAG B 2 .   ? 0.501   6.893   11.933  1.00 26.86 ? 2   NAG B C4  1 
HETATM 1372 C C5  . NAG B 2 .   ? -0.455  7.999   11.456  1.00 28.01 ? 2   NAG B C5  1 
HETATM 1373 C C6  . NAG B 2 .   ? -0.603  9.135   12.475  1.00 30.40 ? 2   NAG B C6  1 
HETATM 1374 C C7  . NAG B 2 .   ? 1.998   5.043   7.761   1.00 27.15 ? 2   NAG B C7  1 
HETATM 1375 C C8  . NAG B 2 .   ? 1.703   4.066   6.652   1.00 27.79 ? 2   NAG B C8  1 
HETATM 1376 N N2  . NAG B 2 .   ? 0.931   5.433   8.436   1.00 28.32 ? 2   NAG B N2  1 
HETATM 1377 O O3  . NAG B 2 .   ? 1.809   4.973   11.169  1.00 25.60 ? 2   NAG B O3  1 
HETATM 1378 O O4  . NAG B 2 .   ? -0.053  6.228   13.065  1.00 28.47 ? 2   NAG B O4  1 
HETATM 1379 O O5  . NAG B 2 .   ? 0.004   8.538   10.225  1.00 28.53 ? 2   NAG B O5  1 
HETATM 1380 O O6  . NAG B 2 .   ? 0.646   9.777   12.623  1.00 34.53 ? 2   NAG B O6  1 
HETATM 1381 O O7  . NAG B 2 .   ? 3.148   5.458   7.952   1.00 26.85 ? 2   NAG B O7  1 
HETATM 1382 C C1  . NAG B 2 .   ? 0.684   6.456   14.287  1.00 30.15 ? 3   NAG B C1  1 
HETATM 1383 C C2  . NAG B 2 .   ? -0.248  6.108   15.459  1.00 30.24 ? 3   NAG B C2  1 
HETATM 1384 C C3  . NAG B 2 .   ? 0.443   6.092   16.829  1.00 31.04 ? 3   NAG B C3  1 
HETATM 1385 C C4  . NAG B 2 .   ? 1.774   5.355   16.775  1.00 31.83 ? 3   NAG B C4  1 
HETATM 1386 C C5  . NAG B 2 .   ? 2.579   5.650   15.510  1.00 31.04 ? 3   NAG B C5  1 
HETATM 1387 C C6  . NAG B 2 .   ? 3.644   4.583   15.333  1.00 34.36 ? 3   NAG B C6  1 
HETATM 1388 C C7  . NAG B 2 .   ? -2.566  6.654   15.023  1.00 30.88 ? 3   NAG B C7  1 
HETATM 1389 C C8  . NAG B 2 .   ? -3.608  7.726   15.127  1.00 31.22 ? 3   NAG B C8  1 
HETATM 1390 N N2  . NAG B 2 .   ? -1.359  7.024   15.439  1.00 30.00 ? 3   NAG B N2  1 
HETATM 1391 O O3  . NAG B 2 .   ? -0.365  5.436   17.789  1.00 32.24 ? 3   NAG B O3  1 
HETATM 1392 O O4  . NAG B 2 .   ? 2.560   5.732   17.893  1.00 28.33 ? 3   NAG B O4  1 
HETATM 1393 O O5  . NAG B 2 .   ? 1.797   5.601   14.329  1.00 29.05 ? 3   NAG B O5  1 
HETATM 1394 O O6  . NAG B 2 .   ? 4.781   5.233   14.840  1.00 39.14 ? 3   NAG B O6  1 
HETATM 1395 O O7  . NAG B 2 .   ? -2.850  5.535   14.578  1.00 28.89 ? 3   NAG B O7  1 
HETATM 1396 O O   . HOH C 3 .   ? -13.817 -9.824  15.335  1.00 27.75 ? 204 HOH A O   1 
HETATM 1397 O O   . HOH C 3 .   ? 18.276  7.532   6.101   1.00 29.48 ? 205 HOH A O   1 
HETATM 1398 O O   . HOH C 3 .   ? 6.369   1.246   8.803   1.00 21.26 ? 206 HOH A O   1 
HETATM 1399 O O   . HOH C 3 .   ? -9.986  3.500   13.913  1.00 24.11 ? 207 HOH A O   1 
HETATM 1400 O O   . HOH C 3 .   ? 10.368  10.495  -6.879  1.00 33.50 ? 208 HOH A O   1 
HETATM 1401 O O   . HOH C 3 .   ? 10.604  -3.671  -13.535 1.00 29.35 ? 209 HOH A O   1 
HETATM 1402 O O   . HOH C 3 .   ? -7.549  3.487   12.606  1.00 20.86 ? 210 HOH A O   1 
HETATM 1403 O O   . HOH C 3 .   ? -1.488  15.618  1.397   1.00 30.24 ? 211 HOH A O   1 
HETATM 1404 O O   . HOH C 3 .   ? 12.041  -2.767  -8.612  1.00 24.28 ? 212 HOH A O   1 
HETATM 1405 O O   . HOH C 3 .   ? 1.094   14.707  -11.251 1.00 26.33 ? 213 HOH A O   1 
HETATM 1406 O O   . HOH C 3 .   ? 16.641  5.210   -4.665  1.00 24.46 ? 214 HOH A O   1 
HETATM 1407 O O   . HOH C 3 .   ? 0.265   11.347  1.839   1.00 25.31 ? 215 HOH A O   1 
HETATM 1408 O O   . HOH C 3 .   ? -5.725  5.864   -18.169 1.00 26.22 ? 216 HOH A O   1 
HETATM 1409 O O   . HOH C 3 .   ? 4.726   -11.981 3.043   1.00 32.89 ? 217 HOH A O   1 
HETATM 1410 O O   . HOH C 3 .   ? -0.291  -7.980  13.617  1.00 26.82 ? 218 HOH A O   1 
HETATM 1411 O O   . HOH C 3 .   ? 6.661   18.514  8.033   1.00 43.00 ? 219 HOH A O   1 
HETATM 1412 O O   . HOH C 3 .   ? 6.151   -9.099  -10.022 1.00 25.82 ? 220 HOH A O   1 
HETATM 1413 O O   . HOH C 3 .   ? 1.234   13.900  6.503   1.00 33.09 ? 221 HOH A O   1 
HETATM 1414 O O   . HOH C 3 .   ? -2.328  -0.756  -18.363 1.00 29.61 ? 222 HOH A O   1 
HETATM 1415 O O   . HOH C 3 .   ? 0.724   -10.293 12.785  1.00 30.24 ? 223 HOH A O   1 
HETATM 1416 O O   . HOH C 3 .   ? 4.096   19.587  1.499   1.00 32.68 ? 224 HOH A O   1 
HETATM 1417 O O   . HOH C 3 .   ? 18.821  4.966   -2.730  1.00 30.21 ? 225 HOH A O   1 
HETATM 1418 O O   . HOH C 3 .   ? -10.570 -13.416 -9.138  1.00 47.37 ? 226 HOH A O   1 
HETATM 1419 O O   . HOH C 3 .   ? -6.851  -10.892 16.119  1.00 31.07 ? 227 HOH A O   1 
HETATM 1420 O O   . HOH C 3 .   ? 5.507   4.482   8.745   1.00 28.58 ? 228 HOH A O   1 
HETATM 1421 O O   . HOH C 3 .   ? 12.613  0.149   10.632  1.00 29.97 ? 229 HOH A O   1 
HETATM 1422 O O   . HOH C 3 .   ? 5.283   -9.293  -12.754 1.00 29.85 ? 230 HOH A O   1 
HETATM 1423 O O   . HOH C 3 .   ? 22.667  2.097   1.844   1.00 37.43 ? 231 HOH A O   1 
HETATM 1424 O O   . HOH C 3 .   ? -7.102  -14.984 7.483   1.00 33.70 ? 232 HOH A O   1 
HETATM 1425 O O   . HOH C 3 .   ? 3.541   20.485  3.903   1.00 36.94 ? 233 HOH A O   1 
HETATM 1426 O O   . HOH C 3 .   ? 11.795  7.631   11.220  1.00 32.39 ? 234 HOH A O   1 
HETATM 1427 O O   . HOH C 3 .   ? -8.691  -5.403  17.655  1.00 33.41 ? 235 HOH A O   1 
HETATM 1428 O O   . HOH C 3 .   ? -10.378 -15.734 5.453   1.00 33.11 ? 236 HOH A O   1 
HETATM 1429 O O   . HOH C 3 .   ? 0.071   13.547  -2.417  1.00 24.05 ? 237 HOH A O   1 
HETATM 1430 O O   . HOH C 3 .   ? -11.518 1.611   7.854   1.00 31.73 ? 238 HOH A O   1 
HETATM 1431 O O   . HOH C 3 .   ? -3.990  9.589   11.873  1.00 32.31 ? 239 HOH A O   1 
HETATM 1432 O O   . HOH C 3 .   ? -1.992  -4.045  18.037  1.00 36.01 ? 240 HOH A O   1 
HETATM 1433 O O   . HOH C 3 .   ? 1.651   10.119  -14.693 1.00 36.60 ? 241 HOH A O   1 
HETATM 1434 O O   . HOH C 3 .   ? 5.909   -0.158  13.595  1.00 29.88 ? 242 HOH A O   1 
HETATM 1435 O O   . HOH C 3 .   ? 11.488  12.037  10.398  1.00 31.74 ? 243 HOH A O   1 
HETATM 1436 O O   . HOH C 3 .   ? -2.906  -8.566  18.197  1.00 37.61 ? 244 HOH A O   1 
HETATM 1437 O O   . HOH C 3 .   ? -7.112  -5.103  12.787  1.00 22.75 ? 245 HOH A O   1 
HETATM 1438 O O   . HOH C 3 .   ? -8.569  4.744   10.356  1.00 25.51 ? 246 HOH A O   1 
HETATM 1439 O O   . HOH C 3 .   ? -15.316 -0.718  -7.679  1.00 33.88 ? 247 HOH A O   1 
HETATM 1440 O O   . HOH C 3 .   ? -1.960  6.524   -19.420 1.00 35.14 ? 248 HOH A O   1 
HETATM 1441 O O   . HOH C 3 .   ? 8.908   -9.458  -9.669  1.00 32.69 ? 249 HOH A O   1 
HETATM 1442 O O   . HOH C 3 .   ? -4.943  -3.821  19.514  1.00 37.19 ? 250 HOH A O   1 
HETATM 1443 O O   . HOH C 3 .   ? -13.996 0.586   9.092   1.00 35.16 ? 251 HOH A O   1 
HETATM 1444 O O   . HOH C 3 .   ? 16.657  1.533   -8.140  1.00 27.93 ? 252 HOH A O   1 
HETATM 1445 O O   . HOH C 3 .   ? -13.261 -2.487  8.950   1.00 30.55 ? 253 HOH A O   1 
HETATM 1446 O O   . HOH C 3 .   ? -17.632 -0.966  -6.066  1.00 38.33 ? 254 HOH A O   1 
HETATM 1447 O O   . HOH C 3 .   ? 16.921  7.783   -5.748  1.00 31.13 ? 255 HOH A O   1 
HETATM 1448 O O   . HOH C 3 .   ? 2.907   -3.352  14.657  1.00 33.30 ? 256 HOH A O   1 
HETATM 1449 O O   . HOH C 3 .   ? 4.599   3.727   12.074  1.00 27.75 ? 257 HOH A O   1 
HETATM 1450 O O   . HOH C 3 .   ? -3.887  10.615  -11.476 1.00 33.27 ? 258 HOH A O   1 
HETATM 1451 O O   . HOH C 3 .   ? -5.841  4.860   14.397  1.00 30.29 ? 259 HOH A O   1 
HETATM 1452 O O   . HOH C 3 .   ? -15.836 0.724   0.590   1.00 33.49 ? 260 HOH A O   1 
HETATM 1453 O O   . HOH C 3 .   ? -17.948 -6.468  0.968   1.00 34.07 ? 261 HOH A O   1 
HETATM 1454 O O   . HOH C 3 .   ? 7.180   -13.480 4.368   1.00 30.41 ? 262 HOH A O   1 
HETATM 1455 O O   . HOH C 3 .   ? -4.882  -0.018  -19.283 1.00 33.17 ? 263 HOH A O   1 
HETATM 1456 O O   . HOH C 3 .   ? -5.497  -15.888 -3.710  1.00 38.69 ? 264 HOH A O   1 
HETATM 1457 O O   . HOH C 3 .   ? 6.702   13.913  10.535  1.00 35.33 ? 265 HOH A O   1 
HETATM 1458 O O   . HOH C 3 .   ? 18.416  3.809   -0.405  1.00 29.40 ? 266 HOH A O   1 
HETATM 1459 O O   . HOH C 3 .   ? -0.185  -16.502 -2.567  1.00 39.63 ? 267 HOH A O   1 
HETATM 1460 O O   . HOH C 3 .   ? 6.735   2.222   13.165  1.00 38.63 ? 268 HOH A O   1 
HETATM 1461 O O   . HOH C 3 .   ? 12.675  -7.412  3.733   1.00 27.26 ? 269 HOH A O   1 
HETATM 1462 O O   . HOH C 3 .   ? 3.097   21.275  -0.591  1.00 42.52 ? 270 HOH A O   1 
HETATM 1463 O O   . HOH C 3 .   ? -9.755  -13.796 7.389   1.00 33.18 ? 271 HOH A O   1 
HETATM 1464 O O   . HOH C 3 .   ? -2.772  9.497   2.808   1.00 31.40 ? 272 HOH A O   1 
HETATM 1465 O O   . HOH C 3 .   ? -7.315  7.038   10.577  1.00 41.12 ? 273 HOH A O   1 
HETATM 1466 O O   . HOH C 3 .   ? 0.520   2.552   -18.921 1.00 31.19 ? 274 HOH A O   1 
HETATM 1467 O O   . HOH C 3 .   ? -5.409  -18.261 2.674   1.00 40.44 ? 275 HOH A O   1 
HETATM 1468 O O   . HOH C 3 .   ? 10.284  19.658  -2.607  1.00 32.94 ? 276 HOH A O   1 
HETATM 1469 O O   . HOH C 3 .   ? 17.217  3.986   -6.981  1.00 32.92 ? 277 HOH A O   1 
HETATM 1470 O O   . HOH C 3 .   ? 3.254   -10.093 12.412  1.00 38.33 ? 278 HOH A O   1 
HETATM 1471 O O   . HOH C 3 .   ? -14.741 -6.613  -7.661  1.00 33.37 ? 279 HOH A O   1 
HETATM 1472 O O   . HOH C 3 .   ? 15.379  -3.189  -4.642  1.00 34.66 ? 280 HOH A O   1 
HETATM 1473 O O   . HOH C 3 .   ? 10.791  -3.798  -10.304 1.00 38.54 ? 281 HOH A O   1 
HETATM 1474 O O   . HOH C 3 .   ? 11.753  8.183   -10.602 1.00 33.36 ? 282 HOH A O   1 
HETATM 1475 O O   . HOH C 3 .   ? 4.122   6.332   11.468  1.00 27.52 ? 283 HOH A O   1 
HETATM 1476 O O   . HOH C 3 .   ? -1.355  -7.721  16.129  1.00 40.47 ? 284 HOH A O   1 
HETATM 1477 O O   . HOH C 3 .   ? 10.080  0.213   12.061  1.00 37.76 ? 285 HOH A O   1 
HETATM 1478 O O   . HOH C 3 .   ? 9.278   13.318  11.477  1.00 39.17 ? 286 HOH A O   1 
HETATM 1479 O O   . HOH C 3 .   ? 20.906  3.914   -3.963  1.00 35.94 ? 287 HOH A O   1 
HETATM 1480 O O   . HOH C 3 .   ? -1.818  -3.242  -18.340 1.00 36.73 ? 288 HOH A O   1 
HETATM 1481 O O   . HOH C 3 .   ? 2.574   -14.843 -8.883  1.00 38.40 ? 289 HOH A O   1 
HETATM 1482 O O   . HOH C 3 .   ? 2.545   -5.274  -14.791 1.00 34.99 ? 290 HOH A O   1 
HETATM 1483 O O   . HOH C 3 .   ? -7.299  7.210   -8.174  1.00 38.33 ? 291 HOH A O   1 
HETATM 1484 O O   . HOH C 3 .   ? -2.121  -13.921 13.902  1.00 34.18 ? 292 HOH A O   1 
HETATM 1485 O O   . HOH C 3 .   ? 9.715   2.707   11.629  1.00 47.79 ? 293 HOH A O   1 
HETATM 1486 O O   . HOH C 3 .   ? 21.072  2.017   -0.268  1.00 41.86 ? 294 HOH A O   1 
HETATM 1487 O O   . HOH C 3 .   ? -6.931  1.011   -17.613 1.00 36.85 ? 295 HOH A O   1 
HETATM 1488 O O   . HOH C 3 .   ? 0.842   16.968  6.403   1.00 34.26 ? 296 HOH A O   1 
HETATM 1489 O O   . HOH C 3 .   ? -11.014 -4.898  18.535  1.00 32.05 ? 297 HOH A O   1 
HETATM 1490 O O   . HOH C 3 .   ? 12.648  -0.663  13.087  1.00 39.41 ? 298 HOH A O   1 
HETATM 1491 O O   . HOH C 3 .   ? -5.700  8.836   -5.671  1.00 31.72 ? 299 HOH A O   1 
HETATM 1492 O O   . HOH C 3 .   ? 8.722   -1.503  14.312  1.00 42.73 ? 300 HOH A O   1 
HETATM 1493 O O   . HOH C 3 .   ? 11.041  -6.096  -14.186 1.00 39.62 ? 301 HOH A O   1 
HETATM 1494 O O   . HOH C 3 .   ? -16.573 -12.421 4.052   1.00 46.59 ? 302 HOH A O   1 
HETATM 1495 O O   . HOH C 3 .   ? 6.129   16.258  11.160  1.00 43.11 ? 303 HOH A O   1 
HETATM 1496 O O   . HOH C 3 .   ? -4.386  6.126   -20.405 1.00 40.36 ? 304 HOH A O   1 
HETATM 1497 O O   . HOH C 3 .   ? 1.118   -18.139 6.901   1.00 35.40 ? 305 HOH A O   1 
HETATM 1498 O O   . HOH C 3 .   ? 4.637   -5.219  -18.629 1.00 47.44 ? 306 HOH A O   1 
HETATM 1499 O O   . HOH C 3 .   ? -10.905 3.894   9.178   1.00 35.08 ? 307 HOH A O   1 
HETATM 1500 O O   . HOH C 3 .   ? 0.662   -15.417 7.832   1.00 40.59 ? 308 HOH A O   1 
HETATM 1501 O O   . HOH C 3 .   ? 12.947  13.499  8.436   1.00 34.34 ? 309 HOH A O   1 
HETATM 1502 O O   . HOH C 3 .   ? 3.047   9.972   11.413  1.00 32.56 ? 310 HOH A O   1 
HETATM 1503 O O   . HOH C 3 .   ? 10.072  -14.634 9.489   1.00 34.11 ? 311 HOH A O   1 
HETATM 1504 O O   . HOH C 3 .   ? -8.332  7.971   -4.968  1.00 35.16 ? 312 HOH A O   1 
HETATM 1505 O O   . HOH C 3 .   ? 1.959   11.924  5.858   1.00 45.04 ? 313 HOH A O   1 
HETATM 1506 O O   . HOH C 3 .   ? 10.747  -5.064  -17.359 1.00 35.55 ? 314 HOH A O   1 
HETATM 1507 O O   . HOH C 3 .   ? 17.423  -6.452  3.089   1.00 34.34 ? 315 HOH A O   1 
HETATM 1508 O O   . HOH C 3 .   ? 2.582   2.392   13.707  1.00 38.21 ? 316 HOH A O   1 
HETATM 1509 O O   . HOH C 3 .   ? -2.264  11.703  -14.090 1.00 37.33 ? 317 HOH A O   1 
HETATM 1510 O O   . HOH C 3 .   ? 11.585  -13.354 11.428  1.00 37.01 ? 318 HOH A O   1 
HETATM 1511 O O   . HOH C 3 .   ? 2.196   6.257   -19.666 1.00 35.90 ? 319 HOH A O   1 
HETATM 1512 O O   . HOH C 3 .   ? 0.033   4.949   -20.371 1.00 37.83 ? 320 HOH A O   1 
HETATM 1513 O O   . HOH C 3 .   ? 16.167  9.212   -9.619  1.00 38.97 ? 321 HOH A O   1 
HETATM 1514 O O   . HOH C 3 .   ? 12.530  11.125  -5.403  1.00 33.76 ? 322 HOH A O   1 
HETATM 1515 O O   . HOH C 3 .   ? 4.707   -4.856  -15.837 1.00 38.46 ? 323 HOH A O   1 
HETATM 1516 O O   . HOH C 3 .   ? -0.449  11.877  -16.891 1.00 34.36 ? 324 HOH A O   1 
HETATM 1517 O O   . HOH C 3 .   ? 14.957  -6.799  2.480   1.00 37.18 ? 325 HOH A O   1 
HETATM 1518 O O   . HOH C 3 .   ? -3.228  12.268  -17.843 1.00 36.36 ? 326 HOH A O   1 
HETATM 1519 O O   . HOH C 3 .   ? -3.287  10.978  -19.820 1.00 41.02 ? 327 HOH A O   1 
HETATM 1520 O O   . HOH C 3 .   ? 11.600  0.073   -9.100  1.00 26.26 ? 328 HOH A O   1 
HETATM 1521 O O   . HOH C 3 .   ? 6.439   -12.094 -9.685  1.00 43.08 ? 329 HOH A O   1 
# 
